data_5WCH
#
_entry.id   5WCH
#
_cell.length_a   79.372
_cell.length_b   79.048
_cell.length_c   131.933
_cell.angle_alpha   90.000
_cell.angle_beta   103.760
_cell.angle_gamma   90.000
#
_symmetry.space_group_name_H-M   'P 1 21 1'
#
loop_
_entity.id
_entity.type
_entity.pdbx_description
1 polymer 'Probable ubiquitin carboxyl-terminal hydrolase FAF-X'
2 non-polymer 'ZINC ION'
3 non-polymer 'UNKNOWN ATOM OR ION'
4 water water
#
_entity_poly.entity_id   1
_entity_poly.type   'polypeptide(L)'
_entity_poly.pdbx_seq_one_letter_code
;GRPPKGFVGLKNAGATCYMNSVIQQLYMIPSIRNGILAIEGTGSDVDDDMSGDEKQDNESNVDPRDDVFGYPQQFEDKPA
LSKTEDRAAYNIGVLRHLQVIFGHLAASRLQYYVPRGFWKQFRLWGEPVNLREQHDALEFFNSLVDSLDEALKALGHPAM
LSKVLGGSFADQKICQGCPHRYECEESFTTLNVDIRNHQNLLDSLEQYVKGDLLEGANAYHCEKCNKKVDTVKRLLIKKL
PPVLAIQLKRFDYDWERECAIKFNDYFEFPRELDMEPYTVAGVAKLEGDNVNPESQLIQQSEQSESETAGSTKYRLVGVL
VHSGQASGGHYYSYIIQRNGGDGERNRWYKFDDGDVTECKMDDDEEMKNQCFGGEYMGEVFDHMMKRMSYRRQKRWWNAY
ILFYERMDTIDQDDELIRYIS
;
_entity_poly.pdbx_strand_id   A,B,C,D
#
loop_
_chem_comp.id
_chem_comp.type
_chem_comp.name
_chem_comp.formula
UNX non-polymer 'UNKNOWN ATOM OR ION' ?
ZN non-polymer 'ZINC ION' 'Zn 2'
#
# COMPACT_ATOMS: atom_id res chain seq x y z
N GLY A 6 -12.73 33.57 13.43
CA GLY A 6 -13.72 32.46 13.34
C GLY A 6 -13.13 31.04 13.39
N PHE A 7 -12.06 30.86 14.17
CA PHE A 7 -11.57 29.52 14.51
C PHE A 7 -12.39 29.00 15.67
N VAL A 8 -12.88 27.77 15.54
CA VAL A 8 -13.70 27.11 16.55
C VAL A 8 -12.78 26.39 17.56
N GLY A 9 -13.07 26.54 18.84
CA GLY A 9 -12.35 25.83 19.89
C GLY A 9 -12.95 24.49 20.20
N LEU A 10 -12.41 23.82 21.23
CA LEU A 10 -12.90 22.52 21.71
C LEU A 10 -13.08 22.54 23.22
N LYS A 11 -14.23 22.07 23.68
CA LYS A 11 -14.56 22.08 25.10
C LYS A 11 -13.64 21.12 25.83
N ASN A 12 -13.20 21.51 27.02
CA ASN A 12 -12.45 20.66 27.94
C ASN A 12 -13.46 19.98 28.88
N ALA A 13 -13.44 18.65 28.93
CA ALA A 13 -14.30 17.91 29.85
C ALA A 13 -13.82 17.99 31.31
N GLY A 14 -12.54 18.25 31.54
CA GLY A 14 -11.97 18.27 32.87
C GLY A 14 -10.46 18.25 32.81
N ALA A 15 -9.92 17.22 32.16
CA ALA A 15 -8.50 17.13 31.89
C ALA A 15 -8.23 16.62 30.45
N THR A 16 -9.00 17.13 29.48
CA THR A 16 -8.95 16.64 28.09
C THR A 16 -8.19 17.54 27.12
N CYS A 17 -7.48 18.53 27.66
CA CYS A 17 -6.64 19.43 26.85
C CYS A 17 -5.58 18.68 26.04
N TYR A 18 -5.14 17.54 26.56
CA TYR A 18 -4.30 16.61 25.78
C TYR A 18 -4.94 16.08 24.49
N MET A 19 -6.27 16.04 24.41
CA MET A 19 -6.95 15.66 23.18
C MET A 19 -7.10 16.86 22.27
N ASN A 20 -7.49 17.99 22.86
CA ASN A 20 -7.82 19.19 22.09
C ASN A 20 -6.61 19.72 21.36
N SER A 21 -5.50 19.84 22.10
CA SER A 21 -4.25 20.35 21.55
C SER A 21 -3.78 19.53 20.37
N VAL A 22 -3.92 18.21 20.46
CA VAL A 22 -3.49 17.30 19.39
C VAL A 22 -4.42 17.36 18.19
N ILE A 23 -5.71 17.17 18.46
CA ILE A 23 -6.75 17.23 17.43
C ILE A 23 -6.66 18.50 16.59
N GLN A 24 -6.47 19.62 17.26
CA GLN A 24 -6.37 20.93 16.61
C GLN A 24 -5.18 21.05 15.68
N GLN A 25 -4.10 20.40 16.07
CA GLN A 25 -2.89 20.40 15.29
C GLN A 25 -3.06 19.55 14.02
N LEU A 26 -3.81 18.46 14.14
CA LEU A 26 -4.12 17.61 12.98
C LEU A 26 -5.08 18.34 12.03
N TYR A 27 -6.11 18.98 12.60
CA TYR A 27 -7.09 19.73 11.85
C TYR A 27 -6.44 20.81 10.98
N MET A 28 -5.40 21.42 11.52
CA MET A 28 -4.69 22.47 10.84
C MET A 28 -3.59 22.02 9.87
N ILE A 29 -3.36 20.71 9.72
CA ILE A 29 -2.56 20.20 8.60
C ILE A 29 -3.54 19.97 7.47
N PRO A 30 -3.48 20.79 6.40
CA PRO A 30 -4.54 20.71 5.37
C PRO A 30 -4.76 19.33 4.75
N SER A 31 -3.68 18.66 4.35
CA SER A 31 -3.74 17.32 3.73
C SER A 31 -4.48 16.31 4.58
N ILE A 32 -4.23 16.36 5.89
CA ILE A 32 -4.95 15.52 6.84
C ILE A 32 -6.43 15.93 6.95
N ARG A 33 -6.69 17.23 7.11
CA ARG A 33 -8.06 17.73 7.20
C ARG A 33 -8.86 17.28 5.99
N ASN A 34 -8.38 17.63 4.80
CA ASN A 34 -9.09 17.34 3.55
C ASN A 34 -9.12 15.86 3.25
N GLY A 35 -8.05 15.15 3.58
CA GLY A 35 -7.99 13.69 3.50
C GLY A 35 -9.07 13.05 4.33
N ILE A 36 -9.09 13.37 5.63
CA ILE A 36 -10.04 12.77 6.59
C ILE A 36 -11.49 13.08 6.22
N LEU A 37 -11.74 14.33 5.85
CA LEU A 37 -13.09 14.74 5.45
C LEU A 37 -13.55 14.14 4.13
N ALA A 38 -12.60 13.72 3.28
CA ALA A 38 -12.94 13.09 1.99
C ALA A 38 -13.32 11.61 2.07
N ILE A 39 -13.22 10.97 3.23
CA ILE A 39 -13.43 9.50 3.33
C ILE A 39 -14.91 9.19 3.50
N GLU A 40 -15.51 8.61 2.46
CA GLU A 40 -16.89 8.17 2.52
C GLU A 40 -16.97 6.76 3.08
N GLY A 41 -18.20 6.32 3.34
CA GLY A 41 -18.45 4.98 3.85
C GLY A 41 -18.14 4.75 5.32
N THR A 42 -17.96 5.84 6.09
CA THR A 42 -17.57 5.75 7.51
C THR A 42 -18.76 5.68 8.47
N GLY A 43 -19.89 6.29 8.09
CA GLY A 43 -21.07 6.47 8.96
C GLY A 43 -21.59 5.20 9.63
N LYS A 83 -11.44 -9.38 20.74
CA LYS A 83 -12.13 -9.60 19.48
C LYS A 83 -11.49 -8.83 18.32
N THR A 84 -11.64 -9.37 17.12
CA THR A 84 -11.13 -8.76 15.87
C THR A 84 -12.20 -7.91 15.18
N GLU A 85 -13.43 -8.45 15.12
CA GLU A 85 -14.59 -7.75 14.53
C GLU A 85 -14.93 -6.43 15.25
N ASP A 86 -14.86 -6.44 16.58
CA ASP A 86 -15.08 -5.25 17.41
C ASP A 86 -14.14 -4.09 17.07
N ARG A 87 -12.86 -4.41 16.89
CA ARG A 87 -11.81 -3.39 16.71
C ARG A 87 -11.91 -2.61 15.40
N ALA A 88 -12.32 -3.27 14.31
CA ALA A 88 -12.50 -2.58 13.03
C ALA A 88 -13.63 -1.53 13.09
N ALA A 89 -14.73 -1.89 13.75
CA ALA A 89 -15.81 -0.94 13.97
C ALA A 89 -15.35 0.14 14.95
N TYR A 90 -14.67 -0.25 16.02
CA TYR A 90 -14.11 0.75 16.96
C TYR A 90 -13.24 1.78 16.23
N ASN A 91 -12.24 1.31 15.51
CA ASN A 91 -11.34 2.19 14.78
C ASN A 91 -12.08 3.12 13.78
N ILE A 92 -13.02 2.56 13.00
CA ILE A 92 -13.88 3.37 12.09
C ILE A 92 -14.76 4.35 12.87
N GLY A 93 -15.22 3.96 14.06
CA GLY A 93 -15.87 4.88 14.98
C GLY A 93 -14.98 6.08 15.29
N VAL A 94 -13.72 5.81 15.60
CA VAL A 94 -12.76 6.88 15.89
C VAL A 94 -12.66 7.82 14.70
N LEU A 95 -12.42 7.23 13.52
CA LEU A 95 -12.38 7.99 12.25
C LEU A 95 -13.66 8.79 12.02
N ARG A 96 -14.81 8.13 12.19
CA ARG A 96 -16.11 8.78 12.05
C ARG A 96 -16.22 10.02 12.96
N HIS A 97 -15.98 9.85 14.25
CA HIS A 97 -16.11 10.99 15.18
C HIS A 97 -15.11 12.11 14.93
N LEU A 98 -13.92 11.77 14.47
CA LEU A 98 -12.95 12.79 14.08
C LEU A 98 -13.47 13.62 12.90
N GLN A 99 -13.98 12.93 11.87
CA GLN A 99 -14.67 13.57 10.75
C GLN A 99 -15.73 14.55 11.24
N VAL A 100 -16.55 14.12 12.19
CA VAL A 100 -17.58 14.98 12.74
C VAL A 100 -16.93 16.25 13.32
N ILE A 101 -15.97 16.06 14.21
CA ILE A 101 -15.26 17.16 14.85
C ILE A 101 -14.70 18.12 13.82
N PHE A 102 -13.89 17.56 12.92
CA PHE A 102 -13.31 18.31 11.80
C PHE A 102 -14.39 19.12 11.05
N GLY A 103 -15.53 18.47 10.78
CA GLY A 103 -16.71 19.14 10.20
C GLY A 103 -17.13 20.40 10.94
N HIS A 104 -17.26 20.30 12.25
CA HIS A 104 -17.68 21.44 13.06
C HIS A 104 -16.60 22.50 13.21
N LEU A 105 -15.33 22.08 13.26
CA LEU A 105 -14.24 23.04 13.26
C LEU A 105 -14.21 23.87 11.97
N ALA A 106 -14.45 23.21 10.84
CA ALA A 106 -14.45 23.85 9.52
C ALA A 106 -15.65 24.77 9.27
N ALA A 107 -16.78 24.47 9.92
CA ALA A 107 -18.07 25.05 9.56
C ALA A 107 -18.71 25.94 10.64
N SER A 108 -18.77 25.46 11.88
CA SER A 108 -19.57 26.09 12.95
C SER A 108 -19.37 27.60 13.11
N ARG A 109 -20.47 28.28 13.43
CA ARG A 109 -20.46 29.68 13.82
C ARG A 109 -20.10 29.84 15.31
N LEU A 110 -20.19 28.75 16.09
CA LEU A 110 -19.93 28.81 17.53
C LEU A 110 -18.47 29.07 17.89
N GLN A 111 -18.26 29.56 19.11
CA GLN A 111 -16.93 29.84 19.65
C GLN A 111 -16.17 28.53 19.92
N TYR A 112 -16.91 27.46 20.26
CA TYR A 112 -16.34 26.12 20.41
C TYR A 112 -17.34 24.97 20.16
N TYR A 113 -16.81 23.78 19.89
CA TYR A 113 -17.58 22.55 19.75
C TYR A 113 -17.34 21.66 20.98
N VAL A 114 -18.34 20.84 21.32
CA VAL A 114 -18.27 19.87 22.42
C VAL A 114 -18.33 18.45 21.79
N PRO A 115 -17.19 17.75 21.72
CA PRO A 115 -17.12 16.45 21.04
C PRO A 115 -17.47 15.25 21.91
N ARG A 116 -18.73 15.20 22.33
CA ARG A 116 -19.25 14.15 23.24
C ARG A 116 -19.13 12.76 22.64
N GLY A 117 -19.47 12.64 21.36
CA GLY A 117 -19.39 11.36 20.67
C GLY A 117 -18.00 10.78 20.73
N PHE A 118 -17.00 11.63 20.50
CA PHE A 118 -15.61 11.23 20.57
C PHE A 118 -15.20 10.78 21.97
N TRP A 119 -15.58 11.58 22.95
CA TRP A 119 -15.32 11.26 24.36
C TRP A 119 -15.91 9.90 24.73
N LYS A 120 -17.11 9.62 24.26
CA LYS A 120 -17.78 8.33 24.51
C LYS A 120 -17.10 7.21 23.71
N GLN A 121 -16.73 7.53 22.48
CA GLN A 121 -16.12 6.55 21.57
C GLN A 121 -14.69 6.18 21.91
N PHE A 122 -13.87 7.16 22.32
CA PHE A 122 -12.44 6.93 22.41
C PHE A 122 -12.02 6.09 23.63
N ARG A 123 -11.12 5.15 23.37
CA ARG A 123 -10.56 4.28 24.38
C ARG A 123 -9.04 4.26 24.15
N LEU A 124 -8.28 4.57 25.20
CA LEU A 124 -6.82 4.60 25.15
C LEU A 124 -6.28 3.23 25.54
N TRP A 125 -5.52 2.61 24.65
CA TRP A 125 -5.01 1.23 24.82
C TRP A 125 -6.04 0.33 25.53
N GLY A 126 -7.19 0.14 24.89
CA GLY A 126 -8.25 -0.74 25.42
C GLY A 126 -9.18 -0.09 26.43
N GLU A 127 -8.62 0.36 27.56
CA GLU A 127 -9.40 0.92 28.68
C GLU A 127 -10.28 2.12 28.28
N PRO A 128 -11.48 2.25 28.88
CA PRO A 128 -12.36 3.38 28.60
C PRO A 128 -11.91 4.63 29.35
N VAL A 129 -12.04 5.78 28.70
CA VAL A 129 -11.39 6.99 29.18
C VAL A 129 -12.17 7.70 30.32
N ASN A 130 -11.50 7.85 31.45
CA ASN A 130 -11.89 8.78 32.48
C ASN A 130 -11.55 10.19 32.00
N LEU A 131 -12.58 10.98 31.71
CA LEU A 131 -12.42 12.34 31.18
C LEU A 131 -11.85 13.38 32.15
N ARG A 132 -11.78 13.04 33.43
CA ARG A 132 -11.21 13.93 34.44
C ARG A 132 -9.71 13.75 34.63
N GLU A 133 -9.13 12.71 34.02
CA GLU A 133 -7.72 12.36 34.22
C GLU A 133 -6.79 12.84 33.10
N GLN A 134 -5.73 13.57 33.45
CA GLN A 134 -4.71 13.98 32.50
C GLN A 134 -3.93 12.76 31.99
N HIS A 135 -3.44 12.86 30.76
CA HIS A 135 -2.67 11.81 30.09
C HIS A 135 -1.59 12.49 29.24
N ASP A 136 -0.57 11.74 28.87
CA ASP A 136 0.47 12.23 27.99
C ASP A 136 -0.18 12.51 26.61
N ALA A 137 -0.03 13.73 26.13
CA ALA A 137 -0.60 14.14 24.84
C ALA A 137 -0.01 13.35 23.68
N LEU A 138 1.23 12.89 23.84
CA LEU A 138 1.85 12.03 22.84
C LEU A 138 1.27 10.61 22.80
N GLU A 139 0.96 10.03 23.97
CA GLU A 139 0.21 8.75 24.01
C GLU A 139 -1.08 8.87 23.24
N PHE A 140 -1.83 9.93 23.54
CA PHE A 140 -3.10 10.16 22.88
C PHE A 140 -2.88 10.24 21.38
N PHE A 141 -1.99 11.12 20.94
CA PHE A 141 -1.59 11.26 19.52
C PHE A 141 -1.26 9.92 18.87
N ASN A 142 -0.53 9.05 19.58
CA ASN A 142 -0.13 7.73 19.05
C ASN A 142 -1.30 6.78 18.86
N SER A 143 -2.13 6.69 19.90
CA SER A 143 -3.34 5.91 19.88
C SER A 143 -4.26 6.36 18.74
N LEU A 144 -4.39 7.68 18.59
CA LEU A 144 -5.23 8.26 17.55
C LEU A 144 -4.77 8.00 16.11
N VAL A 145 -3.49 8.22 15.80
CA VAL A 145 -3.02 7.96 14.43
C VAL A 145 -3.05 6.47 14.09
N ASP A 146 -2.77 5.62 15.07
CA ASP A 146 -2.87 4.15 14.89
C ASP A 146 -4.28 3.73 14.52
N SER A 147 -5.27 4.17 15.29
CA SER A 147 -6.67 3.89 15.00
C SER A 147 -7.12 4.42 13.64
N LEU A 148 -6.76 5.67 13.32
CA LEU A 148 -7.14 6.26 12.03
C LEU A 148 -6.58 5.42 10.89
N ASP A 149 -5.29 5.15 10.91
CA ASP A 149 -4.65 4.32 9.89
C ASP A 149 -5.27 2.93 9.75
N GLU A 150 -5.60 2.29 10.88
CA GLU A 150 -6.26 0.99 10.85
C GLU A 150 -7.69 1.06 10.29
N ALA A 151 -8.40 2.16 10.54
CA ALA A 151 -9.71 2.40 9.92
C ALA A 151 -9.63 2.56 8.39
N LEU A 152 -8.70 3.41 7.95
CA LEU A 152 -8.49 3.66 6.54
C LEU A 152 -8.06 2.38 5.77
N LYS A 153 -7.20 1.57 6.39
CA LYS A 153 -6.79 0.30 5.78
C LYS A 153 -7.95 -0.68 5.70
N ALA A 154 -8.72 -0.82 6.76
CA ALA A 154 -9.90 -1.67 6.71
C ALA A 154 -10.88 -1.23 5.60
N LEU A 155 -10.92 0.07 5.30
CA LEU A 155 -11.75 0.65 4.23
C LEU A 155 -11.11 0.66 2.82
N GLY A 156 -9.97 -0.02 2.64
CA GLY A 156 -9.28 -0.09 1.35
C GLY A 156 -8.42 1.11 0.95
N HIS A 157 -8.27 2.09 1.85
CA HIS A 157 -7.45 3.27 1.56
C HIS A 157 -6.05 3.08 2.15
N PRO A 158 -5.08 3.94 1.77
CA PRO A 158 -3.76 3.87 2.42
C PRO A 158 -3.72 4.43 3.86
N ALA A 159 -2.61 4.17 4.53
CA ALA A 159 -2.43 4.61 5.93
C ALA A 159 -1.98 6.07 5.88
N MET A 160 -2.99 6.93 5.80
CA MET A 160 -2.81 8.36 5.54
C MET A 160 -1.86 9.02 6.52
N LEU A 161 -2.12 8.83 7.81
CA LEU A 161 -1.32 9.51 8.82
C LEU A 161 0.12 8.99 8.84
N SER A 162 0.29 7.70 8.57
CA SER A 162 1.61 7.14 8.37
C SER A 162 2.28 7.70 7.13
N LYS A 163 1.51 8.05 6.10
CA LYS A 163 2.05 8.69 4.90
C LYS A 163 2.43 10.15 5.14
N VAL A 164 1.57 10.88 5.83
CA VAL A 164 1.82 12.31 6.10
C VAL A 164 2.87 12.49 7.21
N LEU A 165 2.75 11.74 8.30
CA LEU A 165 3.61 11.92 9.50
C LEU A 165 4.78 10.95 9.62
N GLY A 166 4.73 9.84 8.88
CA GLY A 166 5.69 8.75 9.05
C GLY A 166 7.02 8.94 8.35
N GLY A 167 8.09 8.71 9.10
CA GLY A 167 9.42 8.59 8.51
C GLY A 167 10.05 7.28 8.92
N SER A 168 11.33 7.14 8.62
CA SER A 168 12.07 5.96 9.02
C SER A 168 13.54 6.28 9.15
N PHE A 169 14.17 5.64 10.14
CA PHE A 169 15.59 5.73 10.36
C PHE A 169 16.29 4.60 9.60
N ALA A 170 17.56 4.83 9.28
CA ALA A 170 18.50 3.76 8.96
C ALA A 170 19.36 3.56 10.21
N ASP A 171 19.13 2.45 10.92
CA ASP A 171 19.90 2.11 12.11
C ASP A 171 21.17 1.40 11.65
N GLN A 172 22.27 2.16 11.63
CA GLN A 172 23.53 1.71 11.07
C GLN A 172 24.48 1.36 12.20
N LYS A 173 25.10 0.18 12.10
CA LYS A 173 26.22 -0.22 12.96
C LYS A 173 27.45 -0.29 12.06
N ILE A 174 28.47 0.52 12.37
CA ILE A 174 29.66 0.62 11.54
C ILE A 174 30.85 0.11 12.32
N CYS A 175 31.28 -1.11 12.01
CA CYS A 175 32.36 -1.73 12.74
C CYS A 175 33.67 -1.06 12.34
N GLN A 176 34.46 -0.68 13.36
CA GLN A 176 35.75 -0.02 13.16
C GLN A 176 36.93 -0.97 13.18
N GLY A 177 36.78 -2.09 13.89
CA GLY A 177 37.81 -3.14 13.93
C GLY A 177 37.59 -4.30 12.97
N CYS A 178 36.70 -4.14 11.98
CA CYS A 178 36.43 -5.15 10.96
C CYS A 178 35.67 -4.49 9.80
N PRO A 179 35.66 -5.12 8.61
CA PRO A 179 35.06 -4.44 7.47
C PRO A 179 33.53 -4.46 7.42
N HIS A 180 32.87 -5.01 8.43
CA HIS A 180 31.42 -5.17 8.35
C HIS A 180 30.63 -3.94 8.76
N ARG A 181 29.43 -3.90 8.21
CA ARG A 181 28.49 -2.82 8.42
C ARG A 181 27.10 -3.46 8.43
N TYR A 182 26.24 -3.03 9.34
CA TYR A 182 24.90 -3.60 9.48
C TYR A 182 23.88 -2.49 9.53
N GLU A 183 22.80 -2.66 8.77
CA GLU A 183 21.79 -1.64 8.64
C GLU A 183 20.42 -2.29 8.75
N CYS A 184 19.49 -1.64 9.44
CA CYS A 184 18.08 -1.99 9.33
C CYS A 184 17.18 -0.77 9.45
N GLU A 185 16.03 -0.84 8.79
CA GLU A 185 15.05 0.24 8.79
C GLU A 185 14.17 0.18 10.04
N GLU A 186 13.96 1.33 10.68
CA GLU A 186 13.05 1.49 11.82
C GLU A 186 12.13 2.70 11.61
N SER A 187 10.82 2.49 11.61
CA SER A 187 9.88 3.57 11.32
C SER A 187 9.71 4.40 12.58
N PHE A 188 9.25 5.64 12.39
CA PHE A 188 8.84 6.52 13.47
C PHE A 188 7.70 7.42 12.99
N THR A 189 6.87 7.84 13.92
CA THR A 189 5.85 8.86 13.68
C THR A 189 6.26 10.20 14.32
N THR A 190 7.00 10.09 15.42
CA THR A 190 7.56 11.23 16.12
C THR A 190 9.10 11.04 16.23
N LEU A 191 9.85 12.12 16.05
CA LEU A 191 11.29 12.12 16.29
C LEU A 191 11.48 12.63 17.72
N ASN A 192 12.19 11.88 18.56
CA ASN A 192 12.33 12.20 19.98
C ASN A 192 13.73 12.70 20.28
N VAL A 193 13.85 13.98 20.65
CA VAL A 193 15.17 14.61 20.86
C VAL A 193 15.44 14.91 22.34
N ASP A 194 16.67 14.71 22.76
CA ASP A 194 17.12 15.00 24.11
C ASP A 194 17.14 16.50 24.34
N ILE A 195 16.60 16.88 25.49
CA ILE A 195 16.48 18.24 25.97
C ILE A 195 17.43 18.59 27.12
N ARG A 196 17.84 17.58 27.89
N ARG A 196 17.82 17.58 27.90
CA ARG A 196 18.64 17.80 29.10
CA ARG A 196 18.62 17.78 29.11
C ARG A 196 20.09 18.13 28.78
C ARG A 196 20.09 18.10 28.80
N ASN A 197 20.70 17.34 27.89
CA ASN A 197 22.11 17.49 27.50
C ASN A 197 22.35 18.27 26.19
N HIS A 198 21.34 18.98 25.70
CA HIS A 198 21.46 19.89 24.56
C HIS A 198 20.61 21.14 24.78
N GLN A 199 20.99 22.19 24.08
CA GLN A 199 20.41 23.51 24.22
C GLN A 199 19.62 23.94 22.97
N ASN A 200 19.73 23.20 21.87
CA ASN A 200 18.96 23.51 20.65
C ASN A 200 18.79 22.34 19.70
N LEU A 201 17.77 22.47 18.87
CA LEU A 201 17.28 21.36 18.07
C LEU A 201 18.37 20.79 17.18
N LEU A 202 19.04 21.67 16.45
CA LEU A 202 20.14 21.30 15.53
C LEU A 202 21.22 20.40 16.16
N ASP A 203 21.70 20.79 17.33
CA ASP A 203 22.72 20.00 18.05
C ASP A 203 22.21 18.64 18.52
N SER A 204 20.94 18.56 18.92
CA SER A 204 20.37 17.29 19.39
C SER A 204 20.01 16.40 18.21
N LEU A 205 19.64 17.00 17.09
CA LEU A 205 19.53 16.28 15.84
C LEU A 205 20.89 15.72 15.41
N GLU A 206 21.96 16.47 15.62
CA GLU A 206 23.32 15.98 15.33
C GLU A 206 23.69 14.72 16.14
N GLN A 207 23.10 14.55 17.31
CA GLN A 207 23.39 13.39 18.15
C GLN A 207 22.99 12.07 17.50
N TYR A 208 21.88 12.05 16.79
CA TYR A 208 21.51 10.89 15.97
C TYR A 208 22.64 10.47 15.02
N VAL A 209 23.26 11.46 14.38
CA VAL A 209 24.33 11.22 13.41
C VAL A 209 25.64 10.86 14.08
N LYS A 210 26.01 11.60 15.13
CA LYS A 210 27.26 11.33 15.85
C LYS A 210 27.27 9.95 16.46
N GLY A 211 26.10 9.50 16.91
CA GLY A 211 25.92 8.13 17.34
C GLY A 211 26.53 7.87 18.70
N ASP A 212 26.67 6.58 19.02
CA ASP A 212 27.32 6.11 20.23
C ASP A 212 28.35 5.06 19.85
N LEU A 213 29.48 5.11 20.53
CA LEU A 213 30.60 4.23 20.25
C LEU A 213 30.52 3.03 21.20
N LEU A 214 30.20 1.86 20.65
CA LEU A 214 30.12 0.63 21.42
C LEU A 214 31.53 0.03 21.49
N GLU A 215 32.15 0.09 22.68
CA GLU A 215 33.60 -0.14 22.84
C GLU A 215 33.92 -0.89 24.11
N GLY A 216 35.17 -1.35 24.19
CA GLY A 216 35.70 -2.07 25.34
C GLY A 216 34.90 -3.32 25.67
N ALA A 217 34.51 -3.43 26.93
CA ALA A 217 33.66 -4.52 27.41
C ALA A 217 32.26 -4.46 26.80
N ASN A 218 31.79 -3.25 26.51
CA ASN A 218 30.46 -3.00 25.95
C ASN A 218 30.47 -3.03 24.39
N ALA A 219 31.43 -3.74 23.80
CA ALA A 219 31.63 -3.73 22.35
C ALA A 219 30.59 -4.58 21.61
N TYR A 220 30.31 -4.21 20.36
CA TYR A 220 29.34 -4.88 19.52
C TYR A 220 29.82 -6.26 19.11
N HIS A 221 28.89 -7.21 19.06
CA HIS A 221 29.21 -8.53 18.56
C HIS A 221 28.93 -8.56 17.06
N CYS A 222 30.01 -8.60 16.27
CA CYS A 222 29.90 -8.86 14.84
C CYS A 222 29.65 -10.34 14.69
N GLU A 223 28.55 -10.71 14.05
CA GLU A 223 28.15 -12.11 14.03
C GLU A 223 28.86 -12.89 12.94
N LYS A 224 29.43 -12.20 11.96
CA LYS A 224 30.15 -12.85 10.87
C LYS A 224 31.56 -13.11 11.30
N CYS A 225 32.23 -12.06 11.78
CA CYS A 225 33.55 -12.20 12.37
C CYS A 225 33.52 -13.06 13.65
N ASN A 226 32.37 -13.15 14.32
CA ASN A 226 32.24 -13.92 15.56
C ASN A 226 33.21 -13.43 16.67
N LYS A 227 33.21 -12.13 16.89
CA LYS A 227 33.98 -11.52 17.94
C LYS A 227 33.38 -10.18 18.31
N LYS A 228 33.82 -9.65 19.45
CA LYS A 228 33.51 -8.28 19.89
C LYS A 228 34.39 -7.31 19.11
N VAL A 229 33.78 -6.27 18.54
CA VAL A 229 34.48 -5.32 17.71
C VAL A 229 33.97 -3.88 18.01
N ASP A 230 34.88 -2.91 18.08
CA ASP A 230 34.52 -1.51 18.35
C ASP A 230 33.73 -0.96 17.18
N THR A 231 32.62 -0.29 17.49
CA THR A 231 31.58 -0.01 16.52
C THR A 231 30.80 1.28 16.84
N VAL A 232 30.54 2.10 15.81
CA VAL A 232 29.60 3.21 15.91
C VAL A 232 28.15 2.75 15.61
N LYS A 233 27.28 2.90 16.61
CA LYS A 233 25.83 2.78 16.41
C LYS A 233 25.24 4.16 16.24
N ARG A 234 24.48 4.36 15.17
CA ARG A 234 23.86 5.63 14.87
C ARG A 234 22.57 5.45 14.08
N LEU A 235 21.79 6.53 14.04
CA LEU A 235 20.53 6.61 13.32
C LEU A 235 20.57 7.78 12.33
N LEU A 236 20.49 7.49 11.05
CA LEU A 236 20.30 8.53 10.05
C LEU A 236 18.84 8.46 9.62
N ILE A 237 18.34 9.54 9.03
CA ILE A 237 16.96 9.58 8.57
C ILE A 237 16.90 9.09 7.15
N LYS A 238 16.14 8.02 6.95
CA LYS A 238 16.04 7.38 5.65
C LYS A 238 14.89 8.00 4.84
N LYS A 239 13.69 8.03 5.41
CA LYS A 239 12.53 8.68 4.78
C LYS A 239 12.02 9.85 5.62
N LEU A 240 11.99 11.03 5.03
CA LEU A 240 11.47 12.24 5.66
C LEU A 240 9.98 12.38 5.38
N PRO A 241 9.18 12.68 6.40
CA PRO A 241 7.73 12.84 6.19
C PRO A 241 7.35 14.24 5.70
N PRO A 242 6.21 14.35 4.99
CA PRO A 242 5.69 15.69 4.67
C PRO A 242 5.48 16.59 5.90
N VAL A 243 5.01 16.00 7.00
CA VAL A 243 4.93 16.70 8.29
C VAL A 243 5.77 15.97 9.32
N LEU A 244 6.69 16.69 9.95
CA LEU A 244 7.64 16.11 10.87
C LEU A 244 7.27 16.54 12.29
N ALA A 245 6.77 15.59 13.08
CA ALA A 245 6.43 15.82 14.50
C ALA A 245 7.63 15.51 15.38
N ILE A 246 7.99 16.45 16.26
CA ILE A 246 9.20 16.28 17.10
C ILE A 246 8.88 16.37 18.58
N GLN A 247 9.24 15.33 19.34
CA GLN A 247 9.07 15.31 20.81
C GLN A 247 10.31 15.86 21.48
N LEU A 248 10.09 16.82 22.36
CA LEU A 248 11.12 17.24 23.29
C LEU A 248 10.93 16.36 24.52
N LYS A 249 11.92 15.53 24.83
CA LYS A 249 11.82 14.55 25.90
C LYS A 249 11.90 15.21 27.28
N ARG A 250 10.80 15.87 27.66
CA ARG A 250 10.74 16.70 28.87
C ARG A 250 10.23 15.96 30.11
N PHE A 251 9.77 14.72 29.99
CA PHE A 251 9.23 14.00 31.15
C PHE A 251 9.99 12.72 31.47
N ASP A 252 10.10 12.42 32.76
CA ASP A 252 10.73 11.21 33.24
C ASP A 252 10.15 10.87 34.62
N TYR A 253 10.80 9.98 35.36
CA TYR A 253 10.37 9.62 36.69
C TYR A 253 11.47 9.98 37.69
N ASP A 254 11.08 10.28 38.93
CA ASP A 254 12.02 10.36 40.08
C ASP A 254 11.72 9.25 41.07
N TRP A 255 12.70 8.38 41.31
CA TRP A 255 12.54 7.25 42.24
C TRP A 255 12.53 7.74 43.70
N GLU A 256 13.39 8.70 44.03
CA GLU A 256 13.42 9.31 45.37
C GLU A 256 12.04 9.87 45.80
N ARG A 257 11.35 10.53 44.86
CA ARG A 257 10.06 11.18 45.15
C ARG A 257 8.82 10.34 44.77
N GLU A 258 9.01 9.24 44.03
CA GLU A 258 7.91 8.39 43.57
C GLU A 258 6.87 9.13 42.72
N CYS A 259 7.34 10.05 41.89
CA CYS A 259 6.48 10.83 41.01
C CYS A 259 7.14 11.08 39.66
N ALA A 260 6.31 11.34 38.66
CA ALA A 260 6.80 11.78 37.35
C ALA A 260 7.30 13.22 37.51
N ILE A 261 8.28 13.60 36.70
CA ILE A 261 8.79 14.96 36.73
C ILE A 261 8.96 15.52 35.35
N LYS A 262 9.03 16.84 35.32
CA LYS A 262 9.23 17.58 34.11
C LYS A 262 10.60 18.26 34.16
N PHE A 263 11.36 18.10 33.09
CA PHE A 263 12.57 18.89 32.89
C PHE A 263 12.19 20.10 32.06
N ASN A 264 12.37 21.28 32.65
CA ASN A 264 11.98 22.57 32.08
C ASN A 264 13.20 23.31 31.50
N ASP A 265 14.23 22.56 31.13
CA ASP A 265 15.48 23.13 30.64
C ASP A 265 15.24 24.00 29.41
N TYR A 266 16.14 24.96 29.22
CA TYR A 266 16.15 25.80 28.05
C TYR A 266 16.39 24.95 26.83
N PHE A 267 15.62 25.19 25.78
CA PHE A 267 15.79 24.49 24.53
C PHE A 267 15.14 25.25 23.39
N GLU A 268 15.96 25.70 22.44
CA GLU A 268 15.48 26.50 21.32
C GLU A 268 15.39 25.68 20.03
N PHE A 269 14.54 26.16 19.12
CA PHE A 269 14.26 25.47 17.88
C PHE A 269 13.91 26.53 16.86
N PRO A 270 14.35 26.36 15.61
CA PRO A 270 14.20 27.42 14.63
C PRO A 270 12.88 27.35 13.87
N ARG A 271 12.56 28.43 13.16
CA ARG A 271 11.34 28.53 12.35
C ARG A 271 11.52 27.84 10.99
N GLU A 272 12.75 27.78 10.49
CA GLU A 272 13.12 27.00 9.30
C GLU A 272 14.15 25.95 9.70
N LEU A 273 13.99 24.75 9.19
CA LEU A 273 14.86 23.63 9.54
C LEU A 273 15.26 22.85 8.32
N ASP A 274 16.57 22.63 8.15
CA ASP A 274 17.09 21.81 7.05
C ASP A 274 17.47 20.47 7.63
N MET A 275 16.81 19.42 7.15
CA MET A 275 17.02 18.07 7.67
C MET A 275 18.09 17.26 6.94
N GLU A 276 18.67 17.84 5.90
CA GLU A 276 19.65 17.18 5.03
C GLU A 276 20.84 16.62 5.78
N PRO A 277 21.43 17.41 6.71
CA PRO A 277 22.60 16.89 7.42
C PRO A 277 22.36 15.63 8.25
N TYR A 278 21.11 15.29 8.50
CA TYR A 278 20.75 14.14 9.29
C TYR A 278 20.19 12.97 8.45
N THR A 279 20.14 13.13 7.13
CA THR A 279 19.59 12.09 6.25
C THR A 279 20.67 11.13 5.81
N VAL A 280 20.23 10.02 5.22
CA VAL A 280 21.14 9.03 4.64
C VAL A 280 21.93 9.61 3.45
N ALA A 281 21.24 10.35 2.58
CA ALA A 281 21.87 10.98 1.43
C ALA A 281 22.89 11.99 1.94
N GLY A 282 22.43 12.94 2.75
CA GLY A 282 23.29 14.03 3.22
C GLY A 282 24.56 13.56 3.92
N VAL A 283 24.44 12.51 4.71
CA VAL A 283 25.62 11.91 5.38
C VAL A 283 26.47 11.10 4.39
N ALA A 284 25.84 10.49 3.38
CA ALA A 284 26.59 9.84 2.29
C ALA A 284 27.28 10.86 1.38
N LYS A 285 26.64 12.01 1.15
CA LYS A 285 27.26 13.11 0.42
C LYS A 285 28.51 13.60 1.16
N LEU A 286 28.37 13.84 2.47
CA LEU A 286 29.48 14.29 3.31
C LEU A 286 30.60 13.25 3.40
N GLU A 287 30.25 11.96 3.43
CA GLU A 287 31.24 10.89 3.60
C GLU A 287 31.89 10.42 2.28
N GLY A 288 31.12 10.45 1.19
CA GLY A 288 31.57 9.92 -0.11
C GLY A 288 31.06 8.50 -0.28
N ASP A 289 29.73 8.36 -0.25
CA ASP A 289 29.01 7.09 -0.45
C ASP A 289 29.59 5.89 0.33
N GLY A 310 13.67 15.34 -3.98
CA GLY A 310 12.71 15.69 -2.94
C GLY A 310 13.28 16.66 -1.91
N SER A 311 12.46 17.63 -1.50
CA SER A 311 12.91 18.71 -0.59
C SER A 311 13.24 18.16 0.80
N THR A 312 14.24 18.77 1.45
CA THR A 312 14.62 18.45 2.83
C THR A 312 14.43 19.65 3.76
N LYS A 313 13.81 20.73 3.26
CA LYS A 313 13.63 21.95 4.02
C LYS A 313 12.25 21.97 4.68
N TYR A 314 12.18 22.53 5.88
CA TYR A 314 10.96 22.49 6.69
C TYR A 314 10.66 23.83 7.34
N ARG A 315 9.38 24.18 7.35
CA ARG A 315 8.86 25.36 8.01
C ARG A 315 8.11 24.94 9.30
N LEU A 316 8.40 25.61 10.41
CA LEU A 316 7.68 25.39 11.66
C LEU A 316 6.24 25.85 11.51
N VAL A 317 5.30 24.98 11.84
CA VAL A 317 3.88 25.27 11.71
C VAL A 317 3.09 25.17 13.01
N GLY A 318 3.64 24.49 14.02
CA GLY A 318 2.91 24.26 15.26
C GLY A 318 3.82 23.97 16.44
N VAL A 319 3.45 24.49 17.61
CA VAL A 319 4.06 24.09 18.85
C VAL A 319 2.95 23.70 19.84
N LEU A 320 2.94 22.43 20.22
CA LEU A 320 2.11 21.93 21.29
C LEU A 320 2.87 22.13 22.58
N VAL A 321 2.31 22.97 23.44
CA VAL A 321 2.95 23.40 24.68
C VAL A 321 2.34 22.63 25.86
N HIS A 322 3.16 22.29 26.84
CA HIS A 322 2.67 21.85 28.15
C HIS A 322 3.04 22.88 29.20
N SER A 323 2.08 23.20 30.07
CA SER A 323 2.29 24.16 31.16
C SER A 323 1.92 23.55 32.51
N GLY A 324 2.91 23.49 33.41
CA GLY A 324 2.69 23.11 34.82
C GLY A 324 3.42 21.85 35.23
N GLN A 325 2.80 21.07 36.11
CA GLN A 325 3.43 19.89 36.70
C GLN A 325 3.32 18.70 35.75
N ALA A 326 4.20 17.73 35.93
CA ALA A 326 4.24 16.52 35.12
C ALA A 326 3.01 15.63 35.23
N SER A 327 2.36 15.65 36.39
CA SER A 327 1.20 14.81 36.67
C SER A 327 -0.07 15.41 36.07
N GLY A 328 -0.34 16.67 36.40
CA GLY A 328 -1.45 17.43 35.83
C GLY A 328 -0.93 18.38 34.76
N GLY A 329 -1.20 19.66 34.92
CA GLY A 329 -0.77 20.66 33.96
C GLY A 329 -1.74 20.74 32.82
N HIS A 330 -1.37 21.53 31.83
CA HIS A 330 -2.31 21.99 30.83
C HIS A 330 -1.66 22.07 29.47
N TYR A 331 -2.33 21.56 28.46
CA TYR A 331 -1.82 21.57 27.08
C TYR A 331 -2.57 22.58 26.23
N TYR A 332 -1.85 23.24 25.34
CA TYR A 332 -2.46 24.09 24.31
C TYR A 332 -1.48 24.15 23.13
N SER A 333 -1.99 24.59 22.00
CA SER A 333 -1.28 24.59 20.72
C SER A 333 -1.18 26.00 20.12
N TYR A 334 0.03 26.41 19.76
CA TYR A 334 0.27 27.56 18.87
C TYR A 334 0.38 27.02 17.46
N ILE A 335 -0.35 27.59 16.51
CA ILE A 335 -0.38 27.09 15.13
C ILE A 335 -0.44 28.25 14.12
N ILE A 336 0.25 28.10 12.99
CA ILE A 336 0.13 29.04 11.86
C ILE A 336 -1.11 28.77 11.04
N GLN A 337 -1.83 29.81 10.64
CA GLN A 337 -2.83 29.68 9.58
C GLN A 337 -2.08 29.65 8.24
N ARG A 338 -2.24 28.57 7.50
CA ARG A 338 -1.57 28.42 6.20
C ARG A 338 -2.42 29.26 5.22
N ASN A 339 -1.89 30.42 4.81
CA ASN A 339 -2.65 31.40 4.02
C ASN A 339 -1.85 32.07 2.89
N GLY A 340 -2.58 32.57 1.90
CA GLY A 340 -2.04 33.45 0.85
C GLY A 340 -2.36 34.89 1.18
N GLY A 341 -3.63 35.17 1.48
CA GLY A 341 -4.09 36.49 1.92
C GLY A 341 -3.68 36.80 3.33
N ARG A 347 -0.47 33.86 9.87
CA ARG A 347 0.19 34.22 11.12
C ARG A 347 -0.23 33.27 12.26
N TRP A 348 0.26 33.50 13.48
CA TRP A 348 0.07 32.55 14.59
C TRP A 348 -1.13 32.79 15.49
N TYR A 349 -1.82 31.71 15.85
CA TYR A 349 -2.98 31.74 16.75
C TYR A 349 -2.76 30.75 17.89
N LYS A 350 -3.32 31.04 19.07
CA LYS A 350 -3.19 30.18 20.26
C LYS A 350 -4.50 29.47 20.52
N PHE A 351 -4.49 28.14 20.38
CA PHE A 351 -5.67 27.28 20.56
C PHE A 351 -5.65 26.67 21.97
N ASP A 352 -6.52 27.18 22.84
CA ASP A 352 -6.52 26.85 24.28
C ASP A 352 -7.92 26.42 24.70
N ASP A 353 -8.19 25.14 24.46
CA ASP A 353 -9.49 24.52 24.65
C ASP A 353 -10.52 25.32 23.88
N GLY A 354 -11.37 26.07 24.58
CA GLY A 354 -12.53 26.71 23.95
C GLY A 354 -12.23 28.04 23.33
N ASP A 355 -11.10 28.65 23.70
CA ASP A 355 -10.71 29.98 23.20
C ASP A 355 -9.51 29.89 22.28
N VAL A 356 -9.75 30.24 21.01
CA VAL A 356 -8.69 30.42 20.03
C VAL A 356 -8.35 31.92 19.94
N THR A 357 -7.33 32.35 20.67
CA THR A 357 -6.97 33.77 20.77
C THR A 357 -5.79 34.09 19.87
N GLU A 358 -5.63 35.36 19.53
CA GLU A 358 -4.47 35.83 18.77
C GLU A 358 -3.24 35.84 19.66
N CYS A 359 -2.06 35.91 19.05
CA CYS A 359 -0.80 35.81 19.80
C CYS A 359 0.38 36.40 19.02
N LYS A 360 1.50 36.60 19.72
CA LYS A 360 2.69 37.25 19.16
C LYS A 360 3.84 36.27 18.89
N MET A 361 3.51 35.06 18.42
CA MET A 361 4.50 34.04 18.08
C MET A 361 5.33 34.33 16.81
N ASP A 362 4.93 35.31 16.01
CA ASP A 362 5.81 35.86 14.96
C ASP A 362 7.08 36.51 15.54
N ASP A 363 7.00 37.07 16.75
CA ASP A 363 8.13 37.74 17.39
C ASP A 363 9.00 36.71 18.13
N ASP A 364 10.31 36.79 17.94
CA ASP A 364 11.27 35.83 18.51
C ASP A 364 11.38 35.87 20.03
N GLU A 365 11.18 37.05 20.62
CA GLU A 365 11.27 37.18 22.06
C GLU A 365 10.07 36.50 22.75
N GLU A 366 8.90 36.60 22.12
CA GLU A 366 7.70 35.98 22.63
C GLU A 366 7.77 34.45 22.48
N MET A 367 8.18 34.02 21.29
CA MET A 367 8.49 32.61 21.00
C MET A 367 9.38 32.05 22.09
N LYS A 368 10.47 32.73 22.34
CA LYS A 368 11.42 32.35 23.37
C LYS A 368 10.78 32.22 24.78
N ASN A 369 9.97 33.21 25.18
CA ASN A 369 9.36 33.20 26.50
C ASN A 369 8.24 32.19 26.69
N GLN A 370 7.48 31.93 25.63
CA GLN A 370 6.37 31.01 25.72
C GLN A 370 6.78 29.55 25.50
N CYS A 371 7.88 29.28 24.78
CA CYS A 371 8.21 27.92 24.34
C CYS A 371 9.60 27.35 24.67
N PHE A 372 10.61 28.21 24.81
CA PHE A 372 11.98 27.72 24.94
C PHE A 372 12.32 27.21 26.34
N GLY A 373 11.49 27.50 27.33
CA GLY A 373 11.73 27.04 28.68
C GLY A 373 12.86 27.80 29.31
N GLY A 374 13.48 27.21 30.32
CA GLY A 374 14.69 27.74 30.97
C GLY A 374 14.42 28.47 32.28
N GLU A 375 15.50 28.82 32.97
CA GLU A 375 15.42 29.57 34.22
C GLU A 375 15.47 31.06 33.93
N TYR A 376 14.95 31.85 34.87
CA TYR A 376 15.14 33.29 34.84
C TYR A 376 15.06 33.84 36.25
N MET A 377 15.41 35.12 36.39
CA MET A 377 15.30 35.83 37.64
C MET A 377 13.97 36.53 37.66
N GLY A 378 13.11 36.11 38.56
CA GLY A 378 11.82 36.74 38.72
C GLY A 378 11.93 37.98 39.60
N GLU A 379 11.38 39.09 39.13
CA GLU A 379 11.07 40.26 39.97
C GLU A 379 9.72 40.02 40.67
N VAL A 380 9.74 39.56 41.91
CA VAL A 380 8.52 39.26 42.64
C VAL A 380 8.12 40.45 43.51
N PHE A 381 6.87 40.89 43.40
CA PHE A 381 6.34 42.01 44.18
C PHE A 381 5.19 41.57 45.07
N ASP A 382 5.36 41.80 46.37
CA ASP A 382 4.35 41.47 47.39
C ASP A 382 4.43 42.53 48.48
N HIS A 383 3.84 42.27 49.66
CA HIS A 383 3.76 43.26 50.77
C HIS A 383 3.10 44.55 50.25
N MET A 384 1.94 44.40 49.62
CA MET A 384 1.26 45.50 48.91
C MET A 384 2.26 46.38 48.14
N MET A 385 3.09 45.73 47.32
CA MET A 385 4.10 46.38 46.47
C MET A 385 5.31 47.01 47.17
N LYS A 386 5.51 46.75 48.46
CA LYS A 386 6.59 47.40 49.21
C LYS A 386 7.87 46.56 49.25
N ARG A 387 7.76 45.28 48.90
CA ARG A 387 8.92 44.40 48.84
C ARG A 387 9.13 43.89 47.41
N MET A 388 10.36 44.00 46.94
CA MET A 388 10.81 43.49 45.67
C MET A 388 11.80 42.40 46.03
N SER A 389 11.63 41.20 45.49
CA SER A 389 12.59 40.13 45.74
C SER A 389 12.94 39.47 44.42
N TYR A 390 14.22 39.17 44.23
CA TYR A 390 14.68 38.40 43.10
C TYR A 390 14.73 36.94 43.54
N ARG A 391 13.86 36.12 42.97
CA ARG A 391 13.85 34.69 43.19
C ARG A 391 14.11 34.02 41.85
N ARG A 392 14.93 32.97 41.87
CA ARG A 392 15.17 32.16 40.67
C ARG A 392 13.86 31.45 40.34
N GLN A 393 13.46 31.47 39.07
CA GLN A 393 12.19 30.88 38.63
C GLN A 393 12.44 29.95 37.46
N LYS A 394 11.60 28.93 37.31
CA LYS A 394 11.63 28.07 36.13
C LYS A 394 10.43 28.39 35.23
N ARG A 395 10.65 28.50 33.93
CA ARG A 395 9.53 28.54 32.99
C ARG A 395 8.95 27.14 32.88
N TRP A 396 7.86 26.88 33.60
CA TRP A 396 7.22 25.55 33.57
C TRP A 396 6.24 25.33 32.40
N TRP A 397 6.10 26.34 31.55
CA TRP A 397 5.29 26.33 30.34
C TRP A 397 6.32 26.30 29.22
N ASN A 398 6.22 25.34 28.31
CA ASN A 398 7.21 25.21 27.23
C ASN A 398 6.79 24.24 26.13
N ALA A 399 7.52 24.27 25.02
CA ALA A 399 7.25 23.40 23.90
C ALA A 399 7.42 21.96 24.33
N TYR A 400 6.45 21.15 23.97
CA TYR A 400 6.53 19.72 24.12
C TYR A 400 6.67 19.02 22.77
N ILE A 401 5.85 19.40 21.79
CA ILE A 401 5.90 18.81 20.46
C ILE A 401 5.91 19.88 19.38
N LEU A 402 6.91 19.82 18.50
CA LEU A 402 7.03 20.72 17.37
C LEU A 402 6.44 20.04 16.13
N PHE A 403 5.72 20.81 15.33
CA PHE A 403 5.26 20.36 14.03
C PHE A 403 5.97 21.20 12.96
N TYR A 404 6.63 20.50 12.02
CA TYR A 404 7.36 21.10 10.92
C TYR A 404 6.80 20.54 9.61
N GLU A 405 6.56 21.41 8.63
CA GLU A 405 5.91 21.05 7.37
C GLU A 405 6.93 21.25 6.26
N ARG A 406 7.10 20.23 5.42
CA ARG A 406 8.15 20.24 4.39
C ARG A 406 7.76 21.18 3.23
N MET A 407 8.76 21.86 2.66
CA MET A 407 8.52 22.96 1.70
C MET A 407 7.70 22.60 0.45
N ASP A 408 7.80 21.35 0.00
CA ASP A 408 7.07 20.84 -1.19
C ASP A 408 5.71 20.18 -0.86
N THR A 409 5.05 20.65 0.21
CA THR A 409 3.80 20.04 0.68
C THR A 409 2.62 20.89 0.19
N GLN A 412 -4.12 19.23 -0.08
CA GLN A 412 -4.87 18.10 -0.64
C GLN A 412 -4.05 17.29 -1.68
N ASP A 413 -3.61 16.10 -1.27
CA ASP A 413 -2.96 15.13 -2.17
C ASP A 413 -3.95 14.00 -2.49
N ASP A 414 -4.24 13.84 -3.78
CA ASP A 414 -5.20 12.82 -4.23
C ASP A 414 -4.80 11.38 -3.87
N GLU A 415 -3.50 11.07 -3.86
CA GLU A 415 -3.00 9.72 -3.62
C GLU A 415 -3.14 9.17 -2.18
N LEU A 416 -3.55 10.01 -1.23
CA LEU A 416 -3.89 9.58 0.15
C LEU A 416 -5.31 8.98 0.27
N ILE A 417 -6.17 9.29 -0.70
CA ILE A 417 -7.57 8.87 -0.73
C ILE A 417 -7.79 7.65 -1.64
N ARG A 418 -6.92 7.44 -2.63
CA ARG A 418 -7.09 6.36 -3.62
C ARG A 418 -7.23 4.98 -2.98
N TYR A 419 -8.02 4.11 -3.58
CA TYR A 419 -8.10 2.73 -3.11
C TYR A 419 -6.80 1.98 -3.39
N ILE A 420 -6.35 1.20 -2.41
CA ILE A 420 -5.19 0.30 -2.58
C ILE A 420 -5.58 -1.16 -2.38
N SER A 421 -6.64 -1.43 -1.60
CA SER A 421 -7.20 -2.78 -1.49
C SER A 421 -8.71 -2.74 -1.21
N GLY B 6 38.24 -46.26 3.70
CA GLY B 6 36.99 -45.56 4.12
C GLY B 6 36.80 -44.20 3.47
N PHE B 7 37.37 -43.17 4.10
CA PHE B 7 37.19 -41.78 3.68
C PHE B 7 38.51 -41.12 3.27
N VAL B 8 38.40 -40.03 2.51
CA VAL B 8 39.53 -39.24 2.05
C VAL B 8 39.73 -38.01 2.96
N GLY B 9 40.99 -37.77 3.34
CA GLY B 9 41.34 -36.65 4.23
C GLY B 9 41.61 -35.37 3.48
N LEU B 10 42.09 -34.36 4.21
CA LEU B 10 42.51 -33.07 3.65
C LEU B 10 43.83 -32.64 4.27
N LYS B 11 44.83 -32.35 3.43
CA LYS B 11 46.14 -31.92 3.92
C LYS B 11 46.05 -30.53 4.57
N ASN B 12 46.80 -30.33 5.66
CA ASN B 12 46.95 -29.05 6.33
C ASN B 12 48.16 -28.29 5.78
N ALA B 13 47.92 -27.09 5.25
CA ALA B 13 48.99 -26.23 4.71
C ALA B 13 49.98 -25.74 5.77
N GLY B 14 49.53 -25.62 7.01
CA GLY B 14 50.36 -25.06 8.08
C GLY B 14 49.50 -24.92 9.32
N ALA B 15 48.47 -24.08 9.20
CA ALA B 15 47.44 -23.95 10.23
C ALA B 15 46.04 -23.78 9.57
N THR B 16 45.68 -24.73 8.70
CA THR B 16 44.41 -24.71 7.99
C THR B 16 43.46 -25.85 8.41
N CYS B 17 43.67 -26.42 9.60
CA CYS B 17 42.72 -27.38 10.16
C CYS B 17 41.32 -26.76 10.32
N TYR B 18 41.26 -25.46 10.62
CA TYR B 18 40.00 -24.72 10.67
C TYR B 18 39.23 -24.75 9.33
N MET B 19 39.95 -24.82 8.22
CA MET B 19 39.32 -24.99 6.91
C MET B 19 38.82 -26.40 6.80
N ASN B 20 39.70 -27.35 7.12
CA ASN B 20 39.43 -28.76 6.91
C ASN B 20 38.26 -29.22 7.73
N SER B 21 38.28 -28.93 9.03
CA SER B 21 37.23 -29.35 9.95
C SER B 21 35.82 -28.94 9.51
N VAL B 22 35.72 -27.75 8.91
CA VAL B 22 34.45 -27.21 8.45
C VAL B 22 34.00 -27.83 7.11
N ILE B 23 34.90 -27.84 6.14
CA ILE B 23 34.63 -28.39 4.81
C ILE B 23 34.14 -29.85 4.91
N GLN B 24 34.82 -30.61 5.74
CA GLN B 24 34.56 -32.02 5.91
C GLN B 24 33.18 -32.26 6.49
N GLN B 25 32.75 -31.33 7.31
CA GLN B 25 31.43 -31.35 7.93
C GLN B 25 30.34 -31.01 6.92
N LEU B 26 30.63 -30.03 6.06
CA LEU B 26 29.74 -29.67 4.94
C LEU B 26 29.65 -30.81 3.91
N TYR B 27 30.81 -31.42 3.62
CA TYR B 27 30.89 -32.58 2.73
C TYR B 27 29.97 -33.71 3.19
N MET B 28 29.95 -33.96 4.50
CA MET B 28 29.13 -35.03 5.06
C MET B 28 27.64 -34.71 5.30
N ILE B 29 27.15 -33.57 4.81
CA ILE B 29 25.70 -33.32 4.74
C ILE B 29 25.32 -33.70 3.33
N PRO B 30 24.55 -34.80 3.15
CA PRO B 30 24.16 -35.23 1.78
C PRO B 30 23.56 -34.10 0.93
N SER B 31 22.68 -33.33 1.56
CA SER B 31 22.00 -32.23 0.89
C SER B 31 22.94 -31.16 0.32
N ILE B 32 24.03 -30.88 1.02
CA ILE B 32 25.01 -29.89 0.56
C ILE B 32 26.04 -30.52 -0.38
N ARG B 33 26.46 -31.74 -0.08
CA ARG B 33 27.33 -32.50 -0.98
C ARG B 33 26.70 -32.61 -2.37
N ASN B 34 25.49 -33.16 -2.43
CA ASN B 34 24.83 -33.41 -3.71
C ASN B 34 24.39 -32.11 -4.36
N GLY B 35 23.93 -31.16 -3.55
CA GLY B 35 23.62 -29.82 -4.02
C GLY B 35 24.79 -29.16 -4.74
N ILE B 36 25.95 -29.13 -4.08
CA ILE B 36 27.15 -28.46 -4.63
C ILE B 36 27.71 -29.16 -5.88
N LEU B 37 27.77 -30.49 -5.84
CA LEU B 37 28.28 -31.27 -6.98
C LEU B 37 27.37 -31.23 -8.22
N ALA B 38 26.10 -30.85 -8.06
CA ALA B 38 25.12 -30.81 -9.15
C ALA B 38 25.05 -29.48 -9.93
N ILE B 39 26.02 -28.57 -9.76
CA ILE B 39 25.91 -27.20 -10.30
C ILE B 39 26.68 -27.02 -11.61
N GLU B 40 25.93 -26.83 -12.70
CA GLU B 40 26.51 -26.60 -14.04
C GLU B 40 26.85 -25.13 -14.23
N THR B 84 32.98 -4.69 -7.11
CA THR B 84 31.78 -5.53 -7.18
C THR B 84 31.83 -6.50 -8.36
N GLU B 85 32.50 -6.09 -9.45
CA GLU B 85 32.73 -6.97 -10.61
C GLU B 85 33.67 -8.12 -10.30
N ASP B 86 34.69 -7.86 -9.47
CA ASP B 86 35.65 -8.90 -9.03
C ASP B 86 35.03 -9.86 -8.03
N ARG B 87 34.23 -9.32 -7.10
CA ARG B 87 33.51 -10.10 -6.07
C ARG B 87 32.61 -11.23 -6.62
N ALA B 88 31.96 -10.99 -7.76
CA ALA B 88 31.12 -12.02 -8.38
C ALA B 88 31.96 -13.19 -8.89
N ALA B 89 33.06 -12.91 -9.58
CA ALA B 89 33.97 -13.96 -10.04
C ALA B 89 34.67 -14.66 -8.87
N TYR B 90 34.97 -13.89 -7.83
CA TYR B 90 35.56 -14.47 -6.60
C TYR B 90 34.67 -15.55 -6.03
N ASN B 91 33.44 -15.17 -5.66
CA ASN B 91 32.47 -16.07 -5.05
C ASN B 91 32.24 -17.33 -5.87
N ILE B 92 32.12 -17.18 -7.18
CA ILE B 92 31.91 -18.33 -8.07
C ILE B 92 33.13 -19.25 -8.02
N GLY B 93 34.32 -18.64 -8.01
CA GLY B 93 35.56 -19.38 -7.89
C GLY B 93 35.68 -20.16 -6.60
N VAL B 94 35.14 -19.62 -5.50
CA VAL B 94 35.08 -20.33 -4.22
C VAL B 94 34.18 -21.57 -4.36
N LEU B 95 32.96 -21.35 -4.84
CA LEU B 95 32.03 -22.47 -5.14
C LEU B 95 32.66 -23.49 -6.08
N ARG B 96 33.25 -22.98 -7.16
CA ARG B 96 33.92 -23.81 -8.15
C ARG B 96 35.04 -24.63 -7.49
N HIS B 97 35.85 -24.00 -6.66
CA HIS B 97 36.92 -24.72 -5.94
C HIS B 97 36.42 -25.67 -4.85
N LEU B 98 35.32 -25.35 -4.20
CA LEU B 98 34.73 -26.28 -3.24
C LEU B 98 34.22 -27.56 -3.95
N GLN B 99 33.54 -27.39 -5.09
CA GLN B 99 33.14 -28.53 -5.95
C GLN B 99 34.28 -29.51 -6.17
N VAL B 100 35.43 -28.98 -6.59
CA VAL B 100 36.61 -29.81 -6.89
C VAL B 100 36.96 -30.69 -5.69
N ILE B 101 37.02 -30.07 -4.51
CA ILE B 101 37.33 -30.77 -3.26
C ILE B 101 36.29 -31.84 -3.03
N PHE B 102 35.02 -31.47 -3.10
CA PHE B 102 33.93 -32.44 -2.95
C PHE B 102 34.06 -33.61 -3.94
N GLY B 103 34.34 -33.29 -5.20
CA GLY B 103 34.60 -34.30 -6.22
C GLY B 103 35.66 -35.29 -5.79
N HIS B 104 36.84 -34.78 -5.47
CA HIS B 104 37.95 -35.63 -5.00
C HIS B 104 37.66 -36.39 -3.70
N LEU B 105 36.84 -35.82 -2.82
CA LEU B 105 36.46 -36.51 -1.59
C LEU B 105 35.56 -37.71 -1.86
N ALA B 106 34.64 -37.57 -2.81
CA ALA B 106 33.82 -38.70 -3.26
C ALA B 106 34.65 -39.71 -4.05
N ALA B 107 35.41 -39.21 -5.04
CA ALA B 107 36.10 -40.07 -6.02
C ALA B 107 37.34 -40.79 -5.50
N SER B 108 38.31 -40.02 -5.01
CA SER B 108 39.67 -40.53 -4.74
C SER B 108 39.77 -41.83 -3.92
N ARG B 109 40.74 -42.66 -4.29
CA ARG B 109 41.23 -43.75 -3.47
C ARG B 109 42.45 -43.31 -2.64
N LEU B 110 43.07 -42.17 -3.00
CA LEU B 110 44.19 -41.60 -2.25
C LEU B 110 43.76 -41.19 -0.82
N GLN B 111 44.71 -41.22 0.10
CA GLN B 111 44.43 -41.07 1.54
C GLN B 111 44.05 -39.64 1.91
N TYR B 112 44.53 -38.66 1.15
CA TYR B 112 44.13 -37.26 1.34
C TYR B 112 44.25 -36.45 0.05
N TYR B 113 43.52 -35.35 -0.01
CA TYR B 113 43.57 -34.44 -1.12
C TYR B 113 44.21 -33.15 -0.66
N VAL B 114 45.07 -32.59 -1.50
CA VAL B 114 45.67 -31.29 -1.27
C VAL B 114 44.82 -30.29 -2.07
N PRO B 115 44.16 -29.34 -1.38
CA PRO B 115 43.37 -28.34 -2.09
C PRO B 115 44.18 -27.07 -2.32
N ARG B 116 45.23 -27.17 -3.15
CA ARG B 116 46.02 -25.99 -3.55
C ARG B 116 45.16 -24.88 -4.19
N GLY B 117 44.15 -25.27 -4.97
CA GLY B 117 43.28 -24.31 -5.66
C GLY B 117 42.45 -23.42 -4.74
N PHE B 118 41.81 -24.06 -3.74
CA PHE B 118 41.04 -23.37 -2.70
C PHE B 118 41.89 -22.39 -1.89
N TRP B 119 43.07 -22.86 -1.48
CA TRP B 119 44.00 -22.04 -0.70
C TRP B 119 44.39 -20.74 -1.42
N LYS B 120 44.52 -20.80 -2.74
CA LYS B 120 44.88 -19.63 -3.55
C LYS B 120 43.67 -18.77 -3.80
N GLN B 121 42.51 -19.41 -4.00
CA GLN B 121 41.29 -18.66 -4.23
C GLN B 121 40.80 -17.94 -2.99
N PHE B 122 40.83 -18.62 -1.83
CA PHE B 122 40.11 -18.13 -0.64
C PHE B 122 40.68 -16.84 -0.07
N ARG B 123 39.77 -15.92 0.26
CA ARG B 123 40.06 -14.71 1.01
C ARG B 123 39.06 -14.62 2.17
N LEU B 124 39.53 -14.20 3.34
CA LEU B 124 38.69 -14.13 4.54
C LEU B 124 38.35 -12.68 4.78
N TRP B 125 37.11 -12.31 4.45
CA TRP B 125 36.64 -10.92 4.43
C TRP B 125 37.55 -10.09 3.55
N GLY B 126 37.63 -10.47 2.26
CA GLY B 126 38.42 -9.72 1.28
C GLY B 126 39.94 -9.87 1.36
N GLU B 127 40.53 -9.62 2.54
CA GLU B 127 41.99 -9.70 2.74
C GLU B 127 42.63 -11.07 2.42
N PRO B 128 43.94 -11.09 2.09
CA PRO B 128 44.61 -12.35 1.72
C PRO B 128 44.90 -13.24 2.92
N VAL B 129 44.90 -14.55 2.69
CA VAL B 129 45.01 -15.53 3.77
C VAL B 129 46.44 -16.04 3.93
N ASN B 130 46.99 -15.85 5.12
CA ASN B 130 48.22 -16.49 5.50
C ASN B 130 47.89 -17.91 5.93
N LEU B 131 48.34 -18.89 5.15
CA LEU B 131 48.06 -20.31 5.40
C LEU B 131 48.79 -20.88 6.63
N ARG B 132 49.70 -20.12 7.24
CA ARG B 132 50.33 -20.52 8.49
C ARG B 132 49.60 -19.97 9.72
N GLU B 133 48.65 -19.06 9.54
CA GLU B 133 47.90 -18.43 10.66
C GLU B 133 46.62 -19.20 11.01
N GLN B 134 46.40 -19.43 12.30
CA GLN B 134 45.17 -20.07 12.76
C GLN B 134 44.02 -19.03 12.74
N HIS B 135 42.81 -19.51 12.45
CA HIS B 135 41.64 -18.64 12.40
C HIS B 135 40.47 -19.33 13.10
N ASP B 136 39.54 -18.55 13.63
CA ASP B 136 38.28 -19.07 14.16
C ASP B 136 37.58 -19.89 13.05
N ALA B 137 37.37 -21.18 13.31
CA ALA B 137 36.67 -22.04 12.37
C ALA B 137 35.23 -21.57 12.06
N LEU B 138 34.57 -20.92 13.02
CA LEU B 138 33.23 -20.36 12.80
C LEU B 138 33.28 -19.18 11.82
N GLU B 139 34.18 -18.26 12.08
CA GLU B 139 34.46 -17.16 11.17
C GLU B 139 34.68 -17.69 9.73
N PHE B 140 35.37 -18.82 9.60
CA PHE B 140 35.57 -19.45 8.33
C PHE B 140 34.30 -20.04 7.76
N PHE B 141 33.55 -20.74 8.60
CA PHE B 141 32.25 -21.25 8.20
C PHE B 141 31.31 -20.15 7.70
N ASN B 142 31.30 -18.99 8.37
CA ASN B 142 30.42 -17.87 7.97
C ASN B 142 30.79 -17.23 6.65
N SER B 143 32.10 -17.12 6.41
CA SER B 143 32.62 -16.53 5.18
C SER B 143 32.35 -17.42 3.96
N LEU B 144 32.49 -18.73 4.15
CA LEU B 144 32.30 -19.70 3.08
C LEU B 144 30.85 -19.79 2.65
N VAL B 145 29.95 -19.95 3.60
CA VAL B 145 28.53 -20.10 3.26
C VAL B 145 27.93 -18.83 2.64
N ASP B 146 28.32 -17.64 3.11
CA ASP B 146 27.90 -16.40 2.45
C ASP B 146 28.28 -16.43 0.98
N SER B 147 29.57 -16.60 0.72
CA SER B 147 30.14 -16.69 -0.64
C SER B 147 29.48 -17.75 -1.54
N LEU B 148 29.15 -18.92 -1.00
CA LEU B 148 28.49 -19.97 -1.78
C LEU B 148 27.08 -19.54 -2.21
N ASP B 149 26.28 -19.07 -1.27
CA ASP B 149 24.96 -18.49 -1.56
C ASP B 149 25.01 -17.25 -2.44
N GLU B 150 26.08 -16.47 -2.30
CA GLU B 150 26.31 -15.33 -3.19
C GLU B 150 26.58 -15.86 -4.59
N ALA B 151 27.42 -16.89 -4.69
CA ALA B 151 27.78 -17.53 -5.95
C ALA B 151 26.61 -18.21 -6.65
N LEU B 152 25.71 -18.82 -5.88
CA LEU B 152 24.54 -19.50 -6.44
C LEU B 152 23.57 -18.49 -7.03
N LYS B 153 23.13 -17.53 -6.24
CA LYS B 153 22.31 -16.41 -6.71
C LYS B 153 22.88 -15.80 -8.00
N ALA B 154 24.19 -15.52 -7.98
CA ALA B 154 24.92 -14.98 -9.14
C ALA B 154 24.80 -15.80 -10.43
N LEU B 155 24.53 -17.11 -10.29
CA LEU B 155 24.21 -17.98 -11.42
C LEU B 155 22.73 -18.36 -11.44
N GLY B 156 21.86 -17.42 -11.05
CA GLY B 156 20.40 -17.61 -11.03
C GLY B 156 19.82 -18.81 -10.29
N HIS B 157 20.54 -19.29 -9.26
CA HIS B 157 20.11 -20.45 -8.46
C HIS B 157 19.54 -20.03 -7.10
N PRO B 158 18.77 -20.92 -6.44
CA PRO B 158 18.24 -20.56 -5.12
C PRO B 158 19.30 -20.73 -4.03
N ALA B 159 19.20 -19.90 -2.99
CA ALA B 159 20.22 -19.88 -1.92
C ALA B 159 20.19 -21.17 -1.11
N MET B 160 21.04 -22.13 -1.48
CA MET B 160 21.03 -23.47 -0.87
C MET B 160 21.38 -23.47 0.61
N LEU B 161 22.52 -22.87 0.94
CA LEU B 161 23.10 -23.05 2.27
C LEU B 161 22.24 -22.37 3.33
N SER B 162 21.71 -21.20 2.97
CA SER B 162 20.68 -20.54 3.75
C SER B 162 19.47 -21.44 3.97
N LYS B 163 19.07 -22.19 2.96
CA LYS B 163 17.94 -23.10 3.09
C LYS B 163 18.26 -24.27 4.01
N VAL B 164 19.44 -24.85 3.86
CA VAL B 164 19.82 -26.04 4.65
C VAL B 164 20.19 -25.68 6.11
N LEU B 165 20.90 -24.55 6.30
CA LEU B 165 21.40 -24.14 7.64
C LEU B 165 20.71 -22.92 8.28
N GLY B 166 19.87 -22.21 7.51
CA GLY B 166 19.28 -20.95 7.99
C GLY B 166 18.05 -21.17 8.83
N GLY B 167 18.04 -20.59 10.03
CA GLY B 167 16.83 -20.46 10.82
C GLY B 167 16.55 -18.99 11.12
N SER B 168 15.47 -18.71 11.83
CA SER B 168 15.18 -17.36 12.32
C SER B 168 14.65 -17.35 13.74
N PHE B 169 14.89 -16.23 14.42
CA PHE B 169 14.31 -15.95 15.71
C PHE B 169 13.12 -15.01 15.56
N ALA B 170 12.07 -15.25 16.34
CA ALA B 170 11.12 -14.20 16.70
C ALA B 170 11.63 -13.49 17.96
N ASP B 171 12.14 -12.27 17.78
CA ASP B 171 12.59 -11.40 18.89
C ASP B 171 11.39 -10.74 19.54
N GLN B 172 10.96 -11.26 20.69
CA GLN B 172 9.75 -10.82 21.35
C GLN B 172 10.03 -9.95 22.58
N LYS B 173 9.37 -8.79 22.63
CA LYS B 173 9.33 -7.93 23.80
C LYS B 173 7.90 -7.91 24.33
N ILE B 174 7.65 -8.55 25.48
CA ILE B 174 6.34 -8.51 26.15
C ILE B 174 6.41 -7.46 27.25
N CYS B 175 5.66 -6.37 27.10
CA CYS B 175 5.60 -5.34 28.13
C CYS B 175 4.64 -5.81 29.22
N GLN B 176 5.05 -5.64 30.47
CA GLN B 176 4.31 -6.13 31.63
C GLN B 176 3.52 -5.03 32.33
N GLY B 177 4.05 -3.81 32.36
CA GLY B 177 3.32 -2.63 32.86
C GLY B 177 2.49 -1.86 31.83
N CYS B 178 2.33 -2.42 30.62
CA CYS B 178 1.45 -1.85 29.60
C CYS B 178 1.03 -2.99 28.64
N PRO B 179 0.01 -2.78 27.79
CA PRO B 179 -0.52 -3.89 27.00
C PRO B 179 0.19 -4.17 25.67
N HIS B 180 1.32 -3.52 25.41
CA HIS B 180 1.98 -3.63 24.12
C HIS B 180 2.89 -4.84 24.08
N ARG B 181 3.01 -5.40 22.88
CA ARG B 181 3.92 -6.50 22.59
C ARG B 181 4.56 -6.20 21.24
N TYR B 182 5.87 -6.43 21.10
CA TYR B 182 6.61 -6.12 19.87
C TYR B 182 7.40 -7.33 19.43
N GLU B 183 7.45 -7.57 18.11
CA GLU B 183 8.33 -8.61 17.57
C GLU B 183 8.86 -8.36 16.17
N CYS B 184 10.12 -8.72 15.95
CA CYS B 184 10.72 -8.75 14.61
C CYS B 184 11.35 -10.10 14.38
N GLU B 185 11.51 -10.46 13.11
CA GLU B 185 12.20 -11.69 12.72
C GLU B 185 13.67 -11.36 12.58
N GLU B 186 14.55 -12.18 13.17
CA GLU B 186 16.01 -12.05 12.99
C GLU B 186 16.58 -13.41 12.59
N SER B 187 17.34 -13.44 11.50
CA SER B 187 17.79 -14.71 10.92
C SER B 187 19.07 -15.16 11.59
N PHE B 188 19.36 -16.45 11.48
CA PHE B 188 20.60 -17.02 12.01
C PHE B 188 21.06 -18.20 11.16
N THR B 189 22.37 -18.33 11.05
CA THR B 189 23.02 -19.53 10.49
C THR B 189 23.57 -20.45 11.60
N THR B 190 23.95 -19.88 12.74
CA THR B 190 24.33 -20.65 13.91
C THR B 190 23.53 -20.21 15.13
N LEU B 191 23.34 -21.14 16.05
CA LEU B 191 22.80 -20.83 17.37
C LEU B 191 24.00 -20.73 18.31
N ASN B 192 24.12 -19.64 19.05
CA ASN B 192 25.28 -19.39 19.88
C ASN B 192 24.87 -19.49 21.32
N VAL B 193 25.38 -20.49 22.04
CA VAL B 193 24.91 -20.79 23.40
C VAL B 193 25.98 -20.58 24.46
N ASP B 194 25.52 -20.14 25.62
CA ASP B 194 26.38 -19.91 26.75
C ASP B 194 26.91 -21.23 27.33
N ILE B 195 28.21 -21.19 27.65
CA ILE B 195 28.98 -22.32 28.15
C ILE B 195 29.41 -22.09 29.58
N ARG B 196 29.59 -20.83 29.98
CA ARG B 196 30.20 -20.48 31.27
C ARG B 196 29.19 -20.52 32.42
N ASN B 197 27.91 -20.23 32.14
CA ASN B 197 26.85 -20.25 33.15
C ASN B 197 25.84 -21.39 33.01
N HIS B 198 26.12 -22.38 32.17
CA HIS B 198 25.27 -23.56 32.04
C HIS B 198 26.14 -24.77 31.84
N GLN B 199 25.63 -25.91 32.30
CA GLN B 199 26.34 -27.18 32.22
C GLN B 199 25.82 -28.11 31.13
N ASN B 200 24.70 -27.79 30.48
CA ASN B 200 24.27 -28.57 29.31
C ASN B 200 23.36 -27.85 28.33
N LEU B 201 23.25 -28.41 27.14
CA LEU B 201 22.63 -27.74 26.00
C LEU B 201 21.20 -27.29 26.27
N LEU B 202 20.38 -28.20 26.79
CA LEU B 202 18.95 -27.91 27.07
C LEU B 202 18.76 -26.70 27.98
N ASP B 203 19.55 -26.63 29.05
CA ASP B 203 19.50 -25.48 29.95
C ASP B 203 19.93 -24.17 29.31
N SER B 204 20.92 -24.20 28.41
CA SER B 204 21.38 -22.96 27.77
C SER B 204 20.42 -22.54 26.64
N LEU B 205 19.84 -23.52 25.95
CA LEU B 205 18.74 -23.24 25.01
C LEU B 205 17.53 -22.60 25.69
N GLU B 206 17.19 -23.05 26.90
CA GLU B 206 16.07 -22.45 27.65
C GLU B 206 16.33 -20.99 28.02
N GLN B 207 17.59 -20.58 28.09
CA GLN B 207 17.90 -19.18 28.32
C GLN B 207 17.39 -18.24 27.22
N TYR B 208 17.40 -18.69 25.97
CA TYR B 208 16.73 -17.95 24.89
C TYR B 208 15.26 -17.65 25.25
N VAL B 209 14.56 -18.64 25.78
CA VAL B 209 13.14 -18.54 26.12
C VAL B 209 12.87 -17.68 27.37
N LYS B 210 13.65 -17.92 28.43
CA LYS B 210 13.55 -17.16 29.68
C LYS B 210 13.71 -15.66 29.42
N GLY B 211 14.68 -15.30 28.61
CA GLY B 211 14.95 -13.93 28.27
C GLY B 211 15.70 -13.15 29.35
N ASP B 212 15.57 -11.83 29.29
CA ASP B 212 16.03 -10.91 30.31
C ASP B 212 14.88 -9.96 30.62
N LEU B 213 14.73 -9.61 31.91
CA LEU B 213 13.81 -8.57 32.34
C LEU B 213 14.50 -7.23 32.20
N LEU B 214 13.96 -6.37 31.34
CA LEU B 214 14.42 -5.00 31.19
C LEU B 214 13.61 -4.17 32.18
N GLU B 215 14.25 -3.76 33.28
CA GLU B 215 13.51 -3.26 34.46
C GLU B 215 14.14 -2.06 35.15
N GLY B 216 13.36 -1.44 36.04
CA GLY B 216 13.76 -0.26 36.82
C GLY B 216 14.36 0.82 35.95
N ALA B 217 15.64 1.12 36.19
CA ALA B 217 16.38 2.10 35.41
C ALA B 217 16.62 1.61 33.98
N ASN B 218 16.89 0.31 33.83
CA ASN B 218 17.20 -0.31 32.53
C ASN B 218 15.95 -0.76 31.72
N ALA B 219 14.83 -0.04 31.93
CA ALA B 219 13.54 -0.43 31.42
C ALA B 219 13.42 -0.15 29.93
N TYR B 220 12.54 -0.89 29.28
CA TYR B 220 12.32 -0.78 27.85
C TYR B 220 11.42 0.43 27.57
N HIS B 221 11.81 1.23 26.59
N HIS B 221 11.80 1.26 26.61
CA HIS B 221 11.03 2.37 26.13
CA HIS B 221 10.96 2.38 26.23
C HIS B 221 9.90 1.87 25.23
C HIS B 221 9.90 1.91 25.25
N CYS B 222 8.64 1.90 25.69
CA CYS B 222 7.51 1.60 24.82
C CYS B 222 7.19 2.84 23.98
N GLU B 223 7.25 2.68 22.67
CA GLU B 223 7.11 3.77 21.72
C GLU B 223 5.71 4.35 21.76
N LYS B 224 4.71 3.49 21.86
CA LYS B 224 3.30 3.89 21.88
C LYS B 224 2.93 4.61 23.16
N CYS B 225 3.20 3.96 24.29
CA CYS B 225 2.92 4.52 25.58
C CYS B 225 3.84 5.73 25.95
N ASN B 226 4.92 5.93 25.18
CA ASN B 226 5.88 7.01 25.42
C ASN B 226 6.42 7.04 26.86
N LYS B 227 6.75 5.87 27.37
CA LYS B 227 7.36 5.73 28.70
C LYS B 227 8.22 4.47 28.81
N LYS B 228 8.94 4.38 29.92
CA LYS B 228 9.73 3.21 30.29
C LYS B 228 8.81 2.22 30.99
N VAL B 229 8.84 0.95 30.55
CA VAL B 229 7.95 -0.10 31.07
C VAL B 229 8.74 -1.37 31.34
N ASP B 230 8.43 -2.07 32.43
CA ASP B 230 9.06 -3.36 32.71
C ASP B 230 8.60 -4.37 31.68
N THR B 231 9.56 -5.13 31.16
CA THR B 231 9.39 -5.80 29.89
C THR B 231 10.27 -7.05 29.84
N VAL B 232 9.70 -8.17 29.36
CA VAL B 232 10.50 -9.35 29.07
C VAL B 232 10.92 -9.25 27.61
N LYS B 233 12.22 -9.37 27.37
CA LYS B 233 12.79 -9.53 26.05
C LYS B 233 13.34 -10.94 25.97
N ARG B 234 12.85 -11.72 24.99
CA ARG B 234 13.27 -13.09 24.78
C ARG B 234 13.36 -13.39 23.28
N LEU B 235 14.01 -14.51 22.97
CA LEU B 235 14.19 -14.98 21.61
C LEU B 235 13.61 -16.39 21.50
N LEU B 236 12.60 -16.55 20.65
CA LEU B 236 12.08 -17.86 20.30
C LEU B 236 12.50 -18.18 18.86
N ILE B 237 12.54 -19.47 18.53
CA ILE B 237 12.89 -19.91 17.18
C ILE B 237 11.61 -19.96 16.36
N LYS B 238 11.61 -19.25 15.24
CA LYS B 238 10.48 -19.20 14.33
C LYS B 238 10.58 -20.31 13.27
N LYS B 239 11.71 -20.35 12.58
CA LYS B 239 11.98 -21.34 11.55
C LYS B 239 13.18 -22.18 11.98
N LEU B 240 12.96 -23.49 12.13
CA LEU B 240 14.02 -24.45 12.41
C LEU B 240 14.62 -24.96 11.10
N PRO B 241 15.96 -24.98 10.97
CA PRO B 241 16.62 -25.50 9.76
C PRO B 241 16.74 -27.02 9.68
N PRO B 242 16.85 -27.58 8.47
CA PRO B 242 17.17 -29.01 8.31
C PRO B 242 18.48 -29.46 8.98
N VAL B 243 19.46 -28.57 9.04
CA VAL B 243 20.70 -28.81 9.78
C VAL B 243 20.90 -27.64 10.73
N LEU B 244 20.95 -27.96 12.02
CA LEU B 244 21.10 -26.98 13.08
C LEU B 244 22.56 -26.97 13.56
N ALA B 245 23.26 -25.88 13.28
CA ALA B 245 24.65 -25.67 13.72
C ALA B 245 24.70 -24.84 15.01
N ILE B 246 25.38 -25.36 16.04
CA ILE B 246 25.38 -24.71 17.34
C ILE B 246 26.80 -24.45 17.76
N GLN B 247 27.08 -23.19 18.10
CA GLN B 247 28.37 -22.74 18.59
C GLN B 247 28.38 -22.74 20.09
N LEU B 248 29.36 -23.44 20.65
CA LEU B 248 29.63 -23.36 22.08
C LEU B 248 30.58 -22.18 22.27
N LYS B 249 30.11 -21.16 23.00
CA LYS B 249 30.87 -19.91 23.14
C LYS B 249 32.05 -20.04 24.11
N ARG B 250 33.06 -20.79 23.65
CA ARG B 250 34.23 -21.07 24.45
C ARG B 250 35.35 -19.99 24.40
N PHE B 251 35.30 -19.06 23.43
CA PHE B 251 36.38 -18.09 23.26
C PHE B 251 36.01 -16.67 23.63
N ASP B 252 36.95 -15.97 24.26
CA ASP B 252 36.79 -14.55 24.58
C ASP B 252 38.17 -13.87 24.73
N TYR B 253 38.22 -12.70 25.37
CA TYR B 253 39.43 -11.94 25.50
C TYR B 253 39.69 -11.68 26.98
N ASP B 254 40.93 -11.86 27.42
CA ASP B 254 41.33 -11.52 28.79
C ASP B 254 42.02 -10.15 28.74
N TRP B 255 41.34 -9.17 29.33
CA TRP B 255 41.85 -7.79 29.40
C TRP B 255 43.15 -7.74 30.22
N GLU B 256 43.11 -8.29 31.43
CA GLU B 256 44.28 -8.27 32.32
C GLU B 256 45.56 -8.93 31.75
N ARG B 257 45.43 -9.85 30.79
CA ARG B 257 46.60 -10.51 30.16
C ARG B 257 46.75 -10.28 28.66
N GLU B 258 45.98 -9.33 28.10
CA GLU B 258 46.14 -8.88 26.70
C GLU B 258 46.08 -9.97 25.63
N CYS B 259 45.24 -10.97 25.83
CA CYS B 259 45.17 -12.07 24.87
C CYS B 259 43.83 -12.79 24.85
N ALA B 260 43.62 -13.52 23.76
CA ALA B 260 42.42 -14.31 23.59
C ALA B 260 42.49 -15.48 24.59
N ILE B 261 41.34 -15.89 25.10
CA ILE B 261 41.29 -16.89 26.14
C ILE B 261 40.15 -17.87 25.90
N LYS B 262 40.41 -19.12 26.27
CA LYS B 262 39.49 -20.21 26.04
C LYS B 262 38.88 -20.65 27.36
N PHE B 263 37.57 -20.83 27.37
CA PHE B 263 36.85 -21.46 28.47
C PHE B 263 36.62 -22.93 28.17
N ASN B 264 37.28 -23.79 28.95
CA ASN B 264 37.20 -25.23 28.80
C ASN B 264 36.18 -25.88 29.74
N ASP B 265 35.25 -25.08 30.26
CA ASP B 265 34.24 -25.54 31.22
C ASP B 265 33.50 -26.77 30.74
N TYR B 266 33.11 -27.61 31.70
CA TYR B 266 32.30 -28.79 31.43
C TYR B 266 31.00 -28.37 30.76
N PHE B 267 30.66 -29.02 29.67
CA PHE B 267 29.40 -28.74 28.99
C PHE B 267 28.98 -29.90 28.11
N GLU B 268 27.81 -30.44 28.40
CA GLU B 268 27.31 -31.66 27.75
C GLU B 268 26.14 -31.37 26.83
N PHE B 269 25.97 -32.25 25.85
CA PHE B 269 24.98 -32.08 24.78
C PHE B 269 24.52 -33.46 24.34
N PRO B 270 23.22 -33.62 24.03
CA PRO B 270 22.69 -34.95 23.78
C PRO B 270 22.80 -35.44 22.33
N ARG B 271 22.66 -36.75 22.17
CA ARG B 271 22.61 -37.37 20.85
C ARG B 271 21.29 -37.10 20.12
N GLU B 272 20.21 -36.93 20.87
CA GLU B 272 18.89 -36.56 20.31
C GLU B 272 18.46 -35.25 20.94
N LEU B 273 17.88 -34.36 20.13
CA LEU B 273 17.48 -33.02 20.56
C LEU B 273 16.07 -32.67 20.10
N ASP B 274 15.24 -32.21 21.03
CA ASP B 274 13.90 -31.73 20.72
C ASP B 274 13.88 -30.21 20.88
N MET B 275 13.70 -29.51 19.77
CA MET B 275 13.71 -28.05 19.76
C MET B 275 12.35 -27.41 20.03
N GLU B 276 11.29 -28.21 20.18
CA GLU B 276 9.93 -27.66 20.35
C GLU B 276 9.82 -26.71 21.52
N PRO B 277 10.35 -27.08 22.70
CA PRO B 277 10.26 -26.17 23.85
C PRO B 277 10.84 -24.75 23.65
N TYR B 278 11.67 -24.55 22.60
CA TYR B 278 12.27 -23.25 22.29
C TYR B 278 11.64 -22.52 21.10
N THR B 279 10.64 -23.12 20.46
CA THR B 279 10.02 -22.54 19.28
C THR B 279 8.87 -21.65 19.68
N VAL B 280 8.52 -20.72 18.79
CA VAL B 280 7.33 -19.86 18.94
C VAL B 280 6.09 -20.72 19.23
N ALA B 281 5.78 -21.61 18.30
CA ALA B 281 4.63 -22.53 18.44
C ALA B 281 4.67 -23.29 19.76
N GLY B 282 5.82 -23.90 20.08
CA GLY B 282 5.98 -24.65 21.31
C GLY B 282 5.69 -23.86 22.56
N VAL B 283 6.15 -22.61 22.57
CA VAL B 283 5.91 -21.68 23.69
C VAL B 283 4.44 -21.24 23.70
N ALA B 284 3.82 -21.12 22.53
CA ALA B 284 2.38 -20.86 22.44
C ALA B 284 1.54 -22.02 22.99
N LYS B 285 1.88 -23.25 22.62
CA LYS B 285 1.23 -24.45 23.17
C LYS B 285 1.28 -24.47 24.70
N LEU B 286 2.42 -24.09 25.25
CA LEU B 286 2.57 -23.95 26.70
C LEU B 286 1.73 -22.80 27.23
N GLU B 287 1.87 -21.62 26.62
CA GLU B 287 1.30 -20.37 27.16
C GLU B 287 -0.22 -20.24 27.02
N GLY B 288 -0.76 -20.74 25.91
CA GLY B 288 -2.19 -20.62 25.63
C GLY B 288 -2.53 -19.22 25.13
N GLY B 310 5.17 -31.03 11.13
CA GLY B 310 6.57 -30.84 10.72
C GLY B 310 7.56 -31.09 11.84
N SER B 311 8.67 -31.75 11.53
CA SER B 311 9.58 -32.29 12.56
C SER B 311 10.33 -31.21 13.34
N THR B 312 10.32 -31.38 14.66
CA THR B 312 11.01 -30.51 15.60
C THR B 312 12.16 -31.27 16.28
N LYS B 313 12.43 -32.50 15.85
CA LYS B 313 13.39 -33.40 16.50
C LYS B 313 14.67 -33.53 15.69
N TYR B 314 15.79 -33.56 16.39
CA TYR B 314 17.11 -33.55 15.76
C TYR B 314 17.99 -34.67 16.31
N ARG B 315 18.89 -35.19 15.47
CA ARG B 315 19.93 -36.10 15.94
C ARG B 315 21.31 -35.50 15.69
N LEU B 316 22.21 -35.74 16.64
CA LEU B 316 23.56 -35.30 16.55
C LEU B 316 24.22 -36.09 15.45
N VAL B 317 24.82 -35.39 14.50
CA VAL B 317 25.57 -36.00 13.41
C VAL B 317 27.02 -35.53 13.32
N GLY B 318 27.40 -34.45 14.03
CA GLY B 318 28.68 -33.81 13.82
C GLY B 318 29.17 -33.08 15.05
N VAL B 319 30.45 -33.22 15.37
CA VAL B 319 31.09 -32.38 16.40
C VAL B 319 32.42 -31.84 15.90
N LEU B 320 32.50 -30.51 15.75
CA LEU B 320 33.74 -29.85 15.43
C LEU B 320 34.42 -29.54 16.75
N VAL B 321 35.58 -30.17 16.98
CA VAL B 321 36.35 -30.05 18.23
C VAL B 321 37.46 -29.03 18.03
N HIS B 322 37.82 -28.33 19.10
CA HIS B 322 39.05 -27.55 19.11
C HIS B 322 39.90 -28.03 20.27
N SER B 323 41.21 -28.12 20.04
CA SER B 323 42.16 -28.59 21.04
C SER B 323 43.37 -27.68 21.21
N GLY B 324 43.53 -27.13 22.40
CA GLY B 324 44.72 -26.35 22.75
C GLY B 324 44.41 -24.91 23.07
N GLN B 325 45.33 -24.02 22.71
CA GLN B 325 45.27 -22.62 23.16
C GLN B 325 44.26 -21.79 22.38
N ALA B 326 43.84 -20.67 22.97
CA ALA B 326 42.87 -19.78 22.37
C ALA B 326 43.34 -19.14 21.06
N SER B 327 44.64 -18.86 20.98
CA SER B 327 45.23 -18.20 19.82
C SER B 327 45.55 -19.18 18.69
N GLY B 328 46.20 -20.29 19.04
CA GLY B 328 46.54 -21.35 18.10
C GLY B 328 45.62 -22.53 18.30
N GLY B 329 46.21 -23.70 18.53
CA GLY B 329 45.48 -24.92 18.75
C GLY B 329 45.15 -25.64 17.45
N HIS B 330 44.23 -26.58 17.54
CA HIS B 330 44.02 -27.55 16.50
C HIS B 330 42.54 -27.93 16.42
N TYR B 331 42.04 -28.00 15.19
CA TYR B 331 40.66 -28.33 14.91
C TYR B 331 40.56 -29.72 14.25
N TYR B 332 39.49 -30.44 14.58
CA TYR B 332 39.14 -31.68 13.91
C TYR B 332 37.66 -31.96 14.15
N SER B 333 37.12 -32.92 13.39
CA SER B 333 35.69 -33.15 13.28
C SER B 333 35.34 -34.61 13.46
N TYR B 334 34.53 -34.92 14.48
CA TYR B 334 33.87 -36.22 14.59
C TYR B 334 32.55 -36.17 13.82
N ILE B 335 32.30 -37.15 12.94
CA ILE B 335 31.08 -37.17 12.13
C ILE B 335 30.51 -38.59 11.98
N ILE B 336 29.18 -38.68 11.93
CA ILE B 336 28.46 -39.95 11.68
C ILE B 336 28.51 -40.36 10.19
N GLN B 337 28.60 -41.67 9.97
CA GLN B 337 28.35 -42.28 8.65
C GLN B 337 26.85 -42.46 8.49
N ARG B 338 26.28 -41.87 7.44
CA ARG B 338 24.84 -41.93 7.19
C ARG B 338 24.46 -43.27 6.53
N ARG B 347 28.24 -45.21 11.56
CA ARG B 347 28.87 -44.98 12.86
C ARG B 347 29.87 -43.81 12.78
N TRP B 348 30.50 -43.47 13.90
CA TRP B 348 31.37 -42.26 13.97
C TRP B 348 32.80 -42.44 13.45
N TYR B 349 33.26 -41.45 12.69
CA TYR B 349 34.65 -41.38 12.21
C TYR B 349 35.25 -40.04 12.59
N LYS B 350 36.56 -40.02 12.85
CA LYS B 350 37.27 -38.81 13.29
C LYS B 350 38.11 -38.26 12.16
N PHE B 351 37.72 -37.12 11.64
CA PHE B 351 38.40 -36.50 10.49
C PHE B 351 39.40 -35.50 11.04
N ASP B 352 40.67 -35.83 10.92
CA ASP B 352 41.76 -34.99 11.46
C ASP B 352 42.81 -34.73 10.40
N ASP B 353 42.59 -33.67 9.63
CA ASP B 353 43.47 -33.28 8.53
C ASP B 353 43.68 -34.46 7.59
N GLY B 354 44.88 -35.04 7.56
CA GLY B 354 45.22 -36.09 6.59
C GLY B 354 44.58 -37.43 6.88
N ASP B 355 44.34 -37.73 8.16
CA ASP B 355 43.98 -39.06 8.61
C ASP B 355 42.54 -39.08 9.11
N VAL B 356 41.69 -39.91 8.48
CA VAL B 356 40.31 -40.13 8.91
C VAL B 356 40.20 -41.49 9.61
N THR B 357 40.27 -41.49 10.94
CA THR B 357 40.33 -42.73 11.74
C THR B 357 38.97 -43.16 12.30
N GLU B 358 38.94 -44.36 12.87
CA GLU B 358 37.76 -44.84 13.61
C GLU B 358 37.89 -44.39 15.06
N CYS B 359 36.74 -44.28 15.73
CA CYS B 359 36.66 -43.76 17.10
C CYS B 359 35.49 -44.37 17.85
N LYS B 360 35.49 -44.19 19.16
CA LYS B 360 34.45 -44.74 20.04
C LYS B 360 33.38 -43.72 20.42
N MET B 361 33.03 -42.81 19.52
CA MET B 361 32.01 -41.78 19.81
C MET B 361 30.60 -42.31 20.09
N ASP B 362 30.31 -43.52 19.64
CA ASP B 362 29.10 -44.24 20.07
C ASP B 362 29.03 -44.48 21.58
N ASP B 363 30.20 -44.59 22.23
CA ASP B 363 30.31 -44.78 23.69
C ASP B 363 30.15 -43.41 24.38
N ASP B 364 29.40 -43.38 25.46
CA ASP B 364 29.07 -42.11 26.16
C ASP B 364 30.22 -41.56 27.01
N GLU B 365 30.99 -42.44 27.65
CA GLU B 365 32.17 -42.00 28.39
C GLU B 365 33.20 -41.37 27.47
N GLU B 366 33.29 -41.88 26.23
CA GLU B 366 34.27 -41.39 25.29
C GLU B 366 33.82 -40.08 24.65
N MET B 367 32.55 -40.01 24.25
CA MET B 367 31.86 -38.75 23.96
C MET B 367 32.14 -37.72 25.07
N LYS B 368 32.00 -38.13 26.32
CA LYS B 368 32.27 -37.24 27.47
C LYS B 368 33.72 -36.76 27.58
N ASN B 369 34.68 -37.68 27.49
CA ASN B 369 36.10 -37.31 27.61
C ASN B 369 36.66 -36.51 26.44
N GLN B 370 36.18 -36.80 25.25
CA GLN B 370 36.64 -36.14 24.05
C GLN B 370 35.96 -34.80 23.78
N CYS B 371 34.72 -34.57 24.25
CA CYS B 371 33.93 -33.40 23.83
C CYS B 371 33.33 -32.50 24.91
N PHE B 372 32.95 -33.05 26.07
CA PHE B 372 32.24 -32.26 27.09
C PHE B 372 33.16 -31.29 27.86
N GLY B 373 34.47 -31.50 27.79
CA GLY B 373 35.39 -30.63 28.49
C GLY B 373 35.39 -30.85 29.99
N GLY B 374 35.84 -29.85 30.72
CA GLY B 374 35.82 -29.85 32.18
C GLY B 374 37.16 -30.14 32.81
N GLU B 375 37.18 -30.10 34.14
CA GLU B 375 38.38 -30.40 34.90
C GLU B 375 38.40 -31.87 35.30
N TYR B 376 39.60 -32.37 35.58
CA TYR B 376 39.80 -33.66 36.20
C TYR B 376 41.09 -33.65 37.01
N MET B 377 41.27 -34.69 37.81
CA MET B 377 42.53 -34.90 38.52
C MET B 377 43.47 -35.77 37.68
N GLY B 378 44.45 -35.14 37.05
CA GLY B 378 45.46 -35.83 36.27
C GLY B 378 46.41 -36.60 37.18
N GLU B 379 46.81 -37.79 36.75
CA GLU B 379 47.70 -38.65 37.52
C GLU B 379 49.00 -38.74 36.72
N VAL B 380 49.99 -37.97 37.12
CA VAL B 380 51.19 -37.75 36.31
C VAL B 380 52.32 -38.63 36.80
N PHE B 381 53.04 -39.25 35.87
CA PHE B 381 54.17 -40.11 36.18
C PHE B 381 55.42 -39.73 35.37
N ASP B 382 56.57 -39.67 36.03
CA ASP B 382 57.85 -39.36 35.37
C ASP B 382 59.08 -39.84 36.13
N MET B 384 61.50 -42.03 35.94
CA MET B 384 60.92 -42.93 34.94
C MET B 384 59.80 -43.77 35.57
N MET B 385 58.62 -43.16 35.60
CA MET B 385 57.46 -43.65 36.36
C MET B 385 57.71 -43.79 37.89
N LYS B 386 58.73 -43.09 38.42
CA LYS B 386 59.17 -43.26 39.82
C LYS B 386 58.30 -42.47 40.81
N ARG B 387 57.97 -41.23 40.46
CA ARG B 387 57.08 -40.37 41.25
C ARG B 387 55.68 -40.35 40.61
N MET B 388 54.67 -40.14 41.47
CA MET B 388 53.28 -40.00 41.06
C MET B 388 52.76 -38.68 41.60
N SER B 389 52.43 -37.77 40.70
CA SER B 389 51.86 -36.47 41.09
C SER B 389 50.36 -36.47 40.83
N TYR B 390 49.64 -35.63 41.55
CA TYR B 390 48.20 -35.47 41.37
C TYR B 390 47.87 -34.01 41.22
N ARG B 391 47.66 -33.59 39.97
CA ARG B 391 47.43 -32.20 39.60
C ARG B 391 46.04 -32.06 38.99
N ARG B 392 45.36 -30.96 39.30
CA ARG B 392 44.14 -30.56 38.62
C ARG B 392 44.55 -30.26 37.17
N GLN B 393 43.83 -30.81 36.19
CA GLN B 393 44.04 -30.50 34.78
C GLN B 393 42.73 -30.05 34.15
N LYS B 394 42.84 -29.21 33.13
CA LYS B 394 41.72 -28.83 32.28
C LYS B 394 41.68 -29.76 31.06
N ARG B 395 40.50 -30.26 30.71
CA ARG B 395 40.33 -30.86 29.37
C ARG B 395 40.27 -29.76 28.33
N TRP B 396 41.43 -29.43 27.74
CA TRP B 396 41.54 -28.33 26.75
C TRP B 396 41.17 -28.69 25.29
N TRP B 397 40.79 -29.95 25.11
CA TRP B 397 40.24 -30.49 23.87
C TRP B 397 38.75 -30.55 24.17
N ASN B 398 37.92 -29.96 23.33
CA ASN B 398 36.45 -30.04 23.53
C ASN B 398 35.62 -29.58 22.32
N ALA B 399 34.36 -29.98 22.29
CA ALA B 399 33.41 -29.55 21.29
C ALA B 399 33.31 -28.02 21.19
N TYR B 400 33.48 -27.51 19.97
CA TYR B 400 33.25 -26.10 19.65
C TYR B 400 31.92 -25.86 18.91
N ILE B 401 31.69 -26.64 17.85
CA ILE B 401 30.44 -26.55 17.08
C ILE B 401 29.77 -27.91 16.94
N LEU B 402 28.48 -27.94 17.22
CA LEU B 402 27.63 -29.12 17.07
C LEU B 402 26.78 -28.99 15.80
N PHE B 403 26.66 -30.08 15.04
CA PHE B 403 25.74 -30.15 13.89
C PHE B 403 24.69 -31.21 14.23
N TYR B 404 23.41 -30.78 14.18
CA TYR B 404 22.26 -31.64 14.42
C TYR B 404 21.41 -31.66 13.17
N GLU B 405 20.93 -32.83 12.77
CA GLU B 405 20.11 -32.98 11.57
C GLU B 405 18.64 -33.19 11.95
N ARG B 406 17.74 -32.45 11.29
CA ARG B 406 16.30 -32.56 11.57
C ARG B 406 15.81 -33.95 11.20
N MET B 407 14.94 -34.52 12.04
CA MET B 407 14.57 -35.95 11.93
C MET B 407 13.80 -36.33 10.66
N ASP B 408 13.17 -35.35 10.00
CA ASP B 408 12.60 -35.56 8.65
C ASP B 408 13.58 -35.28 7.50
N THR B 409 14.88 -35.18 7.80
CA THR B 409 15.93 -34.87 6.82
C THR B 409 16.96 -36.00 6.80
N GLY C 6 20.59 -27.55 -17.98
CA GLY C 6 19.90 -26.33 -18.49
C GLY C 6 18.54 -26.06 -17.85
N PHE C 7 17.54 -25.81 -18.69
CA PHE C 7 16.18 -25.47 -18.22
C PHE C 7 15.35 -26.70 -17.97
N VAL C 8 14.43 -26.57 -17.03
CA VAL C 8 13.53 -27.64 -16.64
C VAL C 8 12.21 -27.40 -17.34
N GLY C 9 11.65 -28.45 -17.92
CA GLY C 9 10.31 -28.41 -18.51
C GLY C 9 9.23 -28.58 -17.47
N LEU C 10 7.99 -28.60 -17.96
CA LEU C 10 6.80 -28.86 -17.16
C LEU C 10 5.96 -29.90 -17.86
N LYS C 11 5.55 -30.94 -17.14
CA LYS C 11 4.73 -32.00 -17.71
C LYS C 11 3.33 -31.47 -18.01
N ASN C 12 2.84 -31.76 -19.21
CA ASN C 12 1.44 -31.56 -19.58
C ASN C 12 0.59 -32.70 -19.00
N ALA C 13 -0.47 -32.33 -18.29
CA ALA C 13 -1.37 -33.27 -17.62
C ALA C 13 -2.44 -33.86 -18.54
N GLY C 14 -2.58 -33.30 -19.73
CA GLY C 14 -3.63 -33.68 -20.66
C GLY C 14 -3.83 -32.54 -21.63
N ALA C 15 -4.39 -31.44 -21.14
CA ALA C 15 -4.57 -30.19 -21.90
C ALA C 15 -4.22 -28.97 -21.04
N THR C 16 -3.05 -29.03 -20.39
CA THR C 16 -2.63 -28.02 -19.44
C THR C 16 -1.39 -27.27 -19.91
N CYS C 17 -1.18 -27.21 -21.23
CA CYS C 17 -0.10 -26.41 -21.79
C CYS C 17 -0.38 -24.90 -21.60
N TYR C 18 -1.66 -24.55 -21.44
CA TYR C 18 -2.04 -23.19 -21.06
C TYR C 18 -1.49 -22.76 -19.68
N MET C 19 -1.41 -23.70 -18.73
CA MET C 19 -0.79 -23.45 -17.43
C MET C 19 0.70 -23.27 -17.58
N ASN C 20 1.32 -24.28 -18.21
CA ASN C 20 2.78 -24.33 -18.32
C ASN C 20 3.35 -23.13 -19.07
N SER C 21 2.65 -22.69 -20.12
CA SER C 21 3.13 -21.60 -20.98
C SER C 21 3.19 -20.27 -20.25
N VAL C 22 2.26 -20.07 -19.32
CA VAL C 22 2.17 -18.83 -18.54
C VAL C 22 3.17 -18.88 -17.38
N ILE C 23 3.08 -19.94 -16.59
CA ILE C 23 3.98 -20.16 -15.45
C ILE C 23 5.45 -19.99 -15.83
N GLN C 24 5.82 -20.55 -16.96
CA GLN C 24 7.19 -20.51 -17.43
C GLN C 24 7.63 -19.08 -17.75
N GLN C 25 6.69 -18.29 -18.25
CA GLN C 25 6.93 -16.91 -18.61
C GLN C 25 7.10 -16.03 -17.35
N LEU C 26 6.34 -16.37 -16.31
CA LEU C 26 6.45 -15.76 -14.98
C LEU C 26 7.76 -16.14 -14.32
N TYR C 27 8.09 -17.43 -14.40
CA TYR C 27 9.36 -17.95 -13.85
C TYR C 27 10.55 -17.19 -14.43
N MET C 28 10.51 -16.93 -15.72
CA MET C 28 11.61 -16.23 -16.39
C MET C 28 11.66 -14.72 -16.19
N ILE C 29 10.66 -14.12 -15.55
CA ILE C 29 10.78 -12.70 -15.14
C ILE C 29 11.54 -12.67 -13.80
N PRO C 30 12.76 -12.10 -13.77
CA PRO C 30 13.55 -12.25 -12.53
C PRO C 30 12.88 -11.63 -11.29
N SER C 31 12.37 -10.41 -11.40
CA SER C 31 11.74 -9.74 -10.26
C SER C 31 10.54 -10.50 -9.68
N ILE C 32 9.83 -11.23 -10.53
CA ILE C 32 8.77 -12.12 -10.08
C ILE C 32 9.35 -13.39 -9.49
N ARG C 33 10.31 -14.00 -10.17
CA ARG C 33 10.93 -15.24 -9.68
C ARG C 33 11.48 -15.06 -8.26
N ASN C 34 12.41 -14.13 -8.12
CA ASN C 34 13.08 -13.87 -6.85
C ASN C 34 12.11 -13.29 -5.82
N GLY C 35 11.08 -12.58 -6.27
CA GLY C 35 10.06 -12.03 -5.39
C GLY C 35 9.24 -13.14 -4.75
N ILE C 36 8.69 -14.02 -5.59
CA ILE C 36 7.84 -15.13 -5.15
C ILE C 36 8.62 -16.08 -4.23
N LEU C 37 9.84 -16.41 -4.60
CA LEU C 37 10.67 -17.33 -3.80
C LEU C 37 11.05 -16.76 -2.44
N ALA C 38 11.14 -15.43 -2.32
CA ALA C 38 11.53 -14.76 -1.07
C ALA C 38 10.41 -14.65 -0.01
N ILE C 39 9.17 -15.02 -0.34
CA ILE C 39 8.04 -14.86 0.59
C ILE C 39 7.98 -16.03 1.56
N GLU C 40 8.18 -15.72 2.83
CA GLU C 40 8.03 -16.68 3.92
C GLU C 40 6.62 -16.64 4.52
N GLY C 41 6.34 -17.63 5.38
CA GLY C 41 5.07 -17.76 6.05
C GLY C 41 3.98 -18.32 5.16
N THR C 42 4.36 -19.15 4.18
CA THR C 42 3.40 -19.74 3.22
C THR C 42 3.29 -21.27 3.25
N GLY C 43 4.27 -21.97 3.84
CA GLY C 43 4.41 -23.43 3.67
C GLY C 43 3.39 -24.27 4.43
N THR C 84 -15.50 -17.01 2.39
CA THR C 84 -14.42 -16.08 2.71
C THR C 84 -13.21 -16.79 3.34
N GLU C 85 -13.48 -17.68 4.30
CA GLU C 85 -12.43 -18.48 4.97
C GLU C 85 -11.67 -19.40 4.02
N ASP C 86 -12.40 -20.03 3.08
CA ASP C 86 -11.79 -20.89 2.05
C ASP C 86 -10.76 -20.16 1.20
N ARG C 87 -11.11 -18.94 0.77
CA ARG C 87 -10.30 -18.17 -0.20
C ARG C 87 -8.93 -17.70 0.33
N ALA C 88 -8.84 -17.38 1.61
CA ALA C 88 -7.55 -17.00 2.22
C ALA C 88 -6.56 -18.18 2.26
N ALA C 89 -7.06 -19.37 2.61
CA ALA C 89 -6.24 -20.58 2.57
C ALA C 89 -5.92 -20.95 1.12
N TYR C 90 -6.95 -20.91 0.26
CA TYR C 90 -6.80 -21.23 -1.16
C TYR C 90 -5.70 -20.41 -1.82
N ASN C 91 -5.85 -19.09 -1.75
CA ASN C 91 -4.91 -18.17 -2.40
C ASN C 91 -3.46 -18.32 -1.91
N ILE C 92 -3.26 -18.52 -0.61
CA ILE C 92 -1.93 -18.80 -0.06
C ILE C 92 -1.40 -20.16 -0.58
N GLY C 93 -2.29 -21.15 -0.67
CA GLY C 93 -1.96 -22.45 -1.25
C GLY C 93 -1.50 -22.32 -2.69
N VAL C 94 -2.17 -21.46 -3.47
CA VAL C 94 -1.76 -21.18 -4.85
C VAL C 94 -0.33 -20.67 -4.86
N LEU C 95 -0.07 -19.63 -4.07
CA LEU C 95 1.26 -19.03 -3.94
C LEU C 95 2.32 -20.05 -3.53
N ARG C 96 2.00 -20.85 -2.52
CA ARG C 96 2.88 -21.93 -2.03
C ARG C 96 3.21 -22.92 -3.14
N HIS C 97 2.18 -23.43 -3.83
CA HIS C 97 2.39 -24.37 -4.94
C HIS C 97 3.13 -23.77 -6.14
N LEU C 98 3.00 -22.48 -6.36
CA LEU C 98 3.82 -21.81 -7.35
C LEU C 98 5.27 -21.70 -6.90
N GLN C 99 5.47 -21.42 -5.60
CA GLN C 99 6.81 -21.40 -4.99
C GLN C 99 7.52 -22.74 -5.17
N VAL C 100 6.84 -23.87 -4.94
CA VAL C 100 7.52 -25.17 -5.15
C VAL C 100 7.88 -25.37 -6.62
N ILE C 101 6.99 -25.01 -7.53
CA ILE C 101 7.32 -25.10 -8.97
C ILE C 101 8.56 -24.26 -9.27
N PHE C 102 8.54 -22.99 -8.90
CA PHE C 102 9.72 -22.12 -9.08
C PHE C 102 10.94 -22.73 -8.39
N GLY C 103 10.72 -23.38 -7.24
CA GLY C 103 11.73 -24.20 -6.59
C GLY C 103 12.37 -25.17 -7.55
N HIS C 104 11.56 -26.01 -8.16
CA HIS C 104 12.09 -27.09 -9.01
C HIS C 104 12.66 -26.62 -10.34
N LEU C 105 12.09 -25.56 -10.90
CA LEU C 105 12.63 -24.99 -12.13
C LEU C 105 14.02 -24.38 -11.90
N ALA C 106 14.25 -23.80 -10.73
CA ALA C 106 15.57 -23.24 -10.39
C ALA C 106 16.61 -24.31 -10.09
N ALA C 107 16.17 -25.37 -9.39
CA ALA C 107 17.07 -26.37 -8.82
C ALA C 107 17.31 -27.55 -9.74
N SER C 108 16.23 -28.25 -10.09
CA SER C 108 16.27 -29.61 -10.67
C SER C 108 17.25 -29.79 -11.84
N ARG C 109 17.90 -30.94 -11.86
CA ARG C 109 18.70 -31.38 -13.00
C ARG C 109 17.88 -32.29 -13.91
N LEU C 110 16.67 -32.66 -13.49
CA LEU C 110 15.76 -33.45 -14.33
C LEU C 110 15.23 -32.61 -15.49
N GLN C 111 14.84 -33.30 -16.55
CA GLN C 111 14.43 -32.64 -17.79
C GLN C 111 13.11 -31.87 -17.63
N TYR C 112 12.18 -32.41 -16.85
CA TYR C 112 10.93 -31.71 -16.52
C TYR C 112 10.48 -31.98 -15.08
N TYR C 113 9.67 -31.06 -14.53
CA TYR C 113 9.02 -31.23 -13.22
C TYR C 113 7.54 -31.49 -13.42
N VAL C 114 6.97 -32.39 -12.63
CA VAL C 114 5.54 -32.72 -12.65
C VAL C 114 4.85 -31.98 -11.50
N PRO C 115 4.09 -30.91 -11.78
CA PRO C 115 3.53 -30.04 -10.73
C PRO C 115 2.19 -30.54 -10.18
N ARG C 116 2.21 -31.76 -9.64
CA ARG C 116 1.01 -32.45 -9.12
C ARG C 116 0.28 -31.63 -8.05
N GLY C 117 1.04 -30.91 -7.22
CA GLY C 117 0.46 -30.11 -6.13
C GLY C 117 -0.35 -28.91 -6.62
N PHE C 118 0.12 -28.30 -7.69
CA PHE C 118 -0.55 -27.19 -8.33
C PHE C 118 -1.88 -27.62 -8.97
N TRP C 119 -1.86 -28.75 -9.65
CA TRP C 119 -3.07 -29.25 -10.31
C TRP C 119 -4.18 -29.57 -9.31
N LYS C 120 -3.80 -30.12 -8.16
CA LYS C 120 -4.76 -30.44 -7.10
C LYS C 120 -5.30 -29.15 -6.47
N GLN C 121 -4.41 -28.18 -6.30
CA GLN C 121 -4.74 -26.93 -5.63
C GLN C 121 -5.56 -25.95 -6.45
N PHE C 122 -5.24 -25.80 -7.73
CA PHE C 122 -5.77 -24.71 -8.55
C PHE C 122 -7.24 -24.83 -8.99
N ARG C 123 -8.00 -23.76 -8.78
CA ARG C 123 -9.38 -23.63 -9.28
C ARG C 123 -9.53 -22.38 -10.15
N LEU C 124 -10.29 -22.51 -11.23
CA LEU C 124 -10.53 -21.42 -12.17
C LEU C 124 -11.94 -20.90 -11.98
N TRP C 125 -12.06 -19.70 -11.42
CA TRP C 125 -13.35 -19.07 -11.09
C TRP C 125 -14.25 -19.99 -10.26
N GLY C 126 -13.70 -20.50 -9.14
CA GLY C 126 -14.47 -21.32 -8.20
C GLY C 126 -14.46 -22.82 -8.48
N GLU C 127 -14.76 -23.21 -9.72
CA GLU C 127 -14.89 -24.63 -10.09
C GLU C 127 -13.55 -25.37 -10.08
N PRO C 128 -13.54 -26.65 -9.67
CA PRO C 128 -12.37 -27.51 -9.88
C PRO C 128 -12.03 -27.67 -11.36
N VAL C 129 -10.74 -27.68 -11.66
CA VAL C 129 -10.25 -27.73 -13.03
C VAL C 129 -10.17 -29.16 -13.56
N ASN C 130 -10.88 -29.41 -14.65
CA ASN C 130 -10.71 -30.59 -15.46
C ASN C 130 -9.38 -30.47 -16.21
N LEU C 131 -8.42 -31.31 -15.85
CA LEU C 131 -7.09 -31.29 -16.48
C LEU C 131 -7.06 -31.76 -17.95
N ARG C 132 -8.15 -32.35 -18.44
CA ARG C 132 -8.27 -32.74 -19.84
C ARG C 132 -8.80 -31.59 -20.73
N GLU C 133 -9.46 -30.59 -20.12
CA GLU C 133 -10.00 -29.46 -20.87
C GLU C 133 -8.94 -28.43 -21.22
N GLN C 134 -8.97 -27.95 -22.46
CA GLN C 134 -8.22 -26.76 -22.85
C GLN C 134 -8.92 -25.53 -22.24
N HIS C 135 -8.13 -24.49 -21.97
CA HIS C 135 -8.65 -23.22 -21.50
C HIS C 135 -7.90 -22.07 -22.16
N ASP C 136 -8.48 -20.88 -22.11
CA ASP C 136 -7.81 -19.66 -22.52
C ASP C 136 -6.63 -19.43 -21.56
N ALA C 137 -5.45 -19.29 -22.14
CA ALA C 137 -4.22 -19.06 -21.37
C ALA C 137 -4.25 -17.74 -20.62
N LEU C 138 -4.96 -16.75 -21.16
CA LEU C 138 -5.08 -15.45 -20.49
C LEU C 138 -6.07 -15.52 -19.31
N GLU C 139 -7.14 -16.26 -19.48
CA GLU C 139 -8.06 -16.57 -18.40
C GLU C 139 -7.33 -17.21 -17.21
N PHE C 140 -6.36 -18.09 -17.50
CA PHE C 140 -5.55 -18.72 -16.46
C PHE C 140 -4.69 -17.68 -15.78
N PHE C 141 -3.97 -16.91 -16.59
CA PHE C 141 -3.09 -15.83 -16.11
C PHE C 141 -3.80 -14.86 -15.18
N ASN C 142 -4.99 -14.41 -15.55
CA ASN C 142 -5.74 -13.45 -14.71
C ASN C 142 -6.10 -14.04 -13.37
N SER C 143 -6.56 -15.28 -13.38
CA SER C 143 -6.91 -15.96 -12.15
C SER C 143 -5.71 -16.13 -11.21
N LEU C 144 -4.57 -16.49 -11.81
CA LEU C 144 -3.33 -16.73 -11.09
C LEU C 144 -2.73 -15.45 -10.51
N VAL C 145 -2.64 -14.36 -11.29
CA VAL C 145 -2.09 -13.10 -10.73
C VAL C 145 -3.02 -12.55 -9.65
N ASP C 146 -4.34 -12.58 -9.88
CA ASP C 146 -5.29 -12.18 -8.84
C ASP C 146 -5.03 -12.94 -7.54
N SER C 147 -4.93 -14.27 -7.64
CA SER C 147 -4.71 -15.13 -6.46
C SER C 147 -3.41 -14.85 -5.74
N LEU C 148 -2.33 -14.68 -6.51
CA LEU C 148 -1.02 -14.36 -5.93
C LEU C 148 -1.05 -13.01 -5.22
N ASP C 149 -1.63 -11.99 -5.85
CA ASP C 149 -1.84 -10.69 -5.19
C ASP C 149 -2.68 -10.79 -3.91
N GLU C 150 -3.74 -11.61 -3.89
CA GLU C 150 -4.53 -11.80 -2.67
C GLU C 150 -3.72 -12.47 -1.55
N ALA C 151 -2.98 -13.52 -1.89
CA ALA C 151 -2.10 -14.20 -0.93
C ALA C 151 -1.09 -13.24 -0.30
N LEU C 152 -0.46 -12.43 -1.14
CA LEU C 152 0.56 -11.49 -0.71
C LEU C 152 -0.03 -10.37 0.18
N LYS C 153 -1.12 -9.75 -0.27
CA LYS C 153 -1.81 -8.73 0.53
C LYS C 153 -2.20 -9.28 1.92
N ALA C 154 -2.69 -10.50 1.95
CA ALA C 154 -3.10 -11.17 3.19
C ALA C 154 -1.92 -11.47 4.12
N LEU C 155 -0.73 -11.66 3.54
CA LEU C 155 0.50 -11.88 4.32
C LEU C 155 1.23 -10.58 4.74
N GLY C 156 0.67 -9.41 4.37
CA GLY C 156 1.23 -8.12 4.75
C GLY C 156 2.12 -7.46 3.72
N HIS C 157 2.31 -8.11 2.57
CA HIS C 157 3.24 -7.64 1.55
C HIS C 157 2.46 -6.93 0.47
N PRO C 158 3.15 -6.18 -0.42
CA PRO C 158 2.44 -5.54 -1.52
C PRO C 158 1.96 -6.55 -2.57
N ALA C 159 1.05 -6.08 -3.41
CA ALA C 159 0.52 -6.85 -4.52
C ALA C 159 1.61 -6.91 -5.59
N MET C 160 2.48 -7.91 -5.46
CA MET C 160 3.71 -7.98 -6.26
C MET C 160 3.44 -8.02 -7.76
N LEU C 161 2.56 -8.92 -8.18
CA LEU C 161 2.29 -9.08 -9.60
C LEU C 161 1.65 -7.85 -10.22
N SER C 162 0.77 -7.19 -9.48
CA SER C 162 0.23 -5.88 -9.88
C SER C 162 1.30 -4.78 -9.95
N LYS C 163 2.30 -4.84 -9.08
CA LYS C 163 3.39 -3.87 -9.16
C LYS C 163 4.21 -4.07 -10.44
N VAL C 164 4.42 -5.33 -10.85
CA VAL C 164 5.34 -5.65 -11.94
C VAL C 164 4.65 -5.67 -13.30
N LEU C 165 3.45 -6.24 -13.35
CA LEU C 165 2.65 -6.33 -14.61
C LEU C 165 1.53 -5.28 -14.78
N GLY C 166 1.23 -4.54 -13.72
CA GLY C 166 0.04 -3.68 -13.69
C GLY C 166 0.28 -2.25 -14.15
N GLY C 167 -0.54 -1.81 -15.09
CA GLY C 167 -0.51 -0.42 -15.56
C GLY C 167 -1.88 0.18 -15.38
N SER C 168 -2.09 1.35 -15.93
CA SER C 168 -3.41 1.95 -15.94
C SER C 168 -3.60 2.91 -17.10
N PHE C 169 -4.84 2.96 -17.57
CA PHE C 169 -5.25 3.91 -18.58
C PHE C 169 -5.81 5.13 -17.91
N ALA C 170 -5.84 6.22 -18.69
CA ALA C 170 -6.60 7.40 -18.39
C ALA C 170 -7.69 7.42 -19.46
N ASP C 171 -8.92 7.11 -19.05
CA ASP C 171 -10.07 7.11 -19.94
C ASP C 171 -10.53 8.55 -20.12
N GLN C 172 -10.10 9.16 -21.21
CA GLN C 172 -10.35 10.56 -21.49
C GLN C 172 -11.57 10.71 -22.39
N LYS C 173 -12.34 11.77 -22.13
CA LYS C 173 -13.42 12.14 -23.01
C LYS C 173 -13.27 13.62 -23.19
N ILE C 174 -12.96 14.04 -24.42
CA ILE C 174 -12.63 15.41 -24.72
C ILE C 174 -13.78 15.95 -25.54
N CYS C 175 -14.66 16.70 -24.90
CA CYS C 175 -15.81 17.27 -25.57
C CYS C 175 -15.31 18.35 -26.54
N GLN C 176 -15.77 18.29 -27.78
CA GLN C 176 -15.37 19.22 -28.84
C GLN C 176 -16.35 20.38 -29.04
N GLY C 177 -17.63 20.12 -28.77
CA GLY C 177 -18.68 21.15 -28.80
C GLY C 177 -18.89 21.92 -27.51
N CYS C 178 -18.02 21.72 -26.52
CA CYS C 178 -18.14 22.37 -25.22
C CYS C 178 -16.79 22.25 -24.52
N PRO C 179 -16.54 23.06 -23.47
CA PRO C 179 -15.22 23.10 -22.86
C PRO C 179 -14.96 22.03 -21.80
N HIS C 180 -15.84 21.04 -21.67
CA HIS C 180 -15.65 20.01 -20.67
C HIS C 180 -14.75 18.87 -21.15
N ARG C 181 -14.01 18.31 -20.19
CA ARG C 181 -13.15 17.16 -20.40
C ARG C 181 -13.41 16.23 -19.19
N TYR C 182 -13.54 14.92 -19.43
CA TYR C 182 -13.78 13.93 -18.37
C TYR C 182 -12.72 12.85 -18.42
N GLU C 183 -12.29 12.41 -17.23
CA GLU C 183 -11.12 11.55 -17.10
C GLU C 183 -11.29 10.64 -15.90
N CYS C 184 -11.06 9.34 -16.08
CA CYS C 184 -10.98 8.41 -14.96
C CYS C 184 -9.89 7.39 -15.22
N GLU C 185 -9.30 6.90 -14.13
CA GLU C 185 -8.25 5.89 -14.18
C GLU C 185 -8.88 4.51 -14.29
N GLU C 186 -8.38 3.68 -15.21
CA GLU C 186 -8.82 2.28 -15.34
C GLU C 186 -7.57 1.38 -15.38
N SER C 187 -7.45 0.47 -14.43
CA SER C 187 -6.26 -0.38 -14.33
C SER C 187 -6.32 -1.48 -15.39
N PHE C 188 -5.16 -2.00 -15.75
CA PHE C 188 -5.07 -3.15 -16.64
C PHE C 188 -3.96 -4.08 -16.22
N THR C 189 -4.14 -5.36 -16.48
CA THR C 189 -3.07 -6.37 -16.31
C THR C 189 -2.46 -6.77 -17.66
N THR C 190 -3.25 -6.70 -18.74
CA THR C 190 -2.71 -6.73 -20.10
C THR C 190 -3.18 -5.57 -20.98
N LEU C 191 -2.44 -5.31 -22.04
CA LEU C 191 -2.90 -4.43 -23.11
C LEU C 191 -3.52 -5.33 -24.15
N ASN C 192 -4.75 -5.04 -24.55
CA ASN C 192 -5.45 -5.85 -25.56
C ASN C 192 -5.49 -5.08 -26.86
N VAL C 193 -4.88 -5.64 -27.91
CA VAL C 193 -4.76 -4.93 -29.18
C VAL C 193 -5.47 -5.66 -30.30
N ASP C 194 -5.98 -4.89 -31.25
CA ASP C 194 -6.75 -5.41 -32.35
C ASP C 194 -5.80 -5.95 -33.43
N ILE C 195 -6.11 -7.16 -33.86
CA ILE C 195 -5.38 -7.93 -34.85
C ILE C 195 -6.02 -7.84 -36.23
N ARG C 196 -7.34 -7.66 -36.27
CA ARG C 196 -8.11 -7.84 -37.50
C ARG C 196 -8.00 -6.64 -38.41
N ASN C 197 -7.89 -5.44 -37.83
CA ASN C 197 -7.89 -4.17 -38.57
C ASN C 197 -6.54 -3.44 -38.57
N HIS C 198 -5.49 -4.12 -38.11
CA HIS C 198 -4.13 -3.60 -38.14
C HIS C 198 -3.14 -4.73 -38.43
N GLN C 199 -2.00 -4.36 -38.99
CA GLN C 199 -0.95 -5.31 -39.38
C GLN C 199 0.23 -5.30 -38.43
N ASN C 200 0.32 -4.31 -37.53
CA ASN C 200 1.43 -4.29 -36.60
C ASN C 200 1.17 -3.51 -35.33
N LEU C 201 1.97 -3.84 -34.33
CA LEU C 201 1.77 -3.39 -32.96
C LEU C 201 1.61 -1.89 -32.83
N LEU C 202 2.53 -1.15 -33.43
CA LEU C 202 2.53 0.31 -33.36
C LEU C 202 1.23 0.96 -33.86
N ASP C 203 0.75 0.54 -35.03
CA ASP C 203 -0.50 1.08 -35.58
C ASP C 203 -1.70 0.82 -34.65
N SER C 204 -1.69 -0.34 -34.00
CA SER C 204 -2.81 -0.75 -33.13
C SER C 204 -2.70 -0.14 -31.75
N LEU C 205 -1.48 0.14 -31.29
CA LEU C 205 -1.29 0.96 -30.10
C LEU C 205 -1.75 2.39 -30.40
N GLU C 206 -1.41 2.89 -31.57
CA GLU C 206 -1.90 4.19 -32.01
C GLU C 206 -3.41 4.33 -31.93
N GLN C 207 -4.13 3.26 -32.24
CA GLN C 207 -5.57 3.27 -32.18
C GLN C 207 -6.12 3.74 -30.82
N TYR C 208 -5.47 3.32 -29.75
CA TYR C 208 -5.80 3.76 -28.40
C TYR C 208 -5.84 5.29 -28.26
N VAL C 209 -4.85 5.94 -28.88
CA VAL C 209 -4.69 7.38 -28.84
C VAL C 209 -5.72 8.10 -29.71
N LYS C 210 -5.93 7.57 -30.92
CA LYS C 210 -6.84 8.18 -31.89
C LYS C 210 -8.26 8.19 -31.35
N GLY C 211 -8.66 7.06 -30.78
CA GLY C 211 -9.92 6.92 -30.09
C GLY C 211 -11.10 6.69 -31.02
N ASP C 212 -12.29 6.90 -30.47
CA ASP C 212 -13.54 6.88 -31.22
C ASP C 212 -14.23 8.25 -31.05
N LEU C 213 -14.80 8.75 -32.14
CA LEU C 213 -15.63 9.95 -32.12
C LEU C 213 -17.05 9.56 -31.82
N LEU C 214 -17.52 9.95 -30.63
CA LEU C 214 -18.92 9.81 -30.25
C LEU C 214 -19.59 11.05 -30.82
N GLU C 215 -20.42 10.87 -31.85
CA GLU C 215 -20.90 11.99 -32.68
C GLU C 215 -22.32 11.78 -33.21
N GLY C 216 -22.95 12.88 -33.61
CA GLY C 216 -24.35 12.87 -34.09
C GLY C 216 -25.35 12.40 -33.04
N ALA C 217 -26.09 11.34 -33.38
CA ALA C 217 -27.07 10.72 -32.48
C ALA C 217 -26.38 9.91 -31.40
N ASN C 218 -25.21 9.37 -31.73
CA ASN C 218 -24.38 8.61 -30.79
C ASN C 218 -23.40 9.49 -29.98
N ALA C 219 -23.68 10.80 -29.91
CA ALA C 219 -22.83 11.74 -29.20
C ALA C 219 -22.87 11.55 -27.69
N TYR C 220 -21.83 12.04 -27.03
CA TYR C 220 -21.64 11.91 -25.61
C TYR C 220 -22.53 12.87 -24.83
N HIS C 221 -23.10 12.37 -23.73
N HIS C 221 -23.13 12.38 -23.74
CA HIS C 221 -23.91 13.17 -22.82
CA HIS C 221 -23.92 13.24 -22.87
C HIS C 221 -23.01 13.94 -21.83
C HIS C 221 -23.02 13.94 -21.85
N CYS C 222 -22.83 15.24 -22.03
CA CYS C 222 -22.08 16.06 -21.07
C CYS C 222 -23.01 16.35 -19.90
N GLU C 223 -22.62 15.90 -18.71
CA GLU C 223 -23.46 16.01 -17.54
C GLU C 223 -23.62 17.46 -17.15
N LYS C 224 -22.53 18.21 -17.25
CA LYS C 224 -22.49 19.59 -16.81
C LYS C 224 -23.31 20.46 -17.78
N CYS C 225 -23.06 20.34 -19.07
CA CYS C 225 -23.82 21.07 -20.07
C CYS C 225 -25.27 20.58 -20.25
N ASN C 226 -25.59 19.39 -19.75
CA ASN C 226 -26.92 18.78 -19.91
C ASN C 226 -27.35 18.71 -21.39
N LYS C 227 -26.47 18.21 -22.24
CA LYS C 227 -26.76 18.00 -23.64
C LYS C 227 -25.84 16.97 -24.30
N LYS C 228 -26.21 16.53 -25.49
CA LYS C 228 -25.34 15.72 -26.34
C LYS C 228 -24.30 16.62 -27.00
N VAL C 229 -23.05 16.16 -27.05
CA VAL C 229 -21.91 16.95 -27.56
C VAL C 229 -20.92 16.02 -28.25
N ASP C 230 -20.41 16.43 -29.41
CA ASP C 230 -19.45 15.61 -30.13
C ASP C 230 -18.17 15.57 -29.30
N THR C 231 -17.62 14.36 -29.19
CA THR C 231 -16.60 14.07 -28.20
C THR C 231 -15.62 12.99 -28.68
N VAL C 232 -14.33 13.22 -28.46
CA VAL C 232 -13.32 12.16 -28.59
C VAL C 232 -13.27 11.38 -27.28
N LYS C 233 -13.47 10.06 -27.36
CA LYS C 233 -13.19 9.14 -26.26
C LYS C 233 -11.91 8.40 -26.62
N ARG C 234 -10.92 8.48 -25.73
CA ARG C 234 -9.66 7.78 -25.93
C ARG C 234 -9.09 7.25 -24.61
N LEU C 235 -8.15 6.31 -24.74
CA LEU C 235 -7.41 5.73 -23.61
C LEU C 235 -5.95 6.01 -23.82
N LEU C 236 -5.35 6.79 -22.94
CA LEU C 236 -3.90 6.98 -22.89
C LEU C 236 -3.38 6.18 -21.71
N ILE C 237 -2.12 5.81 -21.73
CA ILE C 237 -1.49 5.04 -20.64
C ILE C 237 -0.94 6.00 -19.61
N LYS C 238 -1.47 5.90 -18.40
CA LYS C 238 -1.09 6.75 -17.29
C LYS C 238 0.17 6.20 -16.65
N LYS C 239 0.13 4.93 -16.25
CA LYS C 239 1.27 4.24 -15.64
C LYS C 239 1.70 3.05 -16.50
N LEU C 240 2.97 3.02 -16.85
CA LEU C 240 3.63 1.92 -17.58
C LEU C 240 4.25 0.94 -16.58
N PRO C 241 3.93 -0.36 -16.68
CA PRO C 241 4.51 -1.34 -15.77
C PRO C 241 5.96 -1.73 -16.14
N PRO C 242 6.71 -2.32 -15.20
CA PRO C 242 8.03 -2.88 -15.52
C PRO C 242 8.00 -4.04 -16.51
N VAL C 243 6.96 -4.87 -16.46
CA VAL C 243 6.70 -5.84 -17.54
C VAL C 243 5.32 -5.59 -18.16
N LEU C 244 5.30 -5.51 -19.49
CA LEU C 244 4.12 -5.20 -20.24
C LEU C 244 3.67 -6.45 -21.00
N ALA C 245 2.54 -7.01 -20.57
CA ALA C 245 1.93 -8.17 -21.21
C ALA C 245 0.85 -7.72 -22.21
N ILE C 246 0.96 -8.13 -23.47
CA ILE C 246 0.11 -7.59 -24.56
C ILE C 246 -0.66 -8.71 -25.21
N GLN C 247 -1.98 -8.68 -25.10
CA GLN C 247 -2.83 -9.68 -25.73
C GLN C 247 -3.14 -9.27 -27.15
N LEU C 248 -2.88 -10.18 -28.08
CA LEU C 248 -3.32 -10.04 -29.48
C LEU C 248 -4.68 -10.72 -29.58
N LYS C 249 -5.74 -9.94 -29.83
CA LYS C 249 -7.13 -10.46 -29.80
C LYS C 249 -7.50 -11.38 -30.99
N ARG C 250 -6.94 -12.57 -30.94
CA ARG C 250 -7.13 -13.54 -32.01
C ARG C 250 -8.38 -14.43 -31.90
N PHE C 251 -9.15 -14.33 -30.82
CA PHE C 251 -10.27 -15.26 -30.59
C PHE C 251 -11.63 -14.59 -30.44
N ASP C 252 -12.65 -15.18 -31.07
CA ASP C 252 -14.03 -14.69 -30.96
C ASP C 252 -15.03 -15.85 -31.14
N TYR C 253 -16.32 -15.55 -31.14
CA TYR C 253 -17.35 -16.53 -31.44
C TYR C 253 -17.91 -16.19 -32.81
N ASP C 254 -18.24 -17.23 -33.58
CA ASP C 254 -18.98 -17.12 -34.84
C ASP C 254 -20.40 -17.63 -34.66
N TRP C 255 -21.38 -16.76 -34.93
CA TRP C 255 -22.81 -17.06 -34.69
C TRP C 255 -23.37 -18.05 -35.73
N GLU C 256 -23.04 -17.83 -37.01
CA GLU C 256 -23.39 -18.76 -38.08
C GLU C 256 -23.07 -20.22 -37.75
N ARG C 257 -21.83 -20.47 -37.33
CA ARG C 257 -21.32 -21.85 -37.10
C ARG C 257 -21.36 -22.34 -35.64
N GLU C 258 -22.00 -21.60 -34.73
CA GLU C 258 -22.24 -22.03 -33.33
C GLU C 258 -20.97 -22.41 -32.54
N CYS C 259 -19.83 -21.78 -32.88
CA CYS C 259 -18.54 -22.19 -32.31
C CYS C 259 -17.54 -21.04 -32.18
N ALA C 260 -16.56 -21.25 -31.31
CA ALA C 260 -15.45 -20.31 -31.14
C ALA C 260 -14.58 -20.34 -32.39
N ILE C 261 -13.97 -19.20 -32.71
CA ILE C 261 -13.06 -19.11 -33.86
C ILE C 261 -11.81 -18.29 -33.58
N LYS C 262 -10.82 -18.52 -34.44
CA LYS C 262 -9.51 -17.92 -34.34
C LYS C 262 -9.20 -17.13 -35.60
N PHE C 263 -8.81 -15.88 -35.43
CA PHE C 263 -8.26 -15.07 -36.50
C PHE C 263 -6.75 -15.24 -36.51
N ASN C 264 -6.24 -15.84 -37.58
CA ASN C 264 -4.82 -16.03 -37.80
C ASN C 264 -4.19 -14.95 -38.71
N ASP C 265 -4.78 -13.75 -38.74
CA ASP C 265 -4.26 -12.66 -39.58
C ASP C 265 -2.80 -12.37 -39.25
N TYR C 266 -2.10 -11.88 -40.27
CA TYR C 266 -0.74 -11.39 -40.15
C TYR C 266 -0.70 -10.20 -39.21
N PHE C 267 0.18 -10.27 -38.22
CA PHE C 267 0.38 -9.17 -37.28
C PHE C 267 1.81 -9.23 -36.80
N GLU C 268 2.55 -8.17 -37.05
CA GLU C 268 3.97 -8.14 -36.68
C GLU C 268 4.18 -7.22 -35.47
N PHE C 269 5.23 -7.54 -34.72
CA PHE C 269 5.60 -6.78 -33.52
C PHE C 269 7.12 -6.77 -33.46
N PRO C 270 7.70 -5.67 -32.93
CA PRO C 270 9.14 -5.48 -32.86
C PRO C 270 9.81 -6.03 -31.58
N ARG C 271 11.13 -6.15 -31.66
CA ARG C 271 11.97 -6.58 -30.55
C ARG C 271 12.19 -5.47 -29.53
N GLU C 272 12.12 -4.22 -29.98
CA GLU C 272 12.34 -3.04 -29.15
C GLU C 272 11.16 -2.10 -29.36
N LEU C 273 10.59 -1.59 -28.28
CA LEU C 273 9.31 -0.87 -28.28
C LEU C 273 9.32 0.39 -27.42
N ASP C 274 9.10 1.54 -28.04
CA ASP C 274 8.92 2.82 -27.33
C ASP C 274 7.44 3.15 -27.07
N MET C 275 7.05 3.18 -25.79
CA MET C 275 5.63 3.41 -25.38
C MET C 275 5.27 4.87 -25.10
N GLU C 276 6.23 5.78 -25.23
CA GLU C 276 6.01 7.20 -24.95
C GLU C 276 4.82 7.83 -25.72
N PRO C 277 4.68 7.55 -27.04
CA PRO C 277 3.59 8.18 -27.81
C PRO C 277 2.17 7.78 -27.40
N TYR C 278 2.04 6.76 -26.55
CA TYR C 278 0.73 6.28 -26.10
C TYR C 278 0.43 6.66 -24.66
N THR C 279 1.35 7.35 -24.01
CA THR C 279 1.20 7.72 -22.62
C THR C 279 0.58 9.10 -22.51
N VAL C 280 0.10 9.41 -21.31
CA VAL C 280 -0.45 10.73 -20.99
C VAL C 280 0.58 11.83 -21.28
N ALA C 281 1.74 11.76 -20.66
CA ALA C 281 2.76 12.82 -20.84
C ALA C 281 3.14 12.94 -22.32
N GLY C 282 3.41 11.82 -22.97
CA GLY C 282 3.81 11.84 -24.38
C GLY C 282 2.86 12.57 -25.29
N VAL C 283 1.56 12.38 -25.05
CA VAL C 283 0.52 13.12 -25.77
C VAL C 283 0.47 14.58 -25.28
N ALA C 284 0.68 14.80 -23.98
CA ALA C 284 0.81 16.16 -23.43
C ALA C 284 2.01 16.94 -24.01
N LYS C 285 3.10 16.24 -24.34
CA LYS C 285 4.19 16.84 -25.10
C LYS C 285 3.71 17.22 -26.50
N LEU C 286 3.03 16.29 -27.17
CA LEU C 286 2.51 16.51 -28.54
C LEU C 286 1.31 17.48 -28.66
N GLU C 287 0.83 18.06 -27.55
CA GLU C 287 -0.35 18.96 -27.57
C GLU C 287 -0.06 20.35 -26.99
N GLY C 310 11.77 7.81 -15.40
CA GLY C 310 11.58 6.40 -15.72
C GLY C 310 11.46 6.16 -17.22
N SER C 311 12.14 5.11 -17.71
CA SER C 311 12.17 4.81 -19.15
C SER C 311 10.78 4.47 -19.70
N THR C 312 10.54 4.83 -20.96
CA THR C 312 9.34 4.43 -21.69
C THR C 312 9.68 3.46 -22.83
N LYS C 313 10.92 2.95 -22.83
CA LYS C 313 11.41 2.00 -23.82
C LYS C 313 11.37 0.57 -23.26
N TYR C 314 11.06 -0.39 -24.13
CA TYR C 314 10.86 -1.78 -23.74
C TYR C 314 11.58 -2.73 -24.68
N ARG C 315 12.13 -3.79 -24.11
CA ARG C 315 12.73 -4.93 -24.84
C ARG C 315 11.76 -6.13 -24.79
N LEU C 316 11.48 -6.72 -25.95
CA LEU C 316 10.68 -7.95 -26.02
C LEU C 316 11.44 -9.10 -25.37
N VAL C 317 10.81 -9.81 -24.45
CA VAL C 317 11.44 -10.91 -23.74
C VAL C 317 10.67 -12.20 -23.86
N GLY C 318 9.49 -12.17 -24.47
CA GLY C 318 8.55 -13.27 -24.36
C GLY C 318 7.48 -13.29 -25.40
N VAL C 319 7.18 -14.47 -25.94
CA VAL C 319 6.05 -14.66 -26.85
C VAL C 319 5.34 -15.97 -26.51
N LEU C 320 4.15 -15.86 -25.92
CA LEU C 320 3.29 -16.99 -25.68
C LEU C 320 2.48 -17.23 -26.95
N VAL C 321 2.83 -18.32 -27.64
CA VAL C 321 2.25 -18.71 -28.92
C VAL C 321 1.09 -19.66 -28.70
N HIS C 322 0.07 -19.59 -29.56
CA HIS C 322 -1.00 -20.61 -29.64
C HIS C 322 -1.02 -21.25 -31.02
N SER C 323 -1.17 -22.57 -31.05
CA SER C 323 -1.17 -23.32 -32.29
C SER C 323 -2.41 -24.17 -32.42
N GLY C 324 -3.15 -23.93 -33.50
CA GLY C 324 -4.26 -24.78 -33.94
C GLY C 324 -5.62 -24.16 -33.74
N GLN C 325 -6.60 -25.00 -33.40
CA GLN C 325 -8.01 -24.59 -33.37
C GLN C 325 -8.36 -23.77 -32.14
N ALA C 326 -9.36 -22.91 -32.32
CA ALA C 326 -9.84 -22.00 -31.29
C ALA C 326 -10.13 -22.66 -29.95
N SER C 327 -10.81 -23.80 -29.96
CA SER C 327 -11.22 -24.45 -28.69
C SER C 327 -10.30 -25.57 -28.21
N GLY C 328 -9.33 -25.96 -29.04
CA GLY C 328 -8.29 -26.90 -28.65
C GLY C 328 -6.96 -26.24 -28.94
N GLY C 329 -6.10 -26.95 -29.65
CA GLY C 329 -4.79 -26.40 -30.00
C GLY C 329 -3.84 -26.52 -28.84
N HIS C 330 -2.73 -25.81 -28.96
CA HIS C 330 -1.60 -26.06 -28.08
C HIS C 330 -0.88 -24.75 -27.84
N TYR C 331 -0.50 -24.50 -26.59
CA TYR C 331 0.30 -23.36 -26.21
C TYR C 331 1.74 -23.75 -25.88
N TYR C 332 2.67 -22.87 -26.20
CA TYR C 332 4.07 -22.97 -25.79
C TYR C 332 4.63 -21.56 -25.78
N SER C 333 5.84 -21.39 -25.24
CA SER C 333 6.39 -20.06 -24.99
C SER C 333 7.84 -19.91 -25.45
N TYR C 334 8.10 -18.98 -26.36
CA TYR C 334 9.45 -18.54 -26.70
C TYR C 334 9.87 -17.52 -25.68
N ILE C 335 11.01 -17.71 -25.03
CA ILE C 335 11.48 -16.77 -24.02
C ILE C 335 12.97 -16.49 -24.20
N ILE C 336 13.35 -15.25 -23.93
CA ILE C 336 14.72 -14.80 -24.11
C ILE C 336 15.56 -15.20 -22.90
N GLN C 337 16.82 -15.57 -23.16
CA GLN C 337 17.82 -15.87 -22.11
C GLN C 337 18.56 -14.61 -21.68
N ARG C 338 18.26 -14.13 -20.48
CA ARG C 338 18.89 -12.93 -19.92
C ARG C 338 20.29 -13.27 -19.34
N ARG C 347 19.72 -14.40 -27.09
CA ARG C 347 19.45 -15.83 -27.26
C ARG C 347 18.10 -16.32 -26.69
N TRP C 348 17.35 -17.06 -27.51
CA TRP C 348 15.99 -17.50 -27.21
C TRP C 348 15.88 -19.01 -27.03
N TYR C 349 14.84 -19.42 -26.30
CA TYR C 349 14.56 -20.83 -26.03
C TYR C 349 13.05 -21.08 -26.14
N LYS C 350 12.69 -22.28 -26.59
CA LYS C 350 11.29 -22.66 -26.80
C LYS C 350 10.87 -23.58 -25.69
N PHE C 351 9.93 -23.12 -24.87
CA PHE C 351 9.42 -23.89 -23.74
C PHE C 351 8.10 -24.51 -24.15
N ASP C 352 8.18 -25.80 -24.50
CA ASP C 352 7.04 -26.56 -24.99
C ASP C 352 6.80 -27.73 -24.06
N ASP C 353 6.02 -27.48 -23.01
CA ASP C 353 5.74 -28.45 -21.94
C ASP C 353 7.05 -29.07 -21.41
N GLY C 354 7.27 -30.38 -21.59
CA GLY C 354 8.42 -31.04 -20.99
C GLY C 354 9.76 -30.74 -21.67
N ASP C 355 9.70 -30.28 -22.91
CA ASP C 355 10.89 -30.04 -23.71
C ASP C 355 11.16 -28.56 -23.84
N VAL C 356 12.33 -28.15 -23.34
CA VAL C 356 12.84 -26.79 -23.50
C VAL C 356 13.99 -26.83 -24.50
N THR C 357 13.75 -26.34 -25.71
CA THR C 357 14.72 -26.49 -26.81
C THR C 357 15.28 -25.15 -27.28
N GLU C 358 16.49 -25.19 -27.83
CA GLU C 358 17.03 -24.06 -28.58
C GLU C 358 16.13 -23.73 -29.78
N CYS C 359 16.23 -22.50 -30.26
CA CYS C 359 15.47 -22.05 -31.43
C CYS C 359 16.16 -20.89 -32.11
N LYS C 360 15.68 -20.53 -33.30
CA LYS C 360 16.27 -19.45 -34.10
C LYS C 360 15.49 -18.14 -34.00
N MET C 361 14.86 -17.84 -32.86
CA MET C 361 14.07 -16.61 -32.69
C MET C 361 14.86 -15.30 -32.81
N ASP C 362 16.18 -15.34 -32.67
CA ASP C 362 17.03 -14.19 -33.00
C ASP C 362 16.96 -13.75 -34.48
N ASP C 363 16.64 -14.68 -35.37
CA ASP C 363 16.51 -14.40 -36.81
C ASP C 363 15.09 -13.88 -37.11
N ASP C 364 15.00 -12.88 -37.97
CA ASP C 364 13.71 -12.21 -38.25
C ASP C 364 12.77 -13.04 -39.11
N GLU C 365 13.31 -13.83 -40.03
CA GLU C 365 12.47 -14.75 -40.80
C GLU C 365 11.81 -15.80 -39.91
N GLU C 366 12.54 -16.28 -38.90
CA GLU C 366 12.01 -17.31 -38.01
C GLU C 366 10.97 -16.73 -37.06
N MET C 367 11.29 -15.58 -36.46
CA MET C 367 10.32 -14.77 -35.72
C MET C 367 9.02 -14.62 -36.52
N LYS C 368 9.16 -14.25 -37.79
CA LYS C 368 8.01 -14.03 -38.68
C LYS C 368 7.20 -15.29 -38.95
N ASN C 369 7.87 -16.35 -39.38
CA ASN C 369 7.20 -17.62 -39.70
C ASN C 369 6.54 -18.29 -38.50
N GLN C 370 7.17 -18.15 -37.33
CA GLN C 370 6.68 -18.80 -36.13
C GLN C 370 5.61 -17.99 -35.38
N CYS C 371 5.61 -16.66 -35.50
CA CYS C 371 4.77 -15.80 -34.64
C CYS C 371 3.81 -14.81 -35.28
N PHE C 372 4.10 -14.33 -36.49
CA PHE C 372 3.35 -13.21 -37.06
C PHE C 372 2.05 -13.63 -37.72
N GLY C 373 1.91 -14.91 -38.04
CA GLY C 373 0.68 -15.42 -38.62
C GLY C 373 0.60 -15.07 -40.08
N GLY C 374 -0.62 -15.00 -40.60
CA GLY C 374 -0.86 -14.61 -41.99
C GLY C 374 -0.95 -15.78 -42.93
N GLU C 375 -1.32 -15.51 -44.17
CA GLU C 375 -1.46 -16.57 -45.18
C GLU C 375 -0.16 -16.78 -45.98
N TYR C 376 0.00 -17.99 -46.49
CA TYR C 376 1.05 -18.32 -47.47
C TYR C 376 0.58 -19.35 -48.48
N MET C 377 1.37 -19.53 -49.52
CA MET C 377 1.15 -20.55 -50.53
C MET C 377 1.89 -21.81 -50.11
N GLY C 378 1.15 -22.79 -49.61
CA GLY C 378 1.72 -24.07 -49.25
C GLY C 378 2.07 -24.88 -50.48
N GLU C 379 3.21 -25.57 -50.43
CA GLU C 379 3.63 -26.49 -51.50
C GLU C 379 3.55 -27.90 -50.89
N VAL C 380 2.61 -28.69 -51.39
CA VAL C 380 2.27 -29.97 -50.80
C VAL C 380 2.79 -31.07 -51.70
N PHE C 381 3.46 -32.07 -51.12
CA PHE C 381 3.96 -33.22 -51.87
C PHE C 381 3.49 -34.53 -51.24
N ASP C 382 3.21 -35.53 -52.11
CA ASP C 382 2.35 -36.68 -51.77
C ASP C 382 2.96 -38.10 -51.96
N HIS C 383 3.06 -38.58 -53.21
CA HIS C 383 3.39 -40.01 -53.45
C HIS C 383 4.86 -40.32 -53.13
N LYS C 386 4.76 -37.98 -56.75
CA LYS C 386 3.98 -37.78 -57.96
C LYS C 386 3.31 -36.40 -57.95
N ARG C 387 2.41 -36.19 -56.99
CA ARG C 387 1.60 -34.97 -56.92
C ARG C 387 2.36 -33.85 -56.22
N MET C 388 2.31 -32.66 -56.81
CA MET C 388 2.92 -31.44 -56.27
C MET C 388 1.90 -30.33 -56.42
N SER C 389 0.94 -30.29 -55.50
CA SER C 389 -0.14 -29.28 -55.49
C SER C 389 0.28 -27.99 -54.78
N TYR C 390 -0.41 -26.90 -55.09
CA TYR C 390 -0.15 -25.59 -54.50
C TYR C 390 -1.48 -24.98 -54.04
N ARG C 391 -1.67 -24.99 -52.72
CA ARG C 391 -2.90 -24.53 -52.09
C ARG C 391 -2.55 -23.42 -51.10
N ARG C 392 -3.36 -22.35 -51.10
CA ARG C 392 -3.23 -21.26 -50.14
C ARG C 392 -3.52 -21.78 -48.74
N GLN C 393 -2.74 -21.36 -47.75
CA GLN C 393 -2.89 -21.86 -46.38
C GLN C 393 -2.61 -20.83 -45.30
N LYS C 394 -3.15 -21.05 -44.12
CA LYS C 394 -2.97 -20.15 -42.97
C LYS C 394 -1.91 -20.65 -42.02
N ARG C 395 -1.08 -19.74 -41.52
CA ARG C 395 -0.27 -20.02 -40.33
C ARG C 395 -1.18 -20.03 -39.09
N TRP C 396 -1.63 -21.21 -38.68
CA TRP C 396 -2.46 -21.33 -37.48
C TRP C 396 -1.67 -21.36 -36.14
N TRP C 397 -0.35 -21.19 -36.24
CA TRP C 397 0.55 -21.03 -35.11
C TRP C 397 0.94 -19.56 -35.12
N ASN C 398 0.80 -18.89 -33.98
CA ASN C 398 1.10 -17.45 -33.90
C ASN C 398 1.05 -16.91 -32.48
N ALA C 399 1.65 -15.74 -32.30
CA ALA C 399 1.64 -15.03 -31.05
C ALA C 399 0.23 -14.73 -30.56
N TYR C 400 0.01 -15.04 -29.29
CA TYR C 400 -1.19 -14.64 -28.57
C TYR C 400 -0.86 -13.53 -27.54
N ILE C 401 0.21 -13.72 -26.76
CA ILE C 401 0.60 -12.78 -25.72
C ILE C 401 2.08 -12.40 -25.82
N LEU C 402 2.35 -11.11 -25.90
CA LEU C 402 3.73 -10.61 -25.94
C LEU C 402 4.10 -10.05 -24.58
N PHE C 403 5.32 -10.33 -24.13
CA PHE C 403 5.83 -9.83 -22.88
C PHE C 403 7.01 -8.95 -23.21
N TYR C 404 6.86 -7.67 -22.91
CA TYR C 404 7.94 -6.69 -23.06
C TYR C 404 8.45 -6.27 -21.68
N GLU C 405 9.76 -6.15 -21.55
CA GLU C 405 10.39 -5.73 -20.29
C GLU C 405 11.00 -4.34 -20.44
N ARG C 406 10.65 -3.45 -19.52
CA ARG C 406 11.11 -2.05 -19.56
C ARG C 406 12.62 -1.98 -19.30
N MET C 407 13.30 -1.03 -19.93
CA MET C 407 14.77 -0.98 -19.94
C MET C 407 15.41 -0.65 -18.57
N ASP C 408 14.70 0.11 -17.74
CA ASP C 408 15.17 0.46 -16.39
C ASP C 408 14.83 -0.58 -15.30
N THR C 409 14.35 -1.76 -15.69
CA THR C 409 13.82 -2.73 -14.73
C THR C 409 14.95 -3.43 -13.96
N GLN C 412 15.51 -8.62 -8.81
CA GLN C 412 15.64 -8.42 -7.37
C GLN C 412 15.42 -6.96 -6.96
N ASP C 413 14.20 -6.66 -6.50
CA ASP C 413 13.86 -5.36 -5.92
C ASP C 413 13.27 -5.63 -4.54
N ASP C 414 13.95 -5.14 -3.50
CA ASP C 414 13.51 -5.35 -2.11
C ASP C 414 12.14 -4.72 -1.78
N GLU C 415 11.85 -3.55 -2.37
CA GLU C 415 10.59 -2.83 -2.17
C GLU C 415 9.30 -3.54 -2.65
N LEU C 416 9.46 -4.68 -3.34
CA LEU C 416 8.35 -5.58 -3.68
C LEU C 416 7.97 -6.58 -2.57
N ILE C 417 8.92 -6.83 -1.67
CA ILE C 417 8.80 -7.84 -0.60
C ILE C 417 8.71 -7.19 0.80
N ARG C 418 8.83 -5.86 0.89
CA ARG C 418 8.69 -5.15 2.17
C ARG C 418 7.30 -5.33 2.79
N TYR C 419 7.19 -5.14 4.10
CA TYR C 419 5.87 -5.14 4.74
C TYR C 419 5.16 -3.80 4.54
N ILE C 420 3.86 -3.86 4.28
CA ILE C 420 3.00 -2.67 4.21
C ILE C 420 1.78 -2.72 5.14
N SER C 421 1.33 -3.91 5.51
CA SER C 421 0.17 -4.05 6.39
C SER C 421 0.31 -5.29 7.29
N GLY D 6 -44.90 37.32 2.75
CA GLY D 6 -43.91 38.40 2.46
C GLY D 6 -42.59 37.92 1.87
N PHE D 7 -42.68 37.26 0.71
CA PHE D 7 -41.49 36.83 -0.02
C PHE D 7 -41.10 37.87 -1.06
N VAL D 8 -39.79 37.97 -1.33
CA VAL D 8 -39.26 38.93 -2.28
C VAL D 8 -38.97 38.26 -3.64
N GLY D 9 -39.36 38.94 -4.71
CA GLY D 9 -39.12 38.46 -6.07
C GLY D 9 -37.73 38.78 -6.59
N LEU D 10 -37.49 38.45 -7.85
CA LEU D 10 -36.24 38.79 -8.54
C LEU D 10 -36.51 39.31 -9.94
N LYS D 11 -35.91 40.45 -10.28
CA LYS D 11 -36.11 41.07 -11.59
C LYS D 11 -35.48 40.22 -12.70
N ASN D 12 -36.22 40.07 -13.79
CA ASN D 12 -35.75 39.42 -15.01
C ASN D 12 -35.07 40.46 -15.89
N ALA D 13 -33.79 40.27 -16.18
CA ALA D 13 -33.02 41.15 -17.07
C ALA D 13 -33.46 41.10 -18.53
N GLY D 14 -34.13 40.03 -18.93
CA GLY D 14 -34.57 39.86 -20.33
C GLY D 14 -35.01 38.44 -20.58
N ALA D 15 -34.08 37.51 -20.38
CA ALA D 15 -34.39 36.09 -20.35
C ALA D 15 -33.56 35.39 -19.27
N THR D 16 -33.60 35.93 -18.04
CA THR D 16 -32.88 35.39 -16.90
C THR D 16 -33.81 34.70 -15.87
N CYS D 17 -35.01 34.31 -16.30
CA CYS D 17 -35.92 33.53 -15.45
C CYS D 17 -35.30 32.20 -15.02
N TYR D 18 -34.44 31.65 -15.89
CA TYR D 18 -33.65 30.45 -15.57
C TYR D 18 -32.72 30.63 -14.36
N MET D 19 -32.19 31.85 -14.19
CA MET D 19 -31.42 32.20 -12.99
C MET D 19 -32.34 32.28 -11.79
N ASN D 20 -33.40 33.07 -11.93
CA ASN D 20 -34.30 33.36 -10.80
C ASN D 20 -34.95 32.09 -10.30
N SER D 21 -35.52 31.32 -11.23
CA SER D 21 -36.19 30.05 -10.90
C SER D 21 -35.33 29.14 -10.03
N VAL D 22 -34.03 29.11 -10.32
CA VAL D 22 -33.04 28.28 -9.60
C VAL D 22 -32.59 28.93 -8.30
N ILE D 23 -32.16 30.18 -8.36
CA ILE D 23 -31.70 30.93 -7.17
C ILE D 23 -32.75 30.91 -6.06
N GLN D 24 -33.98 31.24 -6.43
CA GLN D 24 -35.13 31.23 -5.50
C GLN D 24 -35.41 29.85 -4.90
N GLN D 25 -35.08 28.81 -5.65
CA GLN D 25 -35.25 27.44 -5.22
C GLN D 25 -34.16 27.02 -4.21
N LEU D 26 -32.96 27.57 -4.38
CA LEU D 26 -31.85 27.38 -3.44
C LEU D 26 -32.03 28.26 -2.19
N TYR D 27 -32.65 29.42 -2.35
CA TYR D 27 -32.88 30.33 -1.21
C TYR D 27 -33.80 29.67 -0.21
N MET D 28 -34.82 28.98 -0.72
CA MET D 28 -35.79 28.28 0.11
C MET D 28 -35.33 26.93 0.68
N ILE D 29 -34.07 26.55 0.52
CA ILE D 29 -33.52 25.38 1.22
C ILE D 29 -32.88 25.92 2.50
N PRO D 30 -33.52 25.70 3.68
CA PRO D 30 -33.01 26.28 4.93
C PRO D 30 -31.51 26.11 5.13
N SER D 31 -31.00 24.89 4.97
CA SER D 31 -29.60 24.58 5.18
C SER D 31 -28.66 25.26 4.18
N ILE D 32 -29.13 25.51 2.96
CA ILE D 32 -28.33 26.21 1.95
C ILE D 32 -28.38 27.72 2.15
N ARG D 33 -29.56 28.24 2.46
CA ARG D 33 -29.71 29.65 2.78
C ARG D 33 -28.77 30.05 3.90
N ASN D 34 -28.93 29.38 5.05
CA ASN D 34 -28.17 29.67 6.28
C ASN D 34 -26.68 29.35 6.16
N GLY D 35 -26.34 28.37 5.33
CA GLY D 35 -24.94 28.04 5.07
C GLY D 35 -24.27 29.16 4.31
N ILE D 36 -24.94 29.62 3.25
CA ILE D 36 -24.42 30.71 2.42
C ILE D 36 -24.34 32.00 3.24
N LEU D 37 -25.41 32.29 4.00
CA LEU D 37 -25.45 33.49 4.85
C LEU D 37 -24.51 33.48 6.06
N ALA D 38 -23.79 32.39 6.30
CA ALA D 38 -22.79 32.31 7.38
C ALA D 38 -21.34 32.46 6.91
N ILE D 39 -21.12 32.77 5.62
CA ILE D 39 -19.76 32.75 5.02
C ILE D 39 -19.18 34.14 4.75
N GLU D 40 -18.36 34.63 5.68
CA GLU D 40 -17.61 35.90 5.51
C GLU D 40 -16.12 35.65 5.72
N LYS D 83 -4.61 32.77 -15.19
CA LYS D 83 -5.69 31.96 -15.74
C LYS D 83 -6.39 31.19 -14.62
N THR D 84 -5.66 30.29 -13.97
CA THR D 84 -6.18 29.55 -12.80
C THR D 84 -6.22 30.40 -11.52
N GLU D 85 -5.46 31.51 -11.49
CA GLU D 85 -5.53 32.49 -10.40
C GLU D 85 -6.87 33.26 -10.40
N ASP D 86 -7.31 33.67 -11.59
CA ASP D 86 -8.60 34.36 -11.77
C ASP D 86 -9.83 33.43 -11.61
N ARG D 87 -9.64 32.11 -11.80
CA ARG D 87 -10.70 31.12 -11.58
C ARG D 87 -11.17 31.10 -10.13
N ALA D 88 -10.22 31.02 -9.19
CA ALA D 88 -10.50 31.10 -7.76
C ALA D 88 -11.14 32.44 -7.35
N ALA D 89 -10.66 33.54 -7.96
CA ALA D 89 -11.19 34.88 -7.67
C ALA D 89 -12.60 35.07 -8.24
N TYR D 90 -12.81 34.55 -9.45
CA TYR D 90 -14.15 34.51 -10.07
C TYR D 90 -15.18 33.82 -9.17
N ASN D 91 -14.85 32.61 -8.74
CA ASN D 91 -15.78 31.81 -7.92
C ASN D 91 -16.17 32.48 -6.60
N ILE D 92 -15.23 33.15 -5.95
CA ILE D 92 -15.52 33.83 -4.69
C ILE D 92 -16.45 35.05 -4.95
N GLY D 93 -16.24 35.74 -6.07
CA GLY D 93 -17.20 36.75 -6.54
C GLY D 93 -18.61 36.21 -6.62
N VAL D 94 -18.73 35.02 -7.23
CA VAL D 94 -20.04 34.35 -7.42
C VAL D 94 -20.70 34.02 -6.09
N LEU D 95 -19.94 33.43 -5.17
CA LEU D 95 -20.44 33.16 -3.81
C LEU D 95 -20.82 34.45 -3.11
N ARG D 96 -19.90 35.42 -3.11
CA ARG D 96 -20.18 36.74 -2.51
C ARG D 96 -21.48 37.33 -3.05
N HIS D 97 -21.62 37.36 -4.37
CA HIS D 97 -22.82 37.95 -5.01
C HIS D 97 -24.13 37.21 -4.73
N LEU D 98 -24.07 35.88 -4.63
CA LEU D 98 -25.24 35.11 -4.22
C LEU D 98 -25.64 35.45 -2.79
N GLN D 99 -24.63 35.60 -1.92
CA GLN D 99 -24.84 36.01 -0.52
C GLN D 99 -25.61 37.32 -0.44
N VAL D 100 -25.29 38.26 -1.33
CA VAL D 100 -25.99 39.56 -1.38
C VAL D 100 -27.47 39.36 -1.74
N ILE D 101 -27.74 38.54 -2.76
CA ILE D 101 -29.12 38.23 -3.19
C ILE D 101 -29.90 37.56 -2.06
N PHE D 102 -29.25 36.56 -1.45
CA PHE D 102 -29.81 35.90 -0.25
C PHE D 102 -30.07 36.90 0.87
N GLY D 103 -29.14 37.84 1.06
CA GLY D 103 -29.31 38.96 1.99
C GLY D 103 -30.59 39.76 1.78
N HIS D 104 -30.81 40.18 0.54
CA HIS D 104 -31.98 41.02 0.23
C HIS D 104 -33.30 40.26 0.22
N LEU D 105 -33.26 38.99 -0.15
CA LEU D 105 -34.47 38.16 -0.13
C LEU D 105 -35.02 37.99 1.28
N ALA D 106 -34.13 37.84 2.25
CA ALA D 106 -34.52 37.69 3.66
C ALA D 106 -34.89 39.03 4.29
N ALA D 107 -33.97 39.99 4.22
CA ALA D 107 -34.04 41.22 5.02
C ALA D 107 -34.94 42.30 4.41
N SER D 108 -34.70 42.64 3.14
CA SER D 108 -35.42 43.73 2.48
C SER D 108 -36.92 43.43 2.34
N ARG D 109 -37.72 44.50 2.35
CA ARG D 109 -39.17 44.39 2.20
C ARG D 109 -39.68 44.94 0.86
N LEU D 110 -38.78 45.09 -0.11
CA LEU D 110 -39.16 45.48 -1.48
C LEU D 110 -39.89 44.32 -2.18
N GLN D 111 -40.66 44.65 -3.22
CA GLN D 111 -41.46 43.64 -3.94
C GLN D 111 -40.60 42.69 -4.79
N TYR D 112 -39.45 43.21 -5.24
CA TYR D 112 -38.43 42.40 -5.90
C TYR D 112 -37.04 43.04 -5.76
N TYR D 113 -36.01 42.20 -5.79
CA TYR D 113 -34.61 42.65 -5.82
C TYR D 113 -34.08 42.62 -7.25
N VAL D 114 -33.16 43.52 -7.56
CA VAL D 114 -32.43 43.52 -8.83
C VAL D 114 -30.99 43.08 -8.54
N PRO D 115 -30.57 41.91 -9.07
CA PRO D 115 -29.22 41.38 -8.85
C PRO D 115 -28.22 41.80 -9.94
N ARG D 116 -27.91 43.10 -9.98
CA ARG D 116 -27.01 43.68 -10.99
C ARG D 116 -25.58 43.11 -10.94
N GLY D 117 -25.07 42.90 -9.73
CA GLY D 117 -23.70 42.44 -9.53
C GLY D 117 -23.50 41.00 -9.97
N PHE D 118 -24.46 40.16 -9.59
CA PHE D 118 -24.51 38.76 -10.03
C PHE D 118 -24.58 38.63 -11.55
N TRP D 119 -25.35 39.49 -12.19
CA TRP D 119 -25.40 39.51 -13.64
C TRP D 119 -24.04 39.84 -14.22
N LYS D 120 -23.43 40.90 -13.69
CA LYS D 120 -22.09 41.32 -14.12
C LYS D 120 -21.06 40.23 -13.86
N GLN D 121 -21.16 39.59 -12.70
CA GLN D 121 -20.16 38.61 -12.29
C GLN D 121 -20.31 37.30 -13.06
N PHE D 122 -21.51 36.75 -13.09
CA PHE D 122 -21.70 35.37 -13.50
C PHE D 122 -21.36 35.10 -14.96
N ARG D 123 -20.60 34.03 -15.16
CA ARG D 123 -20.21 33.53 -16.46
C ARG D 123 -20.61 32.06 -16.55
N LEU D 124 -20.95 31.60 -17.75
CA LEU D 124 -21.44 30.23 -17.96
C LEU D 124 -20.44 29.45 -18.80
N TRP D 125 -19.67 28.59 -18.13
CA TRP D 125 -18.61 27.79 -18.75
C TRP D 125 -17.51 28.65 -19.42
N GLY D 126 -17.06 29.67 -18.70
CA GLY D 126 -16.02 30.58 -19.18
C GLY D 126 -16.56 31.83 -19.86
N GLU D 127 -17.40 31.63 -20.88
CA GLU D 127 -18.00 32.72 -21.69
C GLU D 127 -18.86 33.70 -20.89
N PRO D 128 -19.09 34.91 -21.44
CA PRO D 128 -19.89 35.91 -20.74
C PRO D 128 -21.38 35.72 -21.06
N VAL D 129 -22.24 35.96 -20.07
CA VAL D 129 -23.67 35.76 -20.24
C VAL D 129 -24.27 36.92 -21.01
N ASN D 130 -25.01 36.60 -22.06
CA ASN D 130 -25.90 37.53 -22.70
C ASN D 130 -27.23 37.49 -21.94
N LEU D 131 -27.56 38.59 -21.25
CA LEU D 131 -28.76 38.65 -20.39
C LEU D 131 -30.11 38.53 -21.12
N ARG D 132 -30.11 38.66 -22.46
CA ARG D 132 -31.30 38.48 -23.27
C ARG D 132 -31.41 37.08 -23.90
N GLU D 133 -30.38 36.25 -23.74
CA GLU D 133 -30.38 34.87 -24.25
C GLU D 133 -30.94 33.91 -23.18
N GLN D 134 -31.95 33.13 -23.56
CA GLN D 134 -32.47 32.05 -22.69
C GLN D 134 -31.44 30.90 -22.58
N HIS D 135 -31.46 30.20 -21.45
CA HIS D 135 -30.53 29.09 -21.19
C HIS D 135 -31.24 27.94 -20.50
N ASP D 136 -30.61 26.77 -20.49
CA ASP D 136 -31.11 25.62 -19.74
C ASP D 136 -30.90 25.91 -18.25
N ALA D 137 -31.99 25.95 -17.51
CA ALA D 137 -31.96 26.15 -16.06
C ALA D 137 -31.09 25.13 -15.29
N LEU D 138 -31.00 23.90 -15.80
CA LEU D 138 -30.10 22.89 -15.21
C LEU D 138 -28.61 23.20 -15.43
N GLU D 139 -28.23 23.62 -16.63
CA GLU D 139 -26.88 24.14 -16.88
C GLU D 139 -26.53 25.22 -15.87
N PHE D 140 -27.47 26.13 -15.65
CA PHE D 140 -27.24 27.20 -14.74
C PHE D 140 -26.99 26.62 -13.37
N PHE D 141 -27.90 25.75 -12.93
CA PHE D 141 -27.78 25.08 -11.63
C PHE D 141 -26.43 24.39 -11.46
N ASN D 142 -25.97 23.64 -12.48
CA ASN D 142 -24.67 22.90 -12.41
C ASN D 142 -23.46 23.81 -12.29
N SER D 143 -23.42 24.83 -13.15
CA SER D 143 -22.38 25.86 -13.13
C SER D 143 -22.33 26.65 -11.80
N LEU D 144 -23.50 26.88 -11.21
CA LEU D 144 -23.60 27.59 -9.94
C LEU D 144 -23.10 26.74 -8.78
N VAL D 145 -23.63 25.53 -8.62
CA VAL D 145 -23.17 24.66 -7.51
C VAL D 145 -21.67 24.32 -7.61
N ASP D 146 -21.14 24.12 -8.82
CA ASP D 146 -19.69 23.93 -9.00
C ASP D 146 -18.92 25.11 -8.39
N SER D 147 -19.23 26.31 -8.89
CA SER D 147 -18.58 27.57 -8.47
C SER D 147 -18.59 27.81 -6.95
N LEU D 148 -19.74 27.54 -6.34
CA LEU D 148 -19.93 27.76 -4.91
C LEU D 148 -19.09 26.80 -4.06
N ASP D 149 -19.03 25.53 -4.48
CA ASP D 149 -18.15 24.52 -3.85
C ASP D 149 -16.67 24.77 -4.11
N GLU D 150 -16.33 25.21 -5.32
CA GLU D 150 -14.96 25.62 -5.64
C GLU D 150 -14.55 26.80 -4.77
N ALA D 151 -15.45 27.76 -4.61
CA ALA D 151 -15.20 28.95 -3.78
C ALA D 151 -14.98 28.59 -2.30
N LEU D 152 -15.84 27.72 -1.77
CA LEU D 152 -15.72 27.27 -0.38
C LEU D 152 -14.42 26.51 -0.12
N LYS D 153 -14.14 25.48 -0.93
CA LYS D 153 -12.94 24.65 -0.79
C LYS D 153 -11.66 25.50 -0.70
N ALA D 154 -11.56 26.50 -1.58
CA ALA D 154 -10.44 27.46 -1.56
C ALA D 154 -10.41 28.29 -0.27
N LEU D 155 -11.59 28.75 0.16
CA LEU D 155 -11.74 29.51 1.42
C LEU D 155 -11.62 28.67 2.70
N GLY D 156 -11.34 27.37 2.61
CA GLY D 156 -11.12 26.53 3.79
C GLY D 156 -12.31 25.67 4.18
N HIS D 157 -13.52 26.20 4.00
CA HIS D 157 -14.78 25.48 4.28
C HIS D 157 -14.93 24.19 3.45
N PRO D 158 -15.76 23.22 3.93
CA PRO D 158 -16.02 22.02 3.13
C PRO D 158 -17.10 22.29 2.09
N ALA D 159 -17.11 21.49 1.03
CA ALA D 159 -18.10 21.62 -0.05
C ALA D 159 -19.52 21.41 0.50
N MET D 160 -20.28 22.49 0.62
CA MET D 160 -21.60 22.44 1.26
C MET D 160 -22.68 21.91 0.34
N LEU D 161 -22.73 22.44 -0.88
CA LEU D 161 -23.80 22.09 -1.83
C LEU D 161 -23.71 20.65 -2.28
N SER D 162 -22.49 20.19 -2.52
CA SER D 162 -22.19 18.78 -2.71
C SER D 162 -22.73 17.95 -1.52
N LYS D 163 -22.48 18.41 -0.29
CA LYS D 163 -23.01 17.74 0.90
C LYS D 163 -24.54 17.67 0.89
N VAL D 164 -25.20 18.79 0.61
CA VAL D 164 -26.67 18.89 0.65
C VAL D 164 -27.39 18.20 -0.53
N LEU D 165 -26.85 18.37 -1.74
CA LEU D 165 -27.46 17.86 -2.98
C LEU D 165 -26.83 16.59 -3.58
N GLY D 166 -25.66 16.20 -3.08
CA GLY D 166 -24.87 15.14 -3.69
C GLY D 166 -25.30 13.75 -3.25
N GLY D 167 -25.48 12.88 -4.22
CA GLY D 167 -25.62 11.45 -3.97
C GLY D 167 -24.59 10.68 -4.78
N SER D 168 -24.70 9.37 -4.74
CA SER D 168 -23.88 8.53 -5.60
C SER D 168 -24.65 7.33 -6.10
N PHE D 169 -24.11 6.72 -7.14
CA PHE D 169 -24.62 5.47 -7.67
C PHE D 169 -23.58 4.39 -7.48
N ALA D 170 -24.03 3.20 -7.10
CA ALA D 170 -23.29 1.98 -7.37
C ALA D 170 -23.63 1.54 -8.80
N ASP D 171 -22.68 1.76 -9.71
CA ASP D 171 -22.78 1.30 -11.09
C ASP D 171 -22.40 -0.18 -11.12
N GLN D 172 -23.41 -1.04 -11.15
CA GLN D 172 -23.24 -2.50 -11.05
C GLN D 172 -23.33 -3.18 -12.40
N LYS D 173 -22.42 -4.14 -12.63
CA LYS D 173 -22.49 -5.04 -13.78
C LYS D 173 -22.53 -6.45 -13.24
N ILE D 174 -23.62 -7.17 -13.50
CA ILE D 174 -23.81 -8.52 -13.01
C ILE D 174 -23.78 -9.47 -14.20
N CYS D 175 -22.68 -10.20 -14.33
CA CYS D 175 -22.47 -11.14 -15.42
C CYS D 175 -23.36 -12.37 -15.23
N GLN D 176 -24.08 -12.76 -16.28
CA GLN D 176 -24.98 -13.91 -16.21
C GLN D 176 -24.37 -15.18 -16.75
N GLY D 177 -23.38 -15.05 -17.64
CA GLY D 177 -22.67 -16.18 -18.24
C GLY D 177 -21.34 -16.50 -17.58
N CYS D 178 -21.03 -15.85 -16.47
CA CYS D 178 -19.81 -16.09 -15.67
C CYS D 178 -20.08 -15.56 -14.26
N PRO D 179 -19.21 -15.89 -13.28
CA PRO D 179 -19.50 -15.54 -11.90
C PRO D 179 -19.03 -14.17 -11.43
N HIS D 180 -18.53 -13.34 -12.33
CA HIS D 180 -18.00 -12.05 -11.92
C HIS D 180 -19.07 -11.00 -11.74
N ARG D 181 -18.76 -10.02 -10.90
CA ARG D 181 -19.54 -8.80 -10.72
C ARG D 181 -18.55 -7.64 -10.57
N TYR D 182 -18.91 -6.50 -11.13
CA TYR D 182 -18.07 -5.31 -11.04
C TYR D 182 -18.92 -4.14 -10.57
N GLU D 183 -18.42 -3.35 -9.62
CA GLU D 183 -19.12 -2.18 -9.14
C GLU D 183 -18.16 -1.03 -9.04
N CYS D 184 -18.54 0.13 -9.59
CA CYS D 184 -17.86 1.39 -9.30
C CYS D 184 -18.86 2.45 -8.86
N GLU D 185 -18.35 3.52 -8.26
CA GLU D 185 -19.14 4.57 -7.64
C GLU D 185 -19.11 5.83 -8.50
N GLU D 186 -20.27 6.26 -8.97
CA GLU D 186 -20.41 7.52 -9.70
C GLU D 186 -21.23 8.48 -8.84
N SER D 187 -21.01 9.79 -8.99
CA SER D 187 -21.69 10.79 -8.17
C SER D 187 -22.68 11.57 -9.01
N PHE D 188 -23.65 12.19 -8.36
CA PHE D 188 -24.68 12.97 -9.03
C PHE D 188 -25.17 14.10 -8.15
N THR D 189 -25.59 15.19 -8.79
CA THR D 189 -26.25 16.32 -8.15
C THR D 189 -27.75 16.31 -8.47
N THR D 190 -28.11 16.02 -9.72
CA THR D 190 -29.49 15.71 -10.08
C THR D 190 -29.66 14.28 -10.59
N LEU D 191 -30.85 13.74 -10.38
CA LEU D 191 -31.23 12.44 -10.90
C LEU D 191 -32.04 12.68 -12.18
N ASN D 192 -31.60 12.15 -13.31
CA ASN D 192 -32.23 12.46 -14.59
C ASN D 192 -33.12 11.33 -15.09
N VAL D 193 -34.44 11.53 -15.05
CA VAL D 193 -35.39 10.45 -15.35
C VAL D 193 -36.08 10.58 -16.72
N ASP D 194 -36.37 9.43 -17.34
CA ASP D 194 -37.01 9.36 -18.64
C ASP D 194 -38.49 9.73 -18.50
N ILE D 195 -38.96 10.56 -19.44
CA ILE D 195 -40.34 11.06 -19.48
C ILE D 195 -41.11 10.53 -20.68
N ARG D 196 -40.41 10.24 -21.77
CA ARG D 196 -41.07 9.89 -23.03
C ARG D 196 -41.67 8.48 -22.98
N ASN D 197 -41.01 7.57 -22.26
CA ASN D 197 -41.40 6.15 -22.15
C ASN D 197 -41.95 5.74 -20.79
N HIS D 198 -42.16 6.70 -19.89
CA HIS D 198 -42.77 6.43 -18.60
C HIS D 198 -43.78 7.52 -18.30
N GLN D 199 -44.79 7.16 -17.52
CA GLN D 199 -45.93 8.03 -17.23
C GLN D 199 -45.91 8.53 -15.79
N ASN D 200 -45.01 8.01 -14.95
CA ASN D 200 -44.88 8.47 -13.58
C ASN D 200 -43.51 8.20 -12.95
N LEU D 201 -43.18 9.00 -11.93
CA LEU D 201 -41.86 9.00 -11.31
C LEU D 201 -41.38 7.64 -10.83
N LEU D 202 -42.21 6.93 -10.05
CA LEU D 202 -41.84 5.61 -9.48
C LEU D 202 -41.37 4.60 -10.54
N ASP D 203 -42.11 4.51 -11.65
CA ASP D 203 -41.77 3.57 -12.73
C ASP D 203 -40.47 3.94 -13.43
N SER D 204 -40.18 5.24 -13.58
CA SER D 204 -38.94 5.67 -14.25
C SER D 204 -37.73 5.57 -13.33
N LEU D 205 -37.93 5.79 -12.04
CA LEU D 205 -36.90 5.46 -11.05
C LEU D 205 -36.59 3.98 -11.11
N GLU D 206 -37.63 3.15 -11.14
CA GLU D 206 -37.50 1.71 -11.32
C GLU D 206 -36.60 1.31 -12.49
N GLN D 207 -36.58 2.11 -13.55
CA GLN D 207 -35.75 1.84 -14.70
C GLN D 207 -34.25 1.82 -14.37
N TYR D 208 -33.79 2.72 -13.51
CA TYR D 208 -32.42 2.65 -12.99
C TYR D 208 -32.08 1.23 -12.48
N VAL D 209 -33.02 0.63 -11.75
CA VAL D 209 -32.83 -0.69 -11.15
C VAL D 209 -32.93 -1.83 -12.15
N LYS D 210 -33.92 -1.75 -13.05
CA LYS D 210 -34.09 -2.74 -14.09
C LYS D 210 -32.82 -2.86 -14.91
N GLY D 211 -32.27 -1.71 -15.29
CA GLY D 211 -31.00 -1.65 -15.98
C GLY D 211 -31.16 -2.04 -17.43
N ASP D 212 -30.02 -2.29 -18.07
CA ASP D 212 -29.96 -2.73 -19.45
C ASP D 212 -29.30 -4.11 -19.46
N LEU D 213 -29.80 -5.02 -20.28
CA LEU D 213 -29.12 -6.27 -20.54
C LEU D 213 -28.15 -6.07 -21.71
N LEU D 214 -26.85 -6.21 -21.44
CA LEU D 214 -25.84 -6.14 -22.49
C LEU D 214 -25.67 -7.57 -22.99
N GLU D 215 -26.25 -7.87 -24.16
CA GLU D 215 -26.40 -9.25 -24.64
C GLU D 215 -25.96 -9.46 -26.08
N GLY D 216 -25.91 -10.73 -26.46
CA GLY D 216 -25.60 -11.17 -27.84
C GLY D 216 -24.32 -10.58 -28.40
N ALA D 217 -24.44 -9.95 -29.57
CA ALA D 217 -23.31 -9.29 -30.23
C ALA D 217 -22.85 -8.02 -29.50
N ASN D 218 -23.77 -7.41 -28.73
CA ASN D 218 -23.47 -6.23 -27.93
C ASN D 218 -23.06 -6.57 -26.47
N ALA D 219 -22.63 -7.82 -26.25
CA ALA D 219 -22.38 -8.30 -24.88
C ALA D 219 -21.18 -7.63 -24.23
N TYR D 220 -21.11 -7.77 -22.91
CA TYR D 220 -20.09 -7.14 -22.09
C TYR D 220 -18.80 -7.96 -22.08
N HIS D 221 -17.66 -7.30 -22.24
N HIS D 221 -17.65 -7.29 -22.21
CA HIS D 221 -16.38 -7.99 -22.10
CA HIS D 221 -16.35 -7.94 -22.10
C HIS D 221 -16.03 -8.15 -20.62
C HIS D 221 -15.99 -8.14 -20.63
N CYS D 222 -16.06 -9.39 -20.14
CA CYS D 222 -15.54 -9.69 -18.79
C CYS D 222 -14.03 -9.73 -18.90
N GLU D 223 -13.39 -8.83 -18.17
CA GLU D 223 -11.95 -8.63 -18.24
C GLU D 223 -11.19 -9.82 -17.70
N LYS D 224 -11.77 -10.53 -16.73
CA LYS D 224 -11.12 -11.67 -16.07
C LYS D 224 -11.26 -12.90 -16.93
N CYS D 225 -12.48 -13.21 -17.35
CA CYS D 225 -12.71 -14.32 -18.23
C CYS D 225 -12.15 -14.11 -19.65
N ASN D 226 -11.87 -12.87 -20.04
CA ASN D 226 -11.39 -12.59 -21.41
C ASN D 226 -12.34 -13.03 -22.53
N LYS D 227 -13.62 -12.68 -22.39
CA LYS D 227 -14.65 -12.98 -23.38
C LYS D 227 -15.89 -12.11 -23.15
N LYS D 228 -16.79 -12.12 -24.12
CA LYS D 228 -18.09 -11.45 -24.04
C LYS D 228 -19.03 -12.36 -23.24
N VAL D 229 -19.75 -11.77 -22.27
CA VAL D 229 -20.74 -12.51 -21.47
C VAL D 229 -22.00 -11.66 -21.30
N ASP D 230 -23.16 -12.30 -21.28
CA ASP D 230 -24.42 -11.60 -21.09
C ASP D 230 -24.44 -11.01 -19.69
N THR D 231 -24.73 -9.71 -19.62
CA THR D 231 -24.59 -8.96 -18.39
C THR D 231 -25.71 -7.94 -18.18
N VAL D 232 -26.21 -7.85 -16.95
CA VAL D 232 -27.08 -6.75 -16.56
C VAL D 232 -26.23 -5.58 -16.04
N LYS D 233 -26.37 -4.43 -16.68
CA LYS D 233 -25.79 -3.18 -16.21
C LYS D 233 -26.92 -2.37 -15.58
N ARG D 234 -26.77 -2.01 -14.31
CA ARG D 234 -27.78 -1.22 -13.60
C ARG D 234 -27.12 -0.18 -12.69
N LEU D 235 -27.91 0.82 -12.31
CA LEU D 235 -27.52 1.86 -11.36
C LEU D 235 -28.42 1.81 -10.14
N LEU D 236 -27.84 1.52 -8.98
CA LEU D 236 -28.52 1.65 -7.71
C LEU D 236 -27.97 2.88 -7.05
N ILE D 237 -28.76 3.48 -6.17
CA ILE D 237 -28.40 4.69 -5.45
C ILE D 237 -27.66 4.27 -4.17
N LYS D 238 -26.38 4.62 -4.12
CA LYS D 238 -25.51 4.28 -2.98
C LYS D 238 -25.70 5.29 -1.85
N LYS D 239 -25.58 6.57 -2.18
CA LYS D 239 -25.80 7.67 -1.21
C LYS D 239 -27.01 8.52 -1.59
N LEU D 240 -27.86 8.77 -0.62
CA LEU D 240 -29.03 9.62 -0.77
C LEU D 240 -28.77 11.01 -0.16
N PRO D 241 -29.04 12.09 -0.91
CA PRO D 241 -28.81 13.45 -0.43
C PRO D 241 -29.96 13.99 0.43
N PRO D 242 -29.67 14.88 1.39
CA PRO D 242 -30.77 15.53 2.14
C PRO D 242 -31.81 16.21 1.25
N VAL D 243 -31.35 16.85 0.17
CA VAL D 243 -32.24 17.39 -0.86
C VAL D 243 -31.96 16.66 -2.15
N LEU D 244 -32.98 16.00 -2.68
CA LEU D 244 -32.89 15.29 -3.93
C LEU D 244 -33.51 16.12 -5.04
N ALA D 245 -32.72 16.46 -6.05
CA ALA D 245 -33.15 17.24 -7.22
C ALA D 245 -33.26 16.33 -8.44
N ILE D 246 -34.39 16.39 -9.14
CA ILE D 246 -34.68 15.41 -10.18
C ILE D 246 -35.04 16.12 -11.47
N GLN D 247 -34.43 15.70 -12.57
CA GLN D 247 -34.65 16.28 -13.89
C GLN D 247 -35.62 15.42 -14.68
N LEU D 248 -36.63 16.06 -15.26
CA LEU D 248 -37.50 15.39 -16.20
C LEU D 248 -36.91 15.70 -17.56
N LYS D 249 -36.51 14.66 -18.29
CA LYS D 249 -35.80 14.83 -19.56
C LYS D 249 -36.77 15.22 -20.69
N ARG D 250 -37.20 16.48 -20.64
CA ARG D 250 -38.17 17.01 -21.60
C ARG D 250 -37.53 17.58 -22.86
N PHE D 251 -36.24 17.90 -22.83
CA PHE D 251 -35.58 18.57 -23.97
C PHE D 251 -34.65 17.68 -24.77
N ASP D 252 -34.63 17.89 -26.08
CA ASP D 252 -33.80 17.11 -27.01
C ASP D 252 -33.69 17.91 -28.33
N TYR D 253 -32.99 17.37 -29.32
CA TYR D 253 -32.83 18.02 -30.61
C TYR D 253 -33.63 17.28 -31.69
N ASP D 254 -34.17 18.02 -32.65
CA ASP D 254 -34.79 17.47 -33.87
C ASP D 254 -33.88 17.81 -35.03
N TRP D 255 -33.27 16.79 -35.61
CA TRP D 255 -32.31 16.98 -36.71
C TRP D 255 -32.98 17.52 -37.98
N GLU D 256 -34.19 17.02 -38.30
CA GLU D 256 -34.98 17.51 -39.43
C GLU D 256 -35.21 19.03 -39.40
N ARG D 257 -35.67 19.55 -38.27
CA ARG D 257 -36.00 20.98 -38.14
C ARG D 257 -34.80 21.87 -37.74
N GLU D 258 -33.65 21.26 -37.42
CA GLU D 258 -32.45 21.99 -36.98
C GLU D 258 -32.64 22.78 -35.68
N CYS D 259 -33.49 22.29 -34.79
CA CYS D 259 -33.79 23.02 -33.56
C CYS D 259 -34.06 22.11 -32.36
N ALA D 260 -34.01 22.70 -31.17
CA ALA D 260 -34.31 21.98 -29.93
C ALA D 260 -35.81 21.71 -29.86
N ILE D 261 -36.14 20.57 -29.26
CA ILE D 261 -37.51 20.09 -29.14
C ILE D 261 -37.84 20.04 -27.66
N LYS D 262 -39.10 20.24 -27.36
CA LYS D 262 -39.63 19.95 -26.04
C LYS D 262 -40.66 18.83 -26.14
N PHE D 263 -40.52 17.85 -25.25
CA PHE D 263 -41.52 16.81 -25.04
C PHE D 263 -42.38 17.18 -23.84
N ASN D 264 -43.65 17.49 -24.12
CA ASN D 264 -44.63 17.90 -23.11
C ASN D 264 -45.49 16.75 -22.58
N ASP D 265 -44.99 15.52 -22.72
CA ASP D 265 -45.72 14.31 -22.32
C ASP D 265 -46.18 14.37 -20.88
N TYR D 266 -47.27 13.65 -20.61
CA TYR D 266 -47.85 13.54 -19.27
C TYR D 266 -46.89 12.83 -18.34
N PHE D 267 -46.75 13.34 -17.14
CA PHE D 267 -45.81 12.75 -16.19
C PHE D 267 -46.09 13.17 -14.75
N GLU D 268 -46.55 12.21 -13.97
CA GLU D 268 -47.00 12.47 -12.61
C GLU D 268 -45.91 12.11 -11.60
N PHE D 269 -45.91 12.83 -10.50
CA PHE D 269 -44.93 12.66 -9.45
C PHE D 269 -45.62 12.91 -8.10
N PRO D 270 -45.27 12.11 -7.07
CA PRO D 270 -45.98 12.20 -5.83
C PRO D 270 -45.42 13.29 -4.91
N ARG D 271 -46.26 13.71 -3.95
CA ARG D 271 -45.84 14.64 -2.90
C ARG D 271 -44.94 13.93 -1.88
N GLU D 272 -45.11 12.63 -1.72
CA GLU D 272 -44.31 11.80 -0.80
C GLU D 272 -43.57 10.75 -1.62
N LEU D 273 -42.27 10.62 -1.36
CA LEU D 273 -41.43 9.69 -2.13
C LEU D 273 -40.62 8.78 -1.21
N ASP D 274 -40.73 7.46 -1.43
CA ASP D 274 -39.87 6.48 -0.77
C ASP D 274 -38.80 6.02 -1.75
N MET D 275 -37.54 6.28 -1.40
CA MET D 275 -36.42 6.00 -2.30
C MET D 275 -35.75 4.66 -2.05
N GLU D 276 -36.20 3.94 -1.01
CA GLU D 276 -35.61 2.66 -0.63
C GLU D 276 -35.53 1.63 -1.76
N PRO D 277 -36.62 1.44 -2.53
CA PRO D 277 -36.54 0.40 -3.56
C PRO D 277 -35.46 0.64 -4.62
N TYR D 278 -34.95 1.86 -4.74
CA TYR D 278 -33.93 2.20 -5.73
C TYR D 278 -32.50 2.21 -5.17
N THR D 279 -32.32 1.84 -3.90
CA THR D 279 -31.01 1.91 -3.25
C THR D 279 -30.30 0.58 -3.21
N VAL D 280 -28.96 0.64 -3.19
CA VAL D 280 -28.09 -0.54 -3.02
C VAL D 280 -28.64 -1.47 -1.93
N ALA D 281 -28.93 -0.89 -0.76
CA ALA D 281 -29.38 -1.64 0.40
C ALA D 281 -30.80 -2.18 0.24
N GLY D 282 -31.67 -1.42 -0.42
CA GLY D 282 -33.06 -1.84 -0.62
C GLY D 282 -33.19 -2.99 -1.59
N VAL D 283 -32.40 -2.96 -2.65
CA VAL D 283 -32.35 -4.04 -3.63
C VAL D 283 -31.70 -5.30 -3.03
N ALA D 284 -30.68 -5.11 -2.19
CA ALA D 284 -29.97 -6.23 -1.55
C ALA D 284 -30.84 -6.94 -0.51
N LYS D 285 -31.51 -6.16 0.34
CA LYS D 285 -32.50 -6.70 1.29
C LYS D 285 -33.54 -7.52 0.55
N LEU D 286 -34.11 -6.92 -0.49
CA LEU D 286 -35.13 -7.55 -1.31
C LEU D 286 -34.63 -8.81 -2.04
N GLU D 287 -33.37 -8.83 -2.46
CA GLU D 287 -32.78 -10.00 -3.15
C GLU D 287 -31.73 -10.69 -2.29
N SER D 311 -32.80 8.23 6.80
CA SER D 311 -34.09 7.89 6.20
C SER D 311 -34.01 7.81 4.67
N THR D 312 -35.02 7.17 4.08
CA THR D 312 -35.16 7.01 2.64
C THR D 312 -36.51 7.56 2.16
N LYS D 313 -37.09 8.45 2.96
CA LYS D 313 -38.37 9.04 2.65
C LYS D 313 -38.15 10.53 2.37
N TYR D 314 -38.86 11.05 1.38
CA TYR D 314 -38.79 12.46 0.98
C TYR D 314 -40.18 13.08 0.82
N ARG D 315 -40.27 14.39 1.06
CA ARG D 315 -41.45 15.16 0.65
C ARG D 315 -41.09 16.19 -0.44
N LEU D 316 -42.04 16.40 -1.35
CA LEU D 316 -41.87 17.37 -2.42
C LEU D 316 -41.85 18.76 -1.80
N VAL D 317 -40.88 19.56 -2.18
CA VAL D 317 -40.77 20.93 -1.67
C VAL D 317 -40.66 22.01 -2.74
N GLY D 318 -40.32 21.64 -3.98
CA GLY D 318 -40.23 22.61 -5.07
C GLY D 318 -40.44 21.94 -6.41
N VAL D 319 -41.18 22.61 -7.29
CA VAL D 319 -41.30 22.24 -8.71
C VAL D 319 -40.82 23.43 -9.54
N LEU D 320 -39.73 23.24 -10.27
CA LEU D 320 -39.26 24.22 -11.22
C LEU D 320 -39.94 23.89 -12.54
N VAL D 321 -40.75 24.83 -13.01
CA VAL D 321 -41.60 24.66 -14.18
C VAL D 321 -40.94 25.37 -15.34
N HIS D 322 -41.16 24.85 -16.54
CA HIS D 322 -40.84 25.57 -17.76
C HIS D 322 -42.08 25.62 -18.65
N SER D 323 -42.28 26.78 -19.30
CA SER D 323 -43.46 27.02 -20.11
C SER D 323 -43.13 27.59 -21.48
N GLY D 324 -43.57 26.88 -22.51
CA GLY D 324 -43.51 27.38 -23.88
C GLY D 324 -42.59 26.56 -24.74
N GLN D 325 -41.87 27.25 -25.63
CA GLN D 325 -41.09 26.60 -26.67
C GLN D 325 -39.76 26.17 -26.06
N ALA D 326 -39.12 25.16 -26.67
CA ALA D 326 -37.84 24.61 -26.19
C ALA D 326 -36.71 25.63 -26.18
N SER D 327 -36.56 26.38 -27.27
CA SER D 327 -35.42 27.32 -27.42
C SER D 327 -35.60 28.57 -26.55
N GLY D 328 -36.82 29.09 -26.50
CA GLY D 328 -37.18 30.22 -25.63
C GLY D 328 -37.95 29.70 -24.43
N GLY D 329 -39.10 30.33 -24.16
CA GLY D 329 -39.99 29.91 -23.09
C GLY D 329 -39.61 30.54 -21.76
N HIS D 330 -40.31 30.11 -20.71
CA HIS D 330 -40.30 30.82 -19.45
C HIS D 330 -40.25 29.86 -18.26
N TYR D 331 -39.35 30.15 -17.30
CA TYR D 331 -39.19 29.39 -16.07
C TYR D 331 -39.78 30.09 -14.83
N TYR D 332 -40.47 29.34 -13.98
CA TYR D 332 -40.87 29.83 -12.65
C TYR D 332 -40.87 28.66 -11.66
N SER D 333 -40.87 28.98 -10.37
CA SER D 333 -40.76 27.97 -9.31
C SER D 333 -41.95 27.97 -8.35
N TYR D 334 -42.64 26.84 -8.25
CA TYR D 334 -43.60 26.57 -7.16
C TYR D 334 -42.80 26.05 -5.97
N ILE D 335 -42.97 26.64 -4.79
CA ILE D 335 -42.23 26.20 -3.58
C ILE D 335 -43.13 26.18 -2.34
N ILE D 336 -42.85 25.25 -1.43
CA ILE D 336 -43.51 25.15 -0.11
C ILE D 336 -42.87 26.11 0.91
N GLN D 337 -43.70 26.77 1.71
CA GLN D 337 -43.22 27.55 2.85
C GLN D 337 -43.18 26.68 4.11
C ARG D 345 -45.66 23.35 6.19
N ASN D 346 -45.75 24.33 5.30
CA ASN D 346 -46.86 25.29 5.32
C ASN D 346 -47.07 26.01 3.97
N ARG D 347 -47.97 25.49 3.14
CA ARG D 347 -48.51 26.15 1.92
C ARG D 347 -47.54 26.40 0.75
N TRP D 348 -48.11 26.44 -0.46
CA TRP D 348 -47.36 26.63 -1.71
C TRP D 348 -47.42 28.06 -2.23
N TYR D 349 -46.28 28.57 -2.69
CA TYR D 349 -46.21 29.89 -3.35
C TYR D 349 -45.54 29.79 -4.72
N LYS D 350 -46.03 30.58 -5.67
CA LYS D 350 -45.51 30.61 -7.04
C LYS D 350 -44.55 31.78 -7.17
N PHE D 351 -43.27 31.49 -7.38
CA PHE D 351 -42.23 32.49 -7.56
C PHE D 351 -41.99 32.67 -9.06
N ASP D 352 -42.53 33.75 -9.63
CA ASP D 352 -42.42 34.04 -11.06
C ASP D 352 -41.76 35.41 -11.28
N ASP D 353 -40.43 35.39 -11.36
CA ASP D 353 -39.60 36.59 -11.44
C ASP D 353 -39.95 37.58 -10.33
N GLY D 354 -40.56 38.72 -10.67
CA GLY D 354 -40.81 39.79 -9.71
C GLY D 354 -41.99 39.52 -8.78
N ASP D 355 -42.98 38.78 -9.25
CA ASP D 355 -44.22 38.57 -8.51
C ASP D 355 -44.24 37.20 -7.87
N VAL D 356 -44.58 37.16 -6.58
CA VAL D 356 -44.62 35.91 -5.79
C VAL D 356 -46.05 35.63 -5.29
N THR D 357 -46.99 35.47 -6.23
CA THR D 357 -48.40 35.20 -5.90
C THR D 357 -48.57 33.86 -5.18
N GLU D 358 -49.67 33.74 -4.43
CA GLU D 358 -50.06 32.47 -3.81
C GLU D 358 -50.70 31.59 -4.87
N CYS D 359 -50.83 30.29 -4.56
CA CYS D 359 -51.35 29.31 -5.52
C CYS D 359 -52.07 28.14 -4.85
N LYS D 360 -52.69 27.32 -5.68
CA LYS D 360 -53.54 26.22 -5.25
C LYS D 360 -52.84 24.87 -5.46
N MET D 361 -51.52 24.85 -5.30
CA MET D 361 -50.72 23.63 -5.51
C MET D 361 -50.94 22.56 -4.43
N ASP D 362 -51.40 22.98 -3.26
CA ASP D 362 -52.01 22.06 -2.28
C ASP D 362 -53.10 21.15 -2.87
N ASP D 363 -53.87 21.64 -3.84
CA ASP D 363 -54.91 20.88 -4.51
C ASP D 363 -54.28 19.98 -5.60
N ASP D 364 -54.81 18.77 -5.76
CA ASP D 364 -54.24 17.78 -6.68
C ASP D 364 -54.60 18.01 -8.14
N GLU D 365 -55.79 18.51 -8.43
CA GLU D 365 -56.12 18.84 -9.82
C GLU D 365 -55.31 20.04 -10.35
N GLU D 366 -54.96 21.00 -9.50
CA GLU D 366 -54.10 22.12 -9.92
C GLU D 366 -52.67 21.66 -10.18
N MET D 367 -52.10 20.93 -9.22
CA MET D 367 -50.83 20.20 -9.39
C MET D 367 -50.79 19.49 -10.74
N LYS D 368 -51.85 18.76 -11.05
CA LYS D 368 -51.94 18.02 -12.31
C LYS D 368 -51.98 18.95 -13.55
N ASN D 369 -52.79 20.00 -13.50
CA ASN D 369 -52.94 20.93 -14.61
C ASN D 369 -51.73 21.85 -14.82
N GLN D 370 -51.02 22.19 -13.73
CA GLN D 370 -49.86 23.08 -13.81
C GLN D 370 -48.52 22.35 -14.07
N CYS D 371 -48.33 21.14 -13.54
CA CYS D 371 -47.04 20.45 -13.58
C CYS D 371 -46.95 19.16 -14.42
N PHE D 372 -48.02 18.39 -14.51
CA PHE D 372 -47.93 17.05 -15.11
C PHE D 372 -47.88 17.00 -16.63
N GLY D 373 -48.24 18.08 -17.31
CA GLY D 373 -48.18 18.09 -18.79
C GLY D 373 -49.23 17.22 -19.45
N GLY D 374 -48.96 16.77 -20.65
CA GLY D 374 -49.87 15.87 -21.38
C GLY D 374 -50.83 16.61 -22.29
N GLU D 375 -51.52 15.86 -23.16
CA GLU D 375 -52.51 16.42 -24.06
C GLU D 375 -53.88 16.57 -23.39
N TYR D 376 -54.70 17.43 -23.98
CA TYR D 376 -56.12 17.52 -23.62
C TYR D 376 -56.93 18.07 -24.77
N MET D 377 -58.24 17.88 -24.68
CA MET D 377 -59.17 18.44 -25.67
C MET D 377 -59.54 19.86 -25.30
N GLY D 378 -59.00 20.79 -26.05
CA GLY D 378 -59.22 22.21 -25.82
C GLY D 378 -60.56 22.62 -26.36
N GLU D 379 -61.24 23.49 -25.63
CA GLU D 379 -62.56 23.96 -26.02
C GLU D 379 -62.42 25.44 -26.41
N VAL D 380 -62.28 25.68 -27.71
CA VAL D 380 -61.88 26.99 -28.21
C VAL D 380 -63.10 27.77 -28.67
N PHE D 381 -63.16 29.04 -28.28
CA PHE D 381 -64.27 29.90 -28.61
C PHE D 381 -63.76 31.07 -29.37
N ASP D 382 -64.34 31.29 -30.54
CA ASP D 382 -63.97 32.44 -31.37
C ASP D 382 -65.22 32.91 -32.13
N HIS D 383 -65.05 33.75 -33.16
CA HIS D 383 -66.17 34.36 -33.90
C HIS D 383 -67.16 35.07 -32.95
N MET D 384 -66.64 35.89 -32.04
CA MET D 384 -67.46 36.59 -31.01
C MET D 384 -68.33 35.64 -30.17
N MET D 385 -67.73 34.51 -29.76
CA MET D 385 -68.42 33.43 -29.01
C MET D 385 -69.49 32.67 -29.77
N LYS D 386 -69.46 32.72 -31.10
CA LYS D 386 -70.45 32.00 -31.93
C LYS D 386 -69.97 30.63 -32.40
N ARG D 387 -68.65 30.41 -32.44
CA ARG D 387 -68.11 29.09 -32.77
C ARG D 387 -67.40 28.43 -31.58
N MET D 388 -67.78 27.19 -31.29
CA MET D 388 -67.10 26.32 -30.35
C MET D 388 -66.47 25.24 -31.20
N SER D 389 -65.17 25.07 -31.09
CA SER D 389 -64.49 23.96 -31.75
C SER D 389 -63.61 23.23 -30.75
N TYR D 390 -63.55 21.90 -30.88
CA TYR D 390 -62.71 21.05 -30.05
C TYR D 390 -61.42 20.77 -30.79
N ARG D 391 -60.28 21.06 -30.17
CA ARG D 391 -58.96 20.78 -30.77
C ARG D 391 -58.04 20.14 -29.71
N ARG D 392 -57.27 19.13 -30.13
CA ARG D 392 -56.25 18.57 -29.26
C ARG D 392 -55.27 19.70 -28.96
N GLN D 393 -54.89 19.80 -27.69
CA GLN D 393 -53.94 20.79 -27.21
C GLN D 393 -52.89 20.09 -26.37
N LYS D 394 -51.68 20.63 -26.37
CA LYS D 394 -50.63 20.20 -25.45
C LYS D 394 -50.57 21.18 -24.28
N ARG D 395 -50.34 20.65 -23.08
CA ARG D 395 -49.94 21.49 -21.94
C ARG D 395 -48.45 21.75 -22.03
N TRP D 396 -48.08 22.88 -22.63
CA TRP D 396 -46.64 23.25 -22.78
C TRP D 396 -46.01 23.87 -21.53
N TRP D 397 -46.79 23.99 -20.47
CA TRP D 397 -46.33 24.41 -19.15
C TRP D 397 -46.26 23.10 -18.37
N ASN D 398 -45.12 22.82 -17.75
CA ASN D 398 -44.95 21.56 -17.00
C ASN D 398 -43.65 21.51 -16.20
N ALA D 399 -43.60 20.56 -15.27
CA ALA D 399 -42.47 20.40 -14.39
C ALA D 399 -41.23 20.03 -15.19
N TYR D 400 -40.13 20.71 -14.87
CA TYR D 400 -38.80 20.39 -15.39
C TYR D 400 -37.91 19.77 -14.31
N ILE D 401 -37.88 20.38 -13.14
CA ILE D 401 -37.00 19.95 -12.06
C ILE D 401 -37.76 19.90 -10.75
N LEU D 402 -37.82 18.71 -10.16
CA LEU D 402 -38.49 18.48 -8.89
C LEU D 402 -37.44 18.53 -7.79
N PHE D 403 -37.80 19.14 -6.67
CA PHE D 403 -36.94 19.17 -5.50
C PHE D 403 -37.67 18.48 -4.36
N TYR D 404 -37.05 17.44 -3.83
CA TYR D 404 -37.57 16.63 -2.75
C TYR D 404 -36.62 16.77 -1.57
N GLU D 405 -37.17 16.83 -0.37
CA GLU D 405 -36.39 16.95 0.87
C GLU D 405 -36.56 15.71 1.75
N ARG D 406 -35.45 15.23 2.32
CA ARG D 406 -35.44 14.00 3.12
C ARG D 406 -36.06 14.24 4.50
N MET D 407 -37.00 13.37 4.90
CA MET D 407 -37.93 13.65 6.04
C MET D 407 -37.24 14.26 7.25
N ASP D 408 -36.20 13.58 7.72
CA ASP D 408 -35.32 14.15 8.75
C ASP D 408 -34.63 15.40 8.21
ZN ZN E . 32.98 -8.28 11.20
ZN ZN F . 2.97 0.46 25.85
ZN ZN G . -20.03 20.37 -21.33
UNK UNX H . -14.67 23.44 -28.03
ZN ZN I . -16.03 -13.42 -15.96
#